data_2MBM
#
_entry.id   2MBM
#
_entity_poly.entity_id   1
_entity_poly.type   'polypeptide(L)'
_entity_poly.pdbx_seq_one_letter_code
;MSGKKVEVQVKITCNGKTYERTYQLYAVRDEELKEKLKKVLNERMDPIKKLGCKRVRISIRVKHSDAAEEKKEAKKFAAI
LNKVFAELGYNDSNVTWDGDTVTVEGQLEGVDLEHHHHHH
;
_entity_poly.pdbx_strand_id   A
#
# COMPACT_ATOMS: atom_id res chain seq x y z
N MET A 1 8.59 -15.85 19.26
CA MET A 1 8.34 -15.94 17.81
C MET A 1 7.91 -14.56 17.26
N SER A 2 6.71 -14.51 16.68
CA SER A 2 6.28 -13.43 15.78
C SER A 2 6.11 -12.14 16.61
N GLY A 3 6.09 -10.99 15.91
CA GLY A 3 6.05 -9.68 16.54
C GLY A 3 4.62 -9.18 16.62
N LYS A 4 4.48 -7.86 16.74
CA LYS A 4 3.16 -7.18 16.81
C LYS A 4 2.38 -7.34 15.50
N LYS A 5 1.06 -7.23 15.61
CA LYS A 5 0.12 -7.28 14.49
C LYS A 5 -0.15 -5.82 14.09
N VAL A 6 -0.24 -5.57 12.79
CA VAL A 6 -0.69 -4.28 12.24
C VAL A 6 -1.91 -4.51 11.36
N GLU A 7 -2.86 -3.57 11.41
CA GLU A 7 -4.00 -3.55 10.52
C GLU A 7 -3.76 -2.43 9.49
N VAL A 8 -3.85 -2.81 8.22
CA VAL A 8 -3.56 -1.97 7.06
C VAL A 8 -4.84 -1.86 6.21
N GLN A 9 -5.34 -0.63 6.05
CA GLN A 9 -6.54 -0.36 5.25
C GLN A 9 -6.07 0.27 3.93
N VAL A 10 -6.36 -0.39 2.81
CA VAL A 10 -5.94 0.07 1.47
C VAL A 10 -7.19 0.49 0.70
N LYS A 11 -7.22 1.77 0.30
CA LYS A 11 -8.31 2.37 -0.44
C LYS A 11 -7.76 2.88 -1.78
N ILE A 12 -8.26 2.34 -2.89
CA ILE A 12 -7.82 2.75 -4.24
C ILE A 12 -9.03 3.17 -5.07
N THR A 13 -8.95 4.33 -5.73
CA THR A 13 -10.00 4.85 -6.61
C THR A 13 -9.51 4.87 -8.07
N CYS A 14 -10.32 4.24 -8.95
CA CYS A 14 -10.12 4.25 -10.41
C CYS A 14 -11.46 4.52 -11.13
N ASN A 15 -11.43 5.43 -12.14
CA ASN A 15 -12.62 5.84 -12.95
C ASN A 15 -13.78 6.35 -12.07
N GLY A 16 -13.44 6.81 -10.84
CA GLY A 16 -14.43 7.29 -9.88
C GLY A 16 -15.04 6.17 -9.05
N LYS A 17 -14.47 4.97 -9.16
CA LYS A 17 -14.92 3.77 -8.43
C LYS A 17 -13.86 3.37 -7.40
N THR A 18 -14.30 3.16 -6.16
CA THR A 18 -13.41 2.92 -5.02
C THR A 18 -13.43 1.43 -4.62
N TYR A 19 -12.25 0.83 -4.53
CA TYR A 19 -12.03 -0.52 -3.99
C TYR A 19 -11.25 -0.38 -2.68
N GLU A 20 -11.86 -0.80 -1.57
CA GLU A 20 -11.24 -0.68 -0.23
C GLU A 20 -11.46 -1.93 0.63
N ARG A 21 -10.43 -2.27 1.42
CA ARG A 21 -10.45 -3.41 2.35
C ARG A 21 -9.38 -3.21 3.44
N THR A 22 -9.71 -3.60 4.68
CA THR A 22 -8.79 -3.62 5.82
C THR A 22 -8.20 -5.04 5.96
N TYR A 23 -6.87 -5.12 6.10
CA TYR A 23 -6.13 -6.39 6.18
C TYR A 23 -5.44 -6.48 7.54
N GLN A 24 -5.30 -7.71 8.07
CA GLN A 24 -4.53 -7.97 9.28
C GLN A 24 -3.22 -8.63 8.86
N LEU A 25 -2.09 -7.96 9.13
CA LEU A 25 -0.74 -8.45 8.80
C LEU A 25 0.01 -8.82 10.09
N TYR A 26 0.23 -10.12 10.30
CA TYR A 26 0.97 -10.64 11.46
C TYR A 26 2.24 -11.35 10.99
N ALA A 27 3.41 -10.82 11.39
CA ALA A 27 4.72 -11.20 10.83
C ALA A 27 5.73 -11.33 11.95
N VAL A 28 6.78 -12.13 11.70
CA VAL A 28 7.89 -12.30 12.65
C VAL A 28 8.95 -11.22 12.37
N ARG A 29 9.38 -11.13 11.10
CA ARG A 29 10.40 -10.17 10.65
C ARG A 29 9.75 -8.96 9.93
N ASP A 30 10.50 -7.85 9.95
CA ASP A 30 10.16 -6.59 9.24
C ASP A 30 10.06 -6.84 7.73
N GLU A 31 11.00 -7.68 7.24
CA GLU A 31 11.10 -8.14 5.85
C GLU A 31 9.85 -8.97 5.43
N GLU A 32 9.33 -9.77 6.37
CA GLU A 32 8.12 -10.58 6.16
C GLU A 32 6.86 -9.69 6.04
N LEU A 33 6.78 -8.67 6.89
CA LEU A 33 5.69 -7.68 6.86
C LEU A 33 5.74 -6.89 5.52
N LYS A 34 6.96 -6.54 5.05
CA LYS A 34 7.17 -5.79 3.79
C LYS A 34 6.59 -6.52 2.57
N GLU A 35 6.94 -7.82 2.44
CA GLU A 35 6.45 -8.69 1.35
C GLU A 35 4.94 -9.00 1.48
N LYS A 36 4.43 -8.95 2.72
CA LYS A 36 2.99 -9.05 3.01
C LYS A 36 2.24 -7.82 2.47
N LEU A 37 2.84 -6.64 2.70
CA LEU A 37 2.35 -5.35 2.18
C LEU A 37 2.33 -5.35 0.64
N LYS A 38 3.39 -5.93 0.03
CA LYS A 38 3.50 -6.13 -1.42
C LYS A 38 2.36 -6.99 -1.97
N LYS A 39 2.05 -8.10 -1.25
CA LYS A 39 0.98 -9.03 -1.67
C LYS A 39 -0.39 -8.33 -1.62
N VAL A 40 -0.65 -7.58 -0.52
CA VAL A 40 -1.87 -6.78 -0.33
C VAL A 40 -2.04 -5.70 -1.42
N LEU A 41 -0.94 -4.97 -1.71
CA LEU A 41 -0.91 -3.91 -2.73
C LEU A 41 -1.18 -4.52 -4.13
N ASN A 42 -0.52 -5.65 -4.44
CA ASN A 42 -0.75 -6.39 -5.71
C ASN A 42 -2.20 -6.90 -5.83
N GLU A 43 -2.76 -7.38 -4.70
CA GLU A 43 -4.13 -7.90 -4.63
C GLU A 43 -5.15 -6.82 -5.00
N ARG A 44 -4.92 -5.59 -4.48
CA ARG A 44 -5.81 -4.44 -4.77
C ARG A 44 -5.59 -3.90 -6.20
N MET A 45 -4.42 -4.19 -6.78
CA MET A 45 -4.05 -3.75 -8.13
C MET A 45 -4.37 -4.81 -9.20
N ASP A 46 -4.64 -6.06 -8.77
CA ASP A 46 -4.98 -7.17 -9.69
C ASP A 46 -6.18 -6.84 -10.63
N PRO A 47 -7.40 -6.45 -10.10
CA PRO A 47 -8.56 -6.09 -10.98
C PRO A 47 -8.35 -4.72 -11.66
N ILE A 48 -7.40 -3.92 -11.11
CA ILE A 48 -7.14 -2.53 -11.55
C ILE A 48 -6.24 -2.53 -12.82
N LYS A 49 -5.38 -3.55 -12.95
CA LYS A 49 -4.51 -3.75 -14.14
C LYS A 49 -5.36 -4.28 -15.31
N LYS A 50 -6.37 -5.10 -14.97
CA LYS A 50 -7.40 -5.58 -15.92
C LYS A 50 -8.25 -4.40 -16.44
N LEU A 51 -8.28 -3.29 -15.68
CA LEU A 51 -9.03 -2.08 -16.06
C LEU A 51 -8.11 -1.13 -16.86
N GLY A 52 -6.79 -1.23 -16.58
CA GLY A 52 -5.78 -0.44 -17.28
C GLY A 52 -5.86 1.03 -16.94
N CYS A 53 -6.15 1.32 -15.66
CA CYS A 53 -6.53 2.66 -15.21
C CYS A 53 -5.42 3.67 -15.55
N LYS A 54 -5.79 4.74 -16.27
CA LYS A 54 -4.84 5.79 -16.74
C LYS A 54 -4.14 6.47 -15.54
N ARG A 55 -4.87 6.57 -14.42
CA ARG A 55 -4.39 7.16 -13.17
C ARG A 55 -5.22 6.61 -12.00
N VAL A 56 -4.55 6.25 -10.91
CA VAL A 56 -5.20 5.76 -9.68
C VAL A 56 -4.58 6.45 -8.46
N ARG A 57 -5.37 6.59 -7.40
CA ARG A 57 -4.93 7.12 -6.12
C ARG A 57 -5.21 6.08 -5.03
N ILE A 58 -4.15 5.75 -4.27
CA ILE A 58 -4.17 4.74 -3.21
C ILE A 58 -3.90 5.46 -1.88
N SER A 59 -4.77 5.29 -0.89
CA SER A 59 -4.56 5.79 0.47
C SER A 59 -4.46 4.57 1.40
N ILE A 60 -3.40 4.52 2.20
CA ILE A 60 -3.11 3.39 3.09
C ILE A 60 -3.04 3.89 4.54
N ARG A 61 -3.90 3.33 5.39
CA ARG A 61 -4.01 3.70 6.81
C ARG A 61 -3.48 2.53 7.66
N VAL A 62 -2.58 2.84 8.59
CA VAL A 62 -1.91 1.87 9.47
C VAL A 62 -2.38 2.04 10.91
N LYS A 63 -2.66 0.90 11.58
CA LYS A 63 -3.11 0.88 12.98
C LYS A 63 -1.88 0.79 13.89
N HIS A 64 -1.80 1.70 14.88
CA HIS A 64 -0.66 1.77 15.81
C HIS A 64 -0.98 0.98 17.10
N SER A 65 0.00 0.20 17.58
CA SER A 65 -0.15 -0.75 18.71
C SER A 65 -0.60 -0.06 20.01
N ASP A 66 -0.25 1.23 20.14
CA ASP A 66 -0.58 2.02 21.34
C ASP A 66 -0.44 3.54 21.07
N ALA A 67 -1.09 4.37 21.91
CA ALA A 67 -1.15 5.84 21.76
C ALA A 67 0.24 6.51 21.92
N ALA A 68 0.95 6.17 23.00
CA ALA A 68 2.29 6.72 23.27
C ALA A 68 3.28 6.26 22.19
N GLU A 69 3.07 5.01 21.69
CA GLU A 69 3.94 4.39 20.67
C GLU A 69 3.85 5.10 19.30
N GLU A 70 2.68 5.72 19.05
CA GLU A 70 2.26 6.24 17.71
C GLU A 70 3.35 7.06 16.95
N LYS A 71 4.04 7.97 17.67
CA LYS A 71 5.02 8.89 17.07
C LYS A 71 6.23 8.12 16.49
N LYS A 72 6.82 7.25 17.33
CA LYS A 72 7.98 6.42 16.96
C LYS A 72 7.55 5.31 15.98
N GLU A 73 6.35 4.74 16.24
CA GLU A 73 5.81 3.61 15.48
C GLU A 73 5.43 4.01 14.05
N ALA A 74 4.92 5.25 13.91
CA ALA A 74 4.59 5.82 12.61
C ALA A 74 5.86 5.93 11.78
N LYS A 75 6.92 6.53 12.36
CA LYS A 75 8.24 6.67 11.70
C LYS A 75 8.86 5.30 11.36
N LYS A 76 8.74 4.34 12.31
CA LYS A 76 9.27 2.97 12.16
C LYS A 76 8.61 2.24 10.99
N PHE A 77 7.28 2.27 10.96
CA PHE A 77 6.47 1.62 9.90
C PHE A 77 6.60 2.42 8.58
N ALA A 78 6.81 3.75 8.72
CA ALA A 78 6.96 4.65 7.58
C ALA A 78 8.12 4.20 6.69
N ALA A 79 9.21 3.76 7.36
CA ALA A 79 10.38 3.17 6.69
C ALA A 79 9.99 1.88 5.98
N ILE A 80 9.14 1.06 6.64
CA ILE A 80 8.67 -0.23 6.11
C ILE A 80 7.85 -0.05 4.81
N LEU A 81 6.90 0.90 4.82
CA LEU A 81 6.05 1.19 3.65
C LEU A 81 6.85 1.86 2.54
N ASN A 82 7.74 2.83 2.91
CA ASN A 82 8.55 3.60 1.93
C ASN A 82 9.50 2.67 1.15
N LYS A 83 10.04 1.66 1.87
CA LYS A 83 10.89 0.62 1.28
C LYS A 83 10.08 -0.26 0.31
N VAL A 84 8.83 -0.60 0.68
CA VAL A 84 7.91 -1.42 -0.16
C VAL A 84 7.56 -0.66 -1.47
N PHE A 85 7.29 0.64 -1.31
CA PHE A 85 6.96 1.55 -2.41
C PHE A 85 8.13 1.63 -3.42
N ALA A 86 9.35 1.76 -2.88
CA ALA A 86 10.59 1.78 -3.67
C ALA A 86 10.88 0.41 -4.32
N GLU A 87 10.43 -0.69 -3.68
CA GLU A 87 10.63 -2.07 -4.19
C GLU A 87 9.62 -2.41 -5.30
N LEU A 88 8.51 -1.64 -5.37
CA LEU A 88 7.40 -1.91 -6.32
C LEU A 88 7.45 -0.95 -7.53
N GLY A 89 8.35 0.05 -7.49
CA GLY A 89 8.55 0.98 -8.61
C GLY A 89 7.88 2.34 -8.44
N TYR A 90 7.54 2.72 -7.19
CA TYR A 90 6.94 4.04 -6.87
C TYR A 90 8.07 5.01 -6.50
N ASN A 91 7.96 6.26 -6.96
CA ASN A 91 8.94 7.32 -6.69
C ASN A 91 8.57 8.08 -5.41
N ASP A 92 9.57 8.75 -4.80
CA ASP A 92 9.39 9.56 -3.58
C ASP A 92 8.39 10.73 -3.80
N SER A 93 8.40 11.26 -5.04
CA SER A 93 7.51 12.36 -5.48
C SER A 93 6.06 11.89 -5.73
N ASN A 94 5.83 10.56 -5.64
CA ASN A 94 4.50 9.96 -5.82
C ASN A 94 3.90 9.52 -4.49
N VAL A 95 4.65 9.70 -3.37
CA VAL A 95 4.22 9.26 -2.03
C VAL A 95 4.06 10.49 -1.10
N THR A 96 2.87 10.66 -0.51
CA THR A 96 2.56 11.78 0.41
C THR A 96 2.12 11.24 1.77
N TRP A 97 2.87 11.57 2.84
CA TRP A 97 2.54 11.14 4.22
C TRP A 97 1.69 12.20 4.95
N ASP A 98 0.60 11.77 5.59
CA ASP A 98 -0.22 12.61 6.48
C ASP A 98 -0.70 11.79 7.71
N GLY A 99 0.08 11.89 8.80
CA GLY A 99 -0.20 11.18 10.05
C GLY A 99 -0.08 9.65 9.92
N ASP A 100 -1.17 8.95 10.26
CA ASP A 100 -1.23 7.46 10.22
C ASP A 100 -1.59 6.96 8.81
N THR A 101 -1.73 7.89 7.85
CA THR A 101 -2.19 7.58 6.49
C THR A 101 -1.18 8.06 5.44
N VAL A 102 -0.80 7.18 4.49
CA VAL A 102 0.08 7.58 3.39
C VAL A 102 -0.69 7.37 2.08
N THR A 103 -0.66 8.38 1.23
CA THR A 103 -1.36 8.39 -0.05
C THR A 103 -0.31 8.32 -1.16
N VAL A 104 -0.42 7.28 -1.99
CA VAL A 104 0.48 7.03 -3.09
C VAL A 104 -0.34 7.05 -4.38
N GLU A 105 0.15 7.80 -5.38
CA GLU A 105 -0.54 8.01 -6.66
C GLU A 105 0.31 7.34 -7.74
N GLY A 106 -0.35 6.74 -8.74
CA GLY A 106 0.37 6.18 -9.87
C GLY A 106 -0.52 5.86 -11.05
N GLN A 107 0.13 5.56 -12.17
CA GLN A 107 -0.51 5.34 -13.46
C GLN A 107 -0.13 3.95 -14.01
N LEU A 108 -1.08 3.33 -14.72
CA LEU A 108 -0.86 2.07 -15.43
C LEU A 108 -0.87 2.29 -16.94
N GLU A 109 -0.04 1.51 -17.62
CA GLU A 109 0.11 1.49 -19.09
C GLU A 109 -1.00 0.62 -19.73
N GLY A 110 -2.27 1.00 -19.46
CA GLY A 110 -3.44 0.29 -20.02
C GLY A 110 -4.16 1.11 -21.07
N VAL A 111 -4.95 2.10 -20.61
CA VAL A 111 -5.68 3.01 -21.53
C VAL A 111 -4.67 3.94 -22.22
N ASP A 112 -3.79 4.51 -21.40
CA ASP A 112 -2.71 5.40 -21.85
C ASP A 112 -1.43 4.56 -22.04
N LEU A 113 -1.14 4.24 -23.31
CA LEU A 113 0.05 3.46 -23.69
C LEU A 113 1.26 4.37 -23.96
N GLU A 114 1.05 5.69 -23.88
CA GLU A 114 2.08 6.70 -24.16
C GLU A 114 2.93 6.96 -22.91
N HIS A 115 3.79 5.99 -22.57
CA HIS A 115 4.70 6.07 -21.43
C HIS A 115 5.62 7.27 -21.64
N HIS A 116 5.82 8.07 -20.58
CA HIS A 116 6.74 9.22 -20.62
C HIS A 116 8.21 8.75 -20.59
N HIS A 117 8.82 8.75 -21.78
CA HIS A 117 10.21 8.33 -22.01
C HIS A 117 11.12 9.56 -21.80
N HIS A 118 12.35 9.34 -21.35
CA HIS A 118 13.33 10.42 -21.14
C HIS A 118 13.68 11.08 -22.50
N HIS A 119 13.80 12.42 -22.48
CA HIS A 119 14.13 13.22 -23.68
C HIS A 119 15.41 12.75 -24.38
N HIS A 120 15.32 12.59 -25.70
CA HIS A 120 16.43 12.14 -26.57
C HIS A 120 16.90 13.31 -27.45
N MET A 1 1.89 -16.04 18.95
CA MET A 1 3.19 -16.58 19.39
C MET A 1 4.07 -16.86 18.17
N SER A 2 3.87 -16.05 17.12
CA SER A 2 4.75 -15.99 15.96
C SER A 2 4.67 -14.57 15.39
N GLY A 3 4.93 -13.58 16.25
CA GLY A 3 5.12 -12.20 15.83
C GLY A 3 4.04 -11.33 16.43
N LYS A 4 3.88 -10.13 15.88
CA LYS A 4 2.87 -9.15 16.33
C LYS A 4 1.93 -8.80 15.17
N LYS A 5 0.72 -8.32 15.51
CA LYS A 5 -0.29 -8.03 14.49
C LYS A 5 -0.33 -6.51 14.28
N VAL A 6 -0.24 -6.11 13.02
CA VAL A 6 -0.54 -4.73 12.59
C VAL A 6 -1.58 -4.85 11.46
N GLU A 7 -2.50 -3.90 11.37
CA GLU A 7 -3.53 -3.91 10.31
C GLU A 7 -3.24 -2.81 9.28
N VAL A 8 -3.46 -3.16 8.02
CA VAL A 8 -3.25 -2.29 6.85
C VAL A 8 -4.58 -2.08 6.11
N GLN A 9 -5.03 -0.83 6.05
CA GLN A 9 -6.29 -0.43 5.38
C GLN A 9 -5.93 0.29 4.08
N VAL A 10 -6.27 -0.32 2.93
CA VAL A 10 -5.90 0.21 1.60
C VAL A 10 -7.17 0.65 0.86
N LYS A 11 -7.19 1.92 0.43
CA LYS A 11 -8.31 2.51 -0.32
C LYS A 11 -7.78 3.01 -1.68
N ILE A 12 -8.28 2.43 -2.77
CA ILE A 12 -7.80 2.76 -4.14
C ILE A 12 -9.00 3.14 -5.04
N THR A 13 -8.88 4.28 -5.74
CA THR A 13 -9.94 4.76 -6.65
C THR A 13 -9.51 4.52 -8.11
N CYS A 14 -10.42 3.95 -8.91
CA CYS A 14 -10.20 3.62 -10.32
C CYS A 14 -11.37 4.20 -11.13
N ASN A 15 -11.05 5.15 -12.03
CA ASN A 15 -12.00 5.92 -12.84
C ASN A 15 -12.93 6.73 -11.90
N GLY A 16 -14.00 6.07 -11.42
CA GLY A 16 -14.96 6.69 -10.51
C GLY A 16 -15.50 5.68 -9.51
N LYS A 17 -14.83 4.51 -9.45
CA LYS A 17 -15.18 3.42 -8.53
C LYS A 17 -14.03 3.22 -7.52
N THR A 18 -14.38 3.23 -6.23
CA THR A 18 -13.40 3.13 -5.12
C THR A 18 -13.49 1.72 -4.49
N TYR A 19 -12.32 1.08 -4.33
CA TYR A 19 -12.19 -0.24 -3.68
C TYR A 19 -11.34 -0.10 -2.40
N GLU A 20 -11.93 -0.48 -1.26
CA GLU A 20 -11.26 -0.43 0.06
C GLU A 20 -11.39 -1.78 0.78
N ARG A 21 -10.31 -2.18 1.48
CA ARG A 21 -10.26 -3.44 2.25
C ARG A 21 -9.25 -3.31 3.40
N THR A 22 -9.60 -3.84 4.59
CA THR A 22 -8.72 -3.90 5.76
C THR A 22 -8.05 -5.30 5.80
N TYR A 23 -6.72 -5.31 5.94
CA TYR A 23 -5.92 -6.56 5.98
C TYR A 23 -5.27 -6.67 7.37
N GLN A 24 -5.20 -7.88 7.93
CA GLN A 24 -4.45 -8.12 9.17
C GLN A 24 -3.12 -8.79 8.79
N LEU A 25 -1.99 -8.14 9.09
CA LEU A 25 -0.64 -8.66 8.80
C LEU A 25 0.05 -9.03 10.11
N TYR A 26 0.26 -10.33 10.29
CA TYR A 26 0.90 -10.91 11.48
C TYR A 26 2.31 -11.41 11.11
N ALA A 27 3.35 -10.79 11.70
CA ALA A 27 4.74 -11.05 11.29
C ALA A 27 5.68 -10.99 12.49
N VAL A 28 6.77 -11.76 12.39
CA VAL A 28 7.83 -11.83 13.39
C VAL A 28 8.89 -10.76 13.10
N ARG A 29 9.29 -10.65 11.81
CA ARG A 29 10.37 -9.75 11.36
C ARG A 29 9.80 -8.62 10.51
N ASP A 30 10.53 -7.50 10.44
CA ASP A 30 10.17 -6.32 9.62
C ASP A 30 10.11 -6.69 8.12
N GLU A 31 11.10 -7.52 7.69
CA GLU A 31 11.25 -7.99 6.30
C GLU A 31 10.08 -8.89 5.89
N GLU A 32 9.56 -9.67 6.87
CA GLU A 32 8.38 -10.52 6.70
C GLU A 32 7.11 -9.67 6.43
N LEU A 33 6.99 -8.53 7.15
CA LEU A 33 5.88 -7.57 6.96
C LEU A 33 6.01 -6.88 5.57
N LYS A 34 7.24 -6.53 5.16
CA LYS A 34 7.51 -5.82 3.87
C LYS A 34 6.95 -6.59 2.65
N GLU A 35 7.25 -7.90 2.57
CA GLU A 35 6.75 -8.80 1.49
C GLU A 35 5.21 -8.96 1.55
N LYS A 36 4.66 -8.93 2.79
CA LYS A 36 3.21 -8.98 3.04
C LYS A 36 2.53 -7.71 2.52
N LEU A 37 3.20 -6.56 2.72
CA LEU A 37 2.76 -5.25 2.21
C LEU A 37 2.73 -5.28 0.66
N LYS A 38 3.77 -5.91 0.04
CA LYS A 38 3.84 -6.09 -1.42
C LYS A 38 2.66 -6.92 -1.94
N LYS A 39 2.32 -8.02 -1.21
CA LYS A 39 1.19 -8.92 -1.56
C LYS A 39 -0.15 -8.16 -1.49
N VAL A 40 -0.34 -7.37 -0.42
CA VAL A 40 -1.53 -6.50 -0.19
C VAL A 40 -1.66 -5.40 -1.28
N LEU A 41 -0.52 -4.75 -1.57
CA LEU A 41 -0.41 -3.72 -2.61
C LEU A 41 -0.76 -4.31 -4.00
N ASN A 42 -0.22 -5.50 -4.32
CA ASN A 42 -0.54 -6.22 -5.58
C ASN A 42 -2.00 -6.73 -5.65
N GLU A 43 -2.54 -7.22 -4.51
CA GLU A 43 -3.90 -7.80 -4.49
C GLU A 43 -4.91 -6.70 -4.81
N ARG A 44 -4.64 -5.50 -4.25
CA ARG A 44 -5.48 -4.31 -4.46
C ARG A 44 -5.36 -3.77 -5.91
N MET A 45 -4.23 -4.09 -6.59
CA MET A 45 -3.98 -3.67 -8.00
C MET A 45 -4.44 -4.72 -9.02
N ASP A 46 -4.60 -5.98 -8.58
CA ASP A 46 -4.96 -7.10 -9.48
C ASP A 46 -6.27 -6.80 -10.28
N PRO A 47 -7.47 -6.53 -9.62
CA PRO A 47 -8.71 -6.19 -10.35
C PRO A 47 -8.65 -4.79 -11.02
N ILE A 48 -7.77 -3.91 -10.49
CA ILE A 48 -7.66 -2.49 -10.92
C ILE A 48 -6.92 -2.37 -12.28
N LYS A 49 -6.00 -3.31 -12.53
CA LYS A 49 -5.27 -3.38 -13.82
C LYS A 49 -6.22 -3.88 -14.92
N LYS A 50 -7.09 -4.83 -14.52
CA LYS A 50 -8.15 -5.37 -15.37
C LYS A 50 -9.20 -4.25 -15.70
N LEU A 51 -9.28 -3.22 -14.84
CA LEU A 51 -10.18 -2.05 -15.05
C LEU A 51 -9.49 -1.00 -15.95
N GLY A 52 -8.17 -0.87 -15.79
CA GLY A 52 -7.33 -0.11 -16.72
C GLY A 52 -7.62 1.38 -16.71
N CYS A 53 -7.74 1.94 -15.49
CA CYS A 53 -8.00 3.36 -15.29
C CYS A 53 -6.68 4.13 -15.44
N LYS A 54 -6.70 5.24 -16.22
CA LYS A 54 -5.48 6.00 -16.55
C LYS A 54 -4.74 6.40 -15.27
N ARG A 55 -5.32 7.31 -14.47
CA ARG A 55 -4.71 7.74 -13.21
C ARG A 55 -5.44 7.05 -12.04
N VAL A 56 -4.66 6.60 -11.06
CA VAL A 56 -5.15 5.88 -9.87
C VAL A 56 -4.52 6.53 -8.62
N ARG A 57 -5.27 6.49 -7.52
CA ARG A 57 -4.82 7.04 -6.24
C ARG A 57 -5.06 5.98 -5.16
N ILE A 58 -4.03 5.72 -4.36
CA ILE A 58 -4.08 4.77 -3.25
C ILE A 58 -3.79 5.57 -1.97
N SER A 59 -4.63 5.40 -0.95
CA SER A 59 -4.39 5.90 0.40
C SER A 59 -4.39 4.70 1.35
N ILE A 60 -3.32 4.60 2.15
CA ILE A 60 -3.07 3.43 3.01
C ILE A 60 -2.91 3.90 4.46
N ARG A 61 -3.67 3.30 5.36
CA ARG A 61 -3.66 3.63 6.79
C ARG A 61 -3.22 2.40 7.57
N VAL A 62 -2.28 2.58 8.49
CA VAL A 62 -1.75 1.47 9.29
C VAL A 62 -2.26 1.64 10.72
N LYS A 63 -2.53 0.50 11.37
CA LYS A 63 -3.10 0.48 12.71
C LYS A 63 -1.95 0.54 13.71
N HIS A 64 -2.06 1.46 14.66
CA HIS A 64 -1.05 1.68 15.69
C HIS A 64 -1.50 0.98 16.99
N SER A 65 -0.54 0.34 17.67
CA SER A 65 -0.75 -0.45 18.90
C SER A 65 -1.57 0.31 19.98
N ASP A 66 -1.25 1.60 20.15
CA ASP A 66 -1.87 2.48 21.16
C ASP A 66 -1.60 3.95 20.78
N ALA A 67 -2.26 4.91 21.47
CA ALA A 67 -2.14 6.35 21.17
C ALA A 67 -0.69 6.89 21.35
N ALA A 68 -0.05 6.57 22.49
CA ALA A 68 1.35 6.98 22.76
C ALA A 68 2.30 6.29 21.76
N GLU A 69 1.93 5.04 21.40
CA GLU A 69 2.74 4.19 20.49
C GLU A 69 2.80 4.77 19.07
N GLU A 70 1.78 5.57 18.69
CA GLU A 70 1.57 6.12 17.31
C GLU A 70 2.84 6.79 16.74
N LYS A 71 3.56 7.46 17.65
CA LYS A 71 4.80 8.20 17.34
C LYS A 71 5.91 7.25 16.84
N LYS A 72 6.14 6.18 17.60
CA LYS A 72 7.11 5.12 17.26
C LYS A 72 6.59 4.23 16.10
N GLU A 73 5.27 3.99 16.10
CA GLU A 73 4.61 3.10 15.13
C GLU A 73 4.65 3.69 13.72
N ALA A 74 4.25 4.97 13.62
CA ALA A 74 4.17 5.69 12.33
C ALA A 74 5.56 5.86 11.72
N LYS A 75 6.52 6.25 12.58
CA LYS A 75 7.92 6.51 12.21
C LYS A 75 8.60 5.24 11.63
N LYS A 76 8.49 4.13 12.39
CA LYS A 76 9.07 2.81 12.05
C LYS A 76 8.45 2.28 10.74
N PHE A 77 7.11 2.29 10.69
CA PHE A 77 6.33 1.71 9.58
C PHE A 77 6.49 2.56 8.30
N ALA A 78 6.67 3.87 8.46
CA ALA A 78 6.89 4.82 7.35
C ALA A 78 8.15 4.42 6.55
N ALA A 79 9.22 4.07 7.29
CA ALA A 79 10.47 3.56 6.71
C ALA A 79 10.25 2.20 5.99
N ILE A 80 9.44 1.33 6.63
CA ILE A 80 9.07 -0.01 6.08
C ILE A 80 8.35 0.15 4.72
N LEU A 81 7.33 1.02 4.70
CA LEU A 81 6.51 1.29 3.50
C LEU A 81 7.34 1.94 2.39
N ASN A 82 8.17 2.94 2.78
CA ASN A 82 9.01 3.73 1.84
C ASN A 82 10.02 2.80 1.12
N LYS A 83 10.56 1.83 1.88
CA LYS A 83 11.46 0.77 1.34
C LYS A 83 10.69 -0.15 0.37
N VAL A 84 9.48 -0.58 0.77
CA VAL A 84 8.62 -1.45 -0.07
C VAL A 84 8.26 -0.77 -1.41
N PHE A 85 7.87 0.52 -1.34
CA PHE A 85 7.45 1.32 -2.50
C PHE A 85 8.62 1.50 -3.49
N ALA A 86 9.83 1.76 -2.94
CA ALA A 86 11.07 1.90 -3.73
C ALA A 86 11.47 0.56 -4.39
N GLU A 87 11.19 -0.55 -3.67
CA GLU A 87 11.45 -1.94 -4.14
C GLU A 87 10.43 -2.36 -5.21
N LEU A 88 9.30 -1.63 -5.30
CA LEU A 88 8.20 -1.93 -6.23
C LEU A 88 8.29 -1.01 -7.47
N GLY A 89 9.17 0.00 -7.38
CA GLY A 89 9.49 0.87 -8.51
C GLY A 89 8.88 2.27 -8.37
N TYR A 90 8.24 2.56 -7.21
CA TYR A 90 7.61 3.88 -6.94
C TYR A 90 8.67 4.93 -6.62
N ASN A 91 8.50 6.13 -7.18
CA ASN A 91 9.44 7.25 -7.01
C ASN A 91 9.09 8.02 -5.73
N ASP A 92 10.06 8.82 -5.25
CA ASP A 92 9.85 9.75 -4.11
C ASP A 92 8.64 10.68 -4.36
N SER A 93 8.43 11.04 -5.64
CA SER A 93 7.32 11.90 -6.10
C SER A 93 5.98 11.14 -6.19
N ASN A 94 6.01 9.80 -6.10
CA ASN A 94 4.79 8.96 -6.22
C ASN A 94 4.14 8.78 -4.83
N VAL A 95 4.99 8.83 -3.79
CA VAL A 95 4.60 8.52 -2.40
C VAL A 95 4.56 9.82 -1.56
N THR A 96 3.38 10.16 -1.02
CA THR A 96 3.17 11.38 -0.21
C THR A 96 2.73 10.98 1.21
N TRP A 97 3.30 11.61 2.25
CA TRP A 97 2.86 11.41 3.65
C TRP A 97 2.14 12.66 4.16
N ASP A 98 0.93 12.44 4.74
CA ASP A 98 0.07 13.49 5.30
C ASP A 98 -0.79 12.91 6.44
N GLY A 99 -0.45 13.28 7.71
CA GLY A 99 -1.25 12.91 8.89
C GLY A 99 -1.11 11.44 9.27
N ASP A 100 0.17 10.99 9.40
CA ASP A 100 0.60 9.57 9.65
C ASP A 100 0.00 8.56 8.64
N THR A 101 -0.41 9.06 7.47
CA THR A 101 -1.10 8.30 6.43
C THR A 101 -0.40 8.51 5.09
N VAL A 102 -0.23 7.44 4.30
CA VAL A 102 0.56 7.49 3.07
C VAL A 102 -0.42 7.42 1.87
N THR A 103 -0.32 8.40 0.96
CA THR A 103 -1.07 8.42 -0.28
C THR A 103 -0.09 8.26 -1.45
N VAL A 104 -0.30 7.22 -2.26
CA VAL A 104 0.58 6.91 -3.39
C VAL A 104 -0.25 7.07 -4.67
N GLU A 105 0.27 7.86 -5.61
CA GLU A 105 -0.44 8.20 -6.85
C GLU A 105 0.44 7.77 -8.01
N GLY A 106 -0.21 7.34 -9.09
CA GLY A 106 0.46 6.96 -10.31
C GLY A 106 -0.53 6.75 -11.44
N GLN A 107 -0.01 6.37 -12.61
CA GLN A 107 -0.82 6.07 -13.79
C GLN A 107 -0.62 4.61 -14.21
N LEU A 108 -1.75 3.94 -14.44
CA LEU A 108 -1.79 2.53 -14.82
C LEU A 108 -1.97 2.49 -16.36
N GLU A 109 -1.22 1.60 -17.02
CA GLU A 109 -1.29 1.41 -18.48
C GLU A 109 -2.74 1.10 -18.94
N GLY A 110 -3.45 2.17 -19.32
CA GLY A 110 -4.87 2.11 -19.67
C GLY A 110 -5.36 3.47 -20.17
N VAL A 111 -4.45 4.19 -20.87
CA VAL A 111 -4.66 5.60 -21.26
C VAL A 111 -5.74 5.70 -22.37
N ASP A 112 -6.99 5.82 -21.90
CA ASP A 112 -8.19 5.96 -22.74
C ASP A 112 -9.39 6.19 -21.83
N LEU A 113 -9.31 5.58 -20.64
CA LEU A 113 -10.29 5.77 -19.55
C LEU A 113 -9.87 6.95 -18.65
N GLU A 114 -10.04 8.17 -19.19
CA GLU A 114 -9.77 9.43 -18.48
C GLU A 114 -10.86 9.72 -17.45
N HIS A 115 -10.50 10.53 -16.43
CA HIS A 115 -11.42 10.97 -15.37
C HIS A 115 -12.38 12.05 -15.88
N HIS A 116 -13.51 11.63 -16.51
CA HIS A 116 -14.51 12.55 -17.07
C HIS A 116 -15.56 12.92 -16.00
N HIS A 117 -15.33 12.45 -14.75
CA HIS A 117 -16.26 12.67 -13.64
C HIS A 117 -16.00 14.07 -13.02
N HIS A 118 -16.35 15.10 -13.82
CA HIS A 118 -16.20 16.52 -13.45
C HIS A 118 -17.23 17.34 -14.26
N HIS A 119 -17.47 18.59 -13.85
CA HIS A 119 -18.42 19.48 -14.52
C HIS A 119 -17.93 19.87 -15.92
N HIS A 120 -18.82 19.72 -16.91
CA HIS A 120 -18.55 20.04 -18.33
C HIS A 120 -19.92 20.20 -19.06
N MET A 1 8.32 -4.84 15.91
CA MET A 1 8.72 -5.91 14.97
C MET A 1 8.55 -7.27 15.67
N SER A 2 9.20 -7.42 16.85
CA SER A 2 9.37 -8.73 17.51
C SER A 2 8.00 -9.26 17.97
N GLY A 3 7.18 -9.71 17.02
CA GLY A 3 5.87 -10.30 17.32
C GLY A 3 4.84 -9.20 17.47
N LYS A 4 4.41 -8.69 16.30
CA LYS A 4 3.42 -7.62 16.21
C LYS A 4 2.38 -7.93 15.13
N LYS A 5 1.10 -7.72 15.48
CA LYS A 5 0.00 -7.82 14.56
C LYS A 5 -0.46 -6.39 14.24
N VAL A 6 -0.64 -6.10 12.95
CA VAL A 6 -1.06 -4.77 12.48
C VAL A 6 -2.23 -4.96 11.50
N GLU A 7 -3.18 -4.02 11.53
CA GLU A 7 -4.27 -3.96 10.55
C GLU A 7 -3.97 -2.80 9.58
N VAL A 8 -4.01 -3.14 8.29
CA VAL A 8 -3.70 -2.23 7.19
C VAL A 8 -4.94 -2.09 6.30
N GLN A 9 -5.41 -0.85 6.13
CA GLN A 9 -6.55 -0.52 5.26
C GLN A 9 -6.00 0.10 3.97
N VAL A 10 -6.20 -0.56 2.83
CA VAL A 10 -5.71 -0.09 1.54
C VAL A 10 -6.93 0.31 0.68
N LYS A 11 -6.95 1.57 0.28
CA LYS A 11 -8.02 2.19 -0.49
C LYS A 11 -7.45 2.65 -1.83
N ILE A 12 -8.00 2.17 -2.96
CA ILE A 12 -7.60 2.66 -4.29
C ILE A 12 -8.82 3.11 -5.11
N THR A 13 -8.73 4.30 -5.71
CA THR A 13 -9.80 4.88 -6.53
C THR A 13 -9.45 4.68 -8.03
N CYS A 14 -10.39 4.06 -8.77
CA CYS A 14 -10.22 3.68 -10.19
C CYS A 14 -11.59 3.62 -10.88
N ASN A 15 -11.67 4.22 -12.09
CA ASN A 15 -12.87 4.23 -12.99
C ASN A 15 -13.95 5.25 -12.52
N GLY A 16 -13.98 5.52 -11.22
CA GLY A 16 -15.01 6.35 -10.59
C GLY A 16 -15.55 5.69 -9.33
N LYS A 17 -15.05 4.47 -9.04
CA LYS A 17 -15.43 3.70 -7.84
C LYS A 17 -14.19 3.46 -6.96
N THR A 18 -14.38 3.61 -5.65
CA THR A 18 -13.33 3.47 -4.65
C THR A 18 -13.39 2.04 -4.08
N TYR A 19 -12.26 1.33 -4.13
CA TYR A 19 -12.13 -0.07 -3.69
C TYR A 19 -11.19 -0.06 -2.48
N GLU A 20 -11.72 -0.43 -1.31
CA GLU A 20 -10.97 -0.46 -0.05
C GLU A 20 -11.24 -1.76 0.70
N ARG A 21 -10.19 -2.26 1.39
CA ARG A 21 -10.27 -3.47 2.21
C ARG A 21 -9.22 -3.40 3.33
N THR A 22 -9.59 -3.86 4.54
CA THR A 22 -8.72 -3.92 5.71
C THR A 22 -8.16 -5.35 5.87
N TYR A 23 -6.83 -5.47 6.05
CA TYR A 23 -6.13 -6.77 6.12
C TYR A 23 -5.42 -6.89 7.49
N GLN A 24 -5.33 -8.13 8.01
CA GLN A 24 -4.59 -8.42 9.24
C GLN A 24 -3.25 -9.07 8.86
N LEU A 25 -2.14 -8.38 9.22
CA LEU A 25 -0.76 -8.81 8.93
C LEU A 25 0.01 -9.01 10.25
N TYR A 26 0.58 -10.21 10.46
CA TYR A 26 1.46 -10.49 11.60
C TYR A 26 2.88 -10.80 11.12
N ALA A 27 3.88 -10.23 11.83
CA ALA A 27 5.30 -10.41 11.51
C ALA A 27 6.13 -10.47 12.80
N VAL A 28 7.21 -11.25 12.74
CA VAL A 28 8.23 -11.34 13.81
C VAL A 28 9.48 -10.54 13.37
N ARG A 29 9.64 -10.35 12.05
CA ARG A 29 10.77 -9.61 11.45
C ARG A 29 10.20 -8.55 10.50
N ASP A 30 10.90 -7.42 10.33
CA ASP A 30 10.46 -6.32 9.44
C ASP A 30 10.30 -6.81 7.97
N GLU A 31 11.21 -7.71 7.54
CA GLU A 31 11.19 -8.28 6.18
C GLU A 31 9.92 -9.13 5.94
N GLU A 32 9.38 -9.79 6.99
CA GLU A 32 8.15 -10.61 6.88
C GLU A 32 6.93 -9.73 6.57
N LEU A 33 6.87 -8.57 7.22
CA LEU A 33 5.79 -7.58 7.03
C LEU A 33 5.88 -6.91 5.64
N LYS A 34 7.13 -6.60 5.20
CA LYS A 34 7.39 -5.90 3.91
C LYS A 34 6.77 -6.63 2.71
N GLU A 35 7.04 -7.95 2.60
CA GLU A 35 6.51 -8.81 1.52
C GLU A 35 4.97 -8.88 1.55
N LYS A 36 4.41 -8.84 2.78
CA LYS A 36 2.95 -8.86 3.01
C LYS A 36 2.31 -7.59 2.44
N LEU A 37 2.96 -6.45 2.72
CA LEU A 37 2.54 -5.13 2.23
C LEU A 37 2.55 -5.09 0.70
N LYS A 38 3.62 -5.66 0.09
CA LYS A 38 3.78 -5.75 -1.37
C LYS A 38 2.62 -6.54 -2.01
N LYS A 39 2.30 -7.70 -1.42
CA LYS A 39 1.23 -8.59 -1.91
C LYS A 39 -0.17 -7.95 -1.79
N VAL A 40 -0.45 -7.28 -0.65
CA VAL A 40 -1.75 -6.60 -0.39
C VAL A 40 -1.96 -5.46 -1.41
N LEU A 41 -0.92 -4.64 -1.59
CA LEU A 41 -0.94 -3.49 -2.51
C LEU A 41 -1.10 -3.97 -3.95
N ASN A 42 -0.35 -5.01 -4.35
CA ASN A 42 -0.47 -5.65 -5.68
C ASN A 42 -1.85 -6.30 -5.88
N GLU A 43 -2.39 -6.91 -4.81
CA GLU A 43 -3.70 -7.61 -4.85
C GLU A 43 -4.81 -6.62 -5.22
N ARG A 44 -4.68 -5.38 -4.72
CA ARG A 44 -5.61 -4.27 -5.00
C ARG A 44 -5.41 -3.73 -6.44
N MET A 45 -4.22 -3.99 -7.02
CA MET A 45 -3.81 -3.48 -8.36
C MET A 45 -4.13 -4.48 -9.49
N ASP A 46 -4.52 -5.70 -9.13
CA ASP A 46 -4.79 -6.76 -10.13
C ASP A 46 -6.06 -6.46 -10.96
N PRO A 47 -7.26 -6.12 -10.35
CA PRO A 47 -8.50 -5.86 -11.13
C PRO A 47 -8.45 -4.47 -11.83
N ILE A 48 -7.50 -3.62 -11.37
CA ILE A 48 -7.33 -2.24 -11.83
C ILE A 48 -6.93 -2.19 -13.32
N LYS A 49 -6.22 -3.24 -13.79
CA LYS A 49 -5.77 -3.35 -15.19
C LYS A 49 -6.96 -3.65 -16.10
N LYS A 50 -7.85 -4.54 -15.62
CA LYS A 50 -9.14 -4.82 -16.28
C LYS A 50 -10.03 -3.54 -16.33
N LEU A 51 -9.94 -2.70 -15.28
CA LEU A 51 -10.66 -1.40 -15.22
C LEU A 51 -9.95 -0.36 -16.12
N GLY A 52 -8.63 -0.57 -16.33
CA GLY A 52 -7.85 0.20 -17.29
C GLY A 52 -7.52 1.62 -16.81
N CYS A 53 -7.17 1.73 -15.51
CA CYS A 53 -6.79 3.02 -14.91
C CYS A 53 -5.28 3.23 -15.02
N LYS A 54 -4.85 3.94 -16.08
CA LYS A 54 -3.43 4.27 -16.33
C LYS A 54 -2.76 4.81 -15.06
N ARG A 55 -3.37 5.83 -14.45
CA ARG A 55 -2.88 6.42 -13.18
C ARG A 55 -3.96 6.25 -12.10
N VAL A 56 -3.52 5.89 -10.88
CA VAL A 56 -4.39 5.53 -9.76
C VAL A 56 -3.93 6.26 -8.50
N ARG A 57 -4.85 6.46 -7.55
CA ARG A 57 -4.55 7.04 -6.24
C ARG A 57 -4.84 6.00 -5.16
N ILE A 58 -3.82 5.71 -4.33
CA ILE A 58 -3.90 4.67 -3.29
C ILE A 58 -3.63 5.33 -1.92
N SER A 59 -4.49 5.07 -0.92
CA SER A 59 -4.25 5.52 0.45
C SER A 59 -4.17 4.27 1.37
N ILE A 60 -3.12 4.24 2.20
CA ILE A 60 -2.85 3.16 3.15
C ILE A 60 -2.94 3.72 4.57
N ARG A 61 -3.87 3.19 5.39
CA ARG A 61 -4.00 3.60 6.79
C ARG A 61 -3.57 2.42 7.65
N VAL A 62 -2.64 2.67 8.58
CA VAL A 62 -2.03 1.59 9.38
C VAL A 62 -2.55 1.70 10.82
N LYS A 63 -2.84 0.55 11.45
CA LYS A 63 -3.37 0.52 12.83
C LYS A 63 -2.18 0.53 13.82
N HIS A 64 -2.25 1.46 14.78
CA HIS A 64 -1.20 1.67 15.81
C HIS A 64 -1.67 1.04 17.12
N SER A 65 -0.73 0.43 17.84
CA SER A 65 -0.97 -0.22 19.13
C SER A 65 -1.54 0.78 20.16
N ASP A 66 -1.01 2.01 20.13
CA ASP A 66 -1.45 3.11 21.00
C ASP A 66 -0.95 4.46 20.43
N ALA A 67 -1.49 5.57 20.98
CA ALA A 67 -1.12 6.95 20.57
C ALA A 67 0.31 7.36 20.99
N ALA A 68 0.79 6.88 22.15
CA ALA A 68 2.20 7.06 22.59
C ALA A 68 3.15 6.32 21.64
N GLU A 69 2.76 5.08 21.29
CA GLU A 69 3.42 4.26 20.26
C GLU A 69 3.23 4.80 18.83
N GLU A 70 2.09 5.49 18.57
CA GLU A 70 1.67 5.94 17.20
C GLU A 70 2.81 6.65 16.44
N LYS A 71 3.49 7.55 17.17
CA LYS A 71 4.57 8.40 16.67
C LYS A 71 5.79 7.57 16.22
N LYS A 72 6.21 6.62 17.08
CA LYS A 72 7.36 5.72 16.81
C LYS A 72 7.02 4.71 15.69
N GLU A 73 5.78 4.16 15.75
CA GLU A 73 5.32 3.12 14.81
C GLU A 73 5.14 3.72 13.40
N ALA A 74 4.71 4.99 13.34
CA ALA A 74 4.56 5.73 12.08
C ALA A 74 5.92 5.92 11.40
N LYS A 75 6.94 6.30 12.19
CA LYS A 75 8.34 6.40 11.71
C LYS A 75 8.86 5.04 11.21
N LYS A 76 8.54 3.93 11.93
CA LYS A 76 8.97 2.57 11.55
C LYS A 76 8.38 2.20 10.18
N PHE A 77 7.06 2.44 10.05
CA PHE A 77 6.28 2.15 8.83
C PHE A 77 6.68 3.06 7.67
N ALA A 78 7.06 4.31 7.96
CA ALA A 78 7.55 5.25 6.92
C ALA A 78 8.71 4.63 6.15
N ALA A 79 9.67 4.03 6.88
CA ALA A 79 10.81 3.32 6.29
C ALA A 79 10.38 2.03 5.55
N ILE A 80 9.54 1.22 6.24
CA ILE A 80 9.07 -0.09 5.75
C ILE A 80 8.24 0.05 4.45
N LEU A 81 7.29 0.99 4.46
CA LEU A 81 6.40 1.27 3.33
C LEU A 81 7.16 1.94 2.17
N ASN A 82 8.15 2.81 2.50
CA ASN A 82 9.01 3.48 1.49
C ASN A 82 9.84 2.42 0.72
N LYS A 83 10.30 1.41 1.47
CA LYS A 83 11.04 0.27 0.92
C LYS A 83 10.14 -0.61 0.02
N VAL A 84 8.87 -0.78 0.43
CA VAL A 84 7.84 -1.49 -0.34
C VAL A 84 7.50 -0.71 -1.63
N PHE A 85 7.28 0.61 -1.48
CA PHE A 85 6.90 1.52 -2.59
C PHE A 85 7.98 1.56 -3.69
N ALA A 86 9.26 1.59 -3.26
CA ALA A 86 10.42 1.57 -4.18
C ALA A 86 10.49 0.25 -4.97
N GLU A 87 10.00 -0.82 -4.35
CA GLU A 87 10.00 -2.18 -4.93
C GLU A 87 8.78 -2.38 -5.87
N LEU A 88 7.82 -1.42 -5.80
CA LEU A 88 6.57 -1.43 -6.60
C LEU A 88 6.68 -0.48 -7.80
N GLY A 89 7.80 0.28 -7.87
CA GLY A 89 8.05 1.27 -8.94
C GLY A 89 7.48 2.66 -8.63
N TYR A 90 7.21 2.94 -7.35
CA TYR A 90 6.61 4.22 -6.90
C TYR A 90 7.72 5.23 -6.52
N ASN A 91 7.58 6.50 -6.96
CA ASN A 91 8.53 7.60 -6.64
C ASN A 91 8.25 8.16 -5.24
N ASP A 92 9.34 8.54 -4.53
CA ASP A 92 9.29 9.13 -3.16
C ASP A 92 8.37 10.38 -3.12
N SER A 93 8.48 11.20 -4.17
CA SER A 93 7.69 12.43 -4.35
C SER A 93 6.18 12.11 -4.39
N ASN A 94 5.83 11.02 -5.09
CA ASN A 94 4.42 10.58 -5.27
C ASN A 94 3.88 9.91 -3.99
N VAL A 95 4.72 9.84 -2.95
CA VAL A 95 4.36 9.34 -1.60
C VAL A 95 4.20 10.51 -0.61
N THR A 96 2.98 10.71 -0.05
CA THR A 96 2.70 11.80 0.90
C THR A 96 2.11 11.22 2.21
N TRP A 97 2.78 11.49 3.34
CA TRP A 97 2.35 11.07 4.68
C TRP A 97 1.46 12.14 5.30
N ASP A 98 0.35 11.69 5.90
CA ASP A 98 -0.57 12.54 6.68
C ASP A 98 -1.06 11.73 7.90
N GLY A 99 -0.29 11.83 9.00
CA GLY A 99 -0.56 11.13 10.26
C GLY A 99 -0.36 9.62 10.17
N ASP A 100 -1.45 8.87 10.36
CA ASP A 100 -1.46 7.39 10.34
C ASP A 100 -1.76 6.83 8.94
N THR A 101 -1.94 7.75 7.98
CA THR A 101 -2.36 7.42 6.61
C THR A 101 -1.35 8.02 5.62
N VAL A 102 -0.91 7.21 4.65
CA VAL A 102 -0.01 7.62 3.57
C VAL A 102 -0.75 7.46 2.22
N THR A 103 -0.69 8.52 1.38
CA THR A 103 -1.34 8.52 0.07
C THR A 103 -0.26 8.47 -1.01
N VAL A 104 -0.32 7.44 -1.84
CA VAL A 104 0.64 7.18 -2.89
C VAL A 104 -0.07 7.18 -4.24
N GLU A 105 0.45 7.92 -5.22
CA GLU A 105 -0.09 7.93 -6.58
C GLU A 105 0.92 7.23 -7.50
N GLY A 106 0.40 6.42 -8.42
CA GLY A 106 1.23 5.67 -9.35
C GLY A 106 0.50 5.32 -10.62
N GLN A 107 1.20 4.63 -11.52
CA GLN A 107 0.68 4.22 -12.83
C GLN A 107 0.82 2.71 -12.97
N LEU A 108 -0.08 2.11 -13.76
CA LEU A 108 -0.08 0.66 -14.04
C LEU A 108 1.19 0.26 -14.79
N GLU A 109 1.86 -0.78 -14.26
CA GLU A 109 3.08 -1.38 -14.87
C GLU A 109 4.12 -0.27 -15.21
N GLY A 110 4.18 0.76 -14.33
CA GLY A 110 5.09 1.90 -14.49
C GLY A 110 6.56 1.47 -14.56
N VAL A 111 6.94 0.56 -13.66
CA VAL A 111 8.26 -0.11 -13.62
C VAL A 111 7.97 -1.62 -13.62
N ASP A 112 7.53 -2.08 -12.44
CA ASP A 112 7.10 -3.47 -12.15
C ASP A 112 6.65 -3.50 -10.68
N LEU A 113 5.42 -3.96 -10.43
CA LEU A 113 4.89 -4.11 -9.07
C LEU A 113 5.62 -5.31 -8.44
N GLU A 114 5.31 -6.48 -9.01
CA GLU A 114 5.93 -7.78 -8.68
C GLU A 114 5.45 -8.79 -9.76
N HIS A 115 5.89 -10.06 -9.67
CA HIS A 115 5.39 -11.14 -10.57
C HIS A 115 4.03 -11.66 -10.10
N HIS A 116 3.08 -11.78 -11.05
CA HIS A 116 1.70 -12.24 -10.77
C HIS A 116 1.71 -13.70 -10.28
N HIS A 117 1.24 -13.88 -9.05
CA HIS A 117 1.13 -15.20 -8.40
C HIS A 117 -0.33 -15.64 -8.55
N HIS A 118 -0.59 -16.95 -8.34
CA HIS A 118 -1.96 -17.52 -8.30
C HIS A 118 -2.88 -16.81 -7.29
N HIS A 119 -2.30 -16.50 -6.12
CA HIS A 119 -3.01 -15.81 -5.03
C HIS A 119 -2.00 -15.00 -4.20
N HIS A 120 -2.51 -14.12 -3.33
CA HIS A 120 -1.72 -13.26 -2.46
C HIS A 120 -1.90 -13.73 -1.00
N MET A 1 6.89 -10.69 22.08
CA MET A 1 8.27 -10.83 21.54
C MET A 1 8.26 -11.69 20.28
N SER A 2 7.27 -12.61 20.19
CA SER A 2 7.26 -13.72 19.23
C SER A 2 6.96 -13.19 17.81
N GLY A 3 6.01 -12.26 17.74
CA GLY A 3 5.74 -11.50 16.52
C GLY A 3 5.35 -10.07 16.84
N LYS A 4 4.76 -9.38 15.85
CA LYS A 4 4.00 -8.14 16.05
C LYS A 4 2.88 -8.12 15.00
N LYS A 5 1.66 -7.67 15.41
CA LYS A 5 0.49 -7.67 14.54
C LYS A 5 0.02 -6.22 14.29
N VAL A 6 -0.25 -5.93 13.02
CA VAL A 6 -0.77 -4.63 12.57
C VAL A 6 -1.95 -4.86 11.59
N GLU A 7 -2.93 -3.95 11.61
CA GLU A 7 -4.02 -3.92 10.61
C GLU A 7 -3.76 -2.75 9.65
N VAL A 8 -3.86 -3.06 8.36
CA VAL A 8 -3.58 -2.14 7.27
C VAL A 8 -4.85 -2.01 6.39
N GLN A 9 -5.35 -0.78 6.28
CA GLN A 9 -6.52 -0.47 5.44
C GLN A 9 -6.02 0.17 4.14
N VAL A 10 -6.28 -0.49 3.01
CA VAL A 10 -5.83 -0.04 1.68
C VAL A 10 -7.05 0.42 0.86
N LYS A 11 -7.03 1.69 0.45
CA LYS A 11 -8.09 2.32 -0.35
C LYS A 11 -7.47 2.77 -1.69
N ILE A 12 -7.98 2.25 -2.82
CA ILE A 12 -7.50 2.66 -4.14
C ILE A 12 -8.67 3.15 -5.02
N THR A 13 -8.44 4.28 -5.71
CA THR A 13 -9.42 4.90 -6.60
C THR A 13 -9.05 4.59 -8.06
N CYS A 14 -10.01 3.99 -8.79
CA CYS A 14 -9.90 3.63 -10.22
C CYS A 14 -11.31 3.63 -10.83
N ASN A 15 -11.40 4.13 -12.09
CA ASN A 15 -12.67 4.28 -12.85
C ASN A 15 -13.67 5.19 -12.09
N GLY A 16 -13.11 6.14 -11.31
CA GLY A 16 -13.91 7.05 -10.48
C GLY A 16 -14.53 6.38 -9.25
N LYS A 17 -14.21 5.08 -9.03
CA LYS A 17 -14.79 4.26 -7.94
C LYS A 17 -13.77 4.05 -6.83
N THR A 18 -14.27 3.83 -5.60
CA THR A 18 -13.44 3.54 -4.43
C THR A 18 -13.47 2.03 -4.11
N TYR A 19 -12.28 1.41 -4.09
CA TYR A 19 -12.08 0.00 -3.75
C TYR A 19 -11.22 -0.03 -2.48
N GLU A 20 -11.78 -0.46 -1.34
CA GLU A 20 -11.03 -0.49 -0.07
C GLU A 20 -11.33 -1.75 0.74
N ARG A 21 -10.30 -2.23 1.46
CA ARG A 21 -10.37 -3.42 2.31
C ARG A 21 -9.27 -3.33 3.38
N THR A 22 -9.58 -3.80 4.60
CA THR A 22 -8.63 -3.87 5.71
C THR A 22 -8.05 -5.29 5.82
N TYR A 23 -6.73 -5.37 6.00
CA TYR A 23 -5.97 -6.63 6.03
C TYR A 23 -5.32 -6.79 7.41
N GLN A 24 -5.26 -8.02 7.93
CA GLN A 24 -4.54 -8.32 9.18
C GLN A 24 -3.18 -8.89 8.79
N LEU A 25 -2.10 -8.18 9.15
CA LEU A 25 -0.73 -8.60 8.86
C LEU A 25 -0.02 -8.95 10.19
N TYR A 26 0.20 -10.25 10.40
CA TYR A 26 0.92 -10.77 11.58
C TYR A 26 2.29 -11.33 11.13
N ALA A 27 3.36 -10.63 11.52
CA ALA A 27 4.72 -10.88 11.04
C ALA A 27 5.70 -10.79 12.21
N VAL A 28 6.83 -11.50 12.09
CA VAL A 28 7.86 -11.58 13.15
C VAL A 28 9.00 -10.58 12.85
N ARG A 29 9.28 -10.38 11.54
CA ARG A 29 10.37 -9.50 11.06
C ARG A 29 9.78 -8.39 10.16
N ASP A 30 10.44 -7.23 10.14
CA ASP A 30 10.04 -6.07 9.32
C ASP A 30 10.04 -6.47 7.83
N GLU A 31 11.04 -7.29 7.43
CA GLU A 31 11.19 -7.83 6.06
C GLU A 31 9.99 -8.74 5.68
N GLU A 32 9.48 -9.50 6.68
CA GLU A 32 8.31 -10.38 6.51
C GLU A 32 7.03 -9.57 6.26
N LEU A 33 6.90 -8.44 7.00
CA LEU A 33 5.79 -7.49 6.84
C LEU A 33 5.84 -6.79 5.45
N LYS A 34 7.08 -6.45 4.98
CA LYS A 34 7.29 -5.74 3.68
C LYS A 34 6.70 -6.53 2.50
N GLU A 35 7.07 -7.83 2.40
CA GLU A 35 6.59 -8.74 1.33
C GLU A 35 5.06 -8.95 1.41
N LYS A 36 4.53 -8.92 2.63
CA LYS A 36 3.09 -9.00 2.90
C LYS A 36 2.37 -7.78 2.31
N LEU A 37 2.96 -6.59 2.51
CA LEU A 37 2.47 -5.33 1.94
C LEU A 37 2.51 -5.33 0.40
N LYS A 38 3.58 -5.92 -0.19
CA LYS A 38 3.70 -6.13 -1.65
C LYS A 38 2.54 -6.99 -2.20
N LYS A 39 2.24 -8.10 -1.49
CA LYS A 39 1.15 -9.02 -1.87
C LYS A 39 -0.22 -8.34 -1.74
N VAL A 40 -0.45 -7.61 -0.63
CA VAL A 40 -1.70 -6.84 -0.40
C VAL A 40 -1.95 -5.80 -1.51
N LEU A 41 -0.90 -5.06 -1.88
CA LEU A 41 -0.95 -4.07 -2.97
C LEU A 41 -1.22 -4.76 -4.32
N ASN A 42 -0.53 -5.88 -4.61
CA ASN A 42 -0.73 -6.65 -5.88
C ASN A 42 -2.13 -7.29 -5.98
N GLU A 43 -2.64 -7.85 -4.86
CA GLU A 43 -3.96 -8.51 -4.83
C GLU A 43 -5.09 -7.46 -4.99
N ARG A 44 -4.96 -6.32 -4.29
CA ARG A 44 -5.92 -5.20 -4.39
C ARG A 44 -5.93 -4.57 -5.79
N MET A 45 -4.73 -4.46 -6.39
CA MET A 45 -4.54 -3.78 -7.69
C MET A 45 -4.67 -4.74 -8.88
N ASP A 46 -4.65 -6.05 -8.64
CA ASP A 46 -4.81 -7.06 -9.71
C ASP A 46 -6.05 -6.74 -10.63
N PRO A 47 -7.29 -6.52 -10.06
CA PRO A 47 -8.48 -6.12 -10.88
C PRO A 47 -8.40 -4.67 -11.45
N ILE A 48 -7.49 -3.85 -10.88
CA ILE A 48 -7.35 -2.41 -11.24
C ILE A 48 -6.67 -2.26 -12.63
N LYS A 49 -5.81 -3.24 -12.98
CA LYS A 49 -5.16 -3.33 -14.30
C LYS A 49 -6.20 -3.69 -15.37
N LYS A 50 -7.10 -4.63 -15.00
CA LYS A 50 -8.26 -5.03 -15.81
C LYS A 50 -9.22 -3.84 -16.03
N LEU A 51 -9.26 -2.89 -15.07
CA LEU A 51 -10.08 -1.66 -15.20
C LEU A 51 -9.37 -0.64 -16.11
N GLY A 52 -8.03 -0.74 -16.15
CA GLY A 52 -7.22 -0.02 -17.14
C GLY A 52 -7.00 1.43 -16.74
N CYS A 53 -6.74 1.65 -15.44
CA CYS A 53 -6.47 2.98 -14.89
C CYS A 53 -4.98 3.30 -15.06
N LYS A 54 -4.68 4.17 -16.03
CA LYS A 54 -3.31 4.67 -16.34
C LYS A 54 -2.59 5.19 -15.09
N ARG A 55 -3.26 6.05 -14.34
CA ARG A 55 -2.77 6.55 -13.04
C ARG A 55 -3.79 6.17 -11.97
N VAL A 56 -3.31 5.83 -10.77
CA VAL A 56 -4.15 5.36 -9.65
C VAL A 56 -3.73 6.10 -8.37
N ARG A 57 -4.67 6.25 -7.42
CA ARG A 57 -4.38 6.87 -6.12
C ARG A 57 -4.64 5.83 -5.01
N ILE A 58 -3.65 5.60 -4.15
CA ILE A 58 -3.75 4.59 -3.07
C ILE A 58 -3.51 5.29 -1.71
N SER A 59 -4.46 5.18 -0.77
CA SER A 59 -4.31 5.68 0.60
C SER A 59 -4.30 4.47 1.55
N ILE A 60 -3.28 4.41 2.40
CA ILE A 60 -3.05 3.31 3.33
C ILE A 60 -3.06 3.87 4.76
N ARG A 61 -3.95 3.34 5.62
CA ARG A 61 -3.96 3.70 7.03
C ARG A 61 -3.49 2.48 7.83
N VAL A 62 -2.53 2.71 8.73
CA VAL A 62 -1.87 1.64 9.48
C VAL A 62 -2.42 1.71 10.93
N LYS A 63 -2.67 0.55 11.55
CA LYS A 63 -3.22 0.51 12.92
C LYS A 63 -2.05 0.67 13.90
N HIS A 64 -2.24 1.58 14.86
CA HIS A 64 -1.23 1.95 15.85
C HIS A 64 -1.61 1.27 17.18
N SER A 65 -0.59 0.86 17.93
CA SER A 65 -0.73 0.10 19.18
C SER A 65 -1.41 0.94 20.28
N ASP A 66 -1.00 2.21 20.35
CA ASP A 66 -1.45 3.18 21.38
C ASP A 66 -1.11 4.60 20.90
N ALA A 67 -1.63 5.63 21.59
CA ALA A 67 -1.38 7.06 21.25
C ALA A 67 0.10 7.48 21.42
N ALA A 68 0.78 6.89 22.42
CA ALA A 68 2.24 7.08 22.64
C ALA A 68 3.04 6.35 21.56
N GLU A 69 2.57 5.13 21.21
CA GLU A 69 3.28 4.20 20.29
C GLU A 69 3.25 4.71 18.83
N GLU A 70 2.11 5.31 18.42
CA GLU A 70 1.83 5.68 17.02
C GLU A 70 2.93 6.59 16.47
N LYS A 71 3.61 7.35 17.36
CA LYS A 71 4.67 8.31 16.96
C LYS A 71 5.86 7.54 16.34
N LYS A 72 6.29 6.48 17.04
CA LYS A 72 7.42 5.65 16.61
C LYS A 72 6.98 4.75 15.44
N GLU A 73 5.76 4.21 15.54
CA GLU A 73 5.21 3.25 14.57
C GLU A 73 4.91 3.86 13.19
N ALA A 74 4.41 5.10 13.14
CA ALA A 74 4.12 5.80 11.87
C ALA A 74 5.42 6.05 11.08
N LYS A 75 6.45 6.58 11.78
CA LYS A 75 7.80 6.83 11.19
C LYS A 75 8.45 5.50 10.72
N LYS A 76 8.34 4.49 11.59
CA LYS A 76 8.89 3.12 11.38
C LYS A 76 8.28 2.48 10.14
N PHE A 77 6.93 2.51 10.08
CA PHE A 77 6.13 1.91 8.99
C PHE A 77 6.30 2.73 7.71
N ALA A 78 6.50 4.05 7.86
CA ALA A 78 6.76 4.98 6.76
C ALA A 78 7.98 4.52 5.94
N ALA A 79 9.03 4.07 6.67
CA ALA A 79 10.23 3.46 6.08
C ALA A 79 9.89 2.12 5.38
N ILE A 80 9.02 1.32 6.05
CA ILE A 80 8.57 0.00 5.55
C ILE A 80 7.85 0.14 4.19
N LEU A 81 6.85 1.04 4.15
CA LEU A 81 6.05 1.33 2.92
C LEU A 81 6.94 1.96 1.83
N ASN A 82 7.90 2.81 2.25
CA ASN A 82 8.87 3.49 1.34
C ASN A 82 9.69 2.46 0.57
N LYS A 83 10.14 1.43 1.31
CA LYS A 83 10.95 0.33 0.76
C LYS A 83 10.09 -0.56 -0.18
N VAL A 84 8.84 -0.83 0.26
CA VAL A 84 7.88 -1.66 -0.48
C VAL A 84 7.49 -0.96 -1.81
N PHE A 85 7.09 0.32 -1.71
CA PHE A 85 6.65 1.14 -2.87
C PHE A 85 7.79 1.37 -3.88
N ALA A 86 9.01 1.56 -3.35
CA ALA A 86 10.24 1.72 -4.15
C ALA A 86 10.55 0.46 -5.00
N GLU A 87 10.14 -0.71 -4.48
CA GLU A 87 10.29 -2.00 -5.19
C GLU A 87 9.18 -2.22 -6.24
N LEU A 88 8.07 -1.45 -6.14
CA LEU A 88 6.87 -1.68 -6.97
C LEU A 88 6.80 -0.65 -8.12
N GLY A 89 7.73 0.32 -8.11
CA GLY A 89 7.87 1.33 -9.17
C GLY A 89 7.30 2.69 -8.79
N TYR A 90 7.08 2.93 -7.48
CA TYR A 90 6.59 4.23 -6.98
C TYR A 90 7.78 5.07 -6.53
N ASN A 91 7.77 6.35 -6.88
CA ASN A 91 8.83 7.32 -6.52
C ASN A 91 8.52 7.95 -5.14
N ASP A 92 9.58 8.36 -4.43
CA ASP A 92 9.52 9.06 -3.13
C ASP A 92 8.67 10.35 -3.21
N SER A 93 8.80 11.04 -4.36
CA SER A 93 8.05 12.29 -4.69
C SER A 93 6.54 12.06 -4.93
N ASN A 94 6.12 10.78 -4.90
CA ASN A 94 4.71 10.37 -5.12
C ASN A 94 4.06 9.85 -3.82
N VAL A 95 4.79 9.94 -2.70
CA VAL A 95 4.33 9.45 -1.39
C VAL A 95 4.17 10.65 -0.42
N THR A 96 2.95 10.84 0.11
CA THR A 96 2.61 11.91 1.06
C THR A 96 2.03 11.32 2.37
N TRP A 97 2.69 11.53 3.52
CA TRP A 97 2.17 11.14 4.84
C TRP A 97 1.37 12.27 5.49
N ASP A 98 0.24 11.89 6.11
CA ASP A 98 -0.56 12.77 6.97
C ASP A 98 -0.66 12.11 8.36
N GLY A 99 0.51 12.04 9.05
CA GLY A 99 0.65 11.61 10.47
C GLY A 99 -0.22 10.42 10.95
N ASP A 100 -0.57 9.48 10.06
CA ASP A 100 -1.43 8.32 10.39
C ASP A 100 -1.81 7.54 9.12
N THR A 101 -2.19 8.30 8.07
CA THR A 101 -2.59 7.78 6.76
C THR A 101 -1.67 8.35 5.66
N VAL A 102 -1.21 7.49 4.74
CA VAL A 102 -0.32 7.88 3.63
C VAL A 102 -1.04 7.72 2.26
N THR A 103 -0.93 8.76 1.41
CA THR A 103 -1.49 8.79 0.05
C THR A 103 -0.34 8.71 -0.97
N VAL A 104 -0.41 7.69 -1.83
CA VAL A 104 0.63 7.35 -2.80
C VAL A 104 -0.02 7.28 -4.18
N GLU A 105 0.55 8.01 -5.13
CA GLU A 105 0.04 8.08 -6.50
C GLU A 105 1.09 7.51 -7.45
N GLY A 106 0.64 6.83 -8.51
CA GLY A 106 1.55 6.31 -9.53
C GLY A 106 0.82 5.78 -10.73
N GLN A 107 1.59 5.48 -11.81
CA GLN A 107 1.04 4.98 -13.07
C GLN A 107 1.09 3.45 -13.01
N LEU A 108 0.09 2.80 -13.63
CA LEU A 108 -0.09 1.36 -13.59
C LEU A 108 -0.37 0.83 -15.01
N GLU A 109 0.14 -0.38 -15.29
CA GLU A 109 -0.20 -1.16 -16.49
C GLU A 109 -1.65 -1.69 -16.44
N GLY A 110 -2.04 -2.26 -17.58
CA GLY A 110 -3.32 -2.93 -17.76
C GLY A 110 -3.87 -2.60 -19.14
N VAL A 111 -5.20 -2.67 -19.29
CA VAL A 111 -5.91 -2.45 -20.57
C VAL A 111 -6.28 -0.96 -20.74
N ASP A 112 -6.78 -0.60 -21.94
CA ASP A 112 -7.28 0.77 -22.32
C ASP A 112 -6.15 1.82 -22.55
N LEU A 113 -4.94 1.52 -22.08
CA LEU A 113 -3.82 2.50 -21.98
C LEU A 113 -3.44 3.05 -23.38
N GLU A 114 -2.93 4.30 -23.40
CA GLU A 114 -2.46 4.99 -24.65
C GLU A 114 -1.22 4.33 -25.30
N HIS A 115 -0.25 3.89 -24.47
CA HIS A 115 0.94 3.15 -24.94
C HIS A 115 0.64 1.64 -25.11
N HIS A 116 1.65 0.89 -25.64
CA HIS A 116 1.52 -0.57 -25.90
C HIS A 116 1.16 -1.35 -24.62
N HIS A 117 0.16 -2.23 -24.73
CA HIS A 117 -0.31 -3.09 -23.63
C HIS A 117 -0.95 -4.37 -24.21
N HIS A 118 -1.33 -5.27 -23.30
CA HIS A 118 -1.96 -6.56 -23.63
C HIS A 118 -3.34 -6.60 -22.96
N HIS A 119 -4.14 -7.62 -23.31
CA HIS A 119 -5.53 -7.75 -22.83
C HIS A 119 -5.48 -8.44 -21.45
N HIS A 120 -4.95 -7.70 -20.46
CA HIS A 120 -4.83 -8.12 -19.05
C HIS A 120 -6.18 -8.70 -18.55
N MET A 1 3.78 -17.91 14.62
CA MET A 1 4.78 -18.25 15.67
C MET A 1 4.59 -17.30 16.86
N SER A 2 5.52 -16.34 17.00
CA SER A 2 5.40 -15.21 17.93
C SER A 2 5.66 -13.90 17.15
N GLY A 3 4.59 -13.14 16.83
CA GLY A 3 4.72 -11.89 16.04
C GLY A 3 3.83 -10.77 16.59
N LYS A 4 3.77 -9.65 15.85
CA LYS A 4 2.88 -8.52 16.13
C LYS A 4 1.88 -8.33 14.97
N LYS A 5 0.67 -7.83 15.29
CA LYS A 5 -0.40 -7.61 14.32
C LYS A 5 -0.58 -6.09 14.05
N VAL A 6 -0.62 -5.73 12.77
CA VAL A 6 -1.07 -4.41 12.31
C VAL A 6 -2.31 -4.61 11.44
N GLU A 7 -3.25 -3.66 11.49
CA GLU A 7 -4.35 -3.62 10.53
C GLU A 7 -4.09 -2.48 9.54
N VAL A 8 -4.09 -2.87 8.27
CA VAL A 8 -3.77 -2.03 7.12
C VAL A 8 -5.02 -1.90 6.23
N GLN A 9 -5.50 -0.67 6.07
CA GLN A 9 -6.66 -0.37 5.23
C GLN A 9 -6.15 0.24 3.93
N VAL A 10 -6.40 -0.45 2.80
CA VAL A 10 -5.97 -0.01 1.46
C VAL A 10 -7.20 0.39 0.65
N LYS A 11 -7.23 1.66 0.21
CA LYS A 11 -8.30 2.23 -0.60
C LYS A 11 -7.68 2.75 -1.91
N ILE A 12 -8.12 2.19 -3.05
CA ILE A 12 -7.57 2.58 -4.37
C ILE A 12 -8.68 3.04 -5.32
N THR A 13 -8.45 4.18 -6.00
CA THR A 13 -9.35 4.70 -7.04
C THR A 13 -8.64 4.57 -8.40
N CYS A 14 -9.38 4.05 -9.38
CA CYS A 14 -8.86 3.72 -10.73
C CYS A 14 -9.84 4.32 -11.76
N ASN A 15 -9.45 5.46 -12.38
CA ASN A 15 -10.28 6.27 -13.29
C ASN A 15 -11.36 7.05 -12.50
N GLY A 16 -12.28 6.31 -11.88
CA GLY A 16 -13.33 6.88 -11.02
C GLY A 16 -13.98 5.82 -10.14
N LYS A 17 -13.46 4.58 -10.23
CA LYS A 17 -13.97 3.42 -9.49
C LYS A 17 -13.06 3.13 -8.29
N THR A 18 -13.66 3.00 -7.10
CA THR A 18 -12.93 2.92 -5.81
C THR A 18 -13.13 1.51 -5.20
N TYR A 19 -12.02 0.87 -4.83
CA TYR A 19 -11.99 -0.42 -4.13
C TYR A 19 -11.27 -0.24 -2.80
N GLU A 20 -11.91 -0.61 -1.67
CA GLU A 20 -11.33 -0.46 -0.32
C GLU A 20 -11.44 -1.79 0.43
N ARG A 21 -10.38 -2.14 1.21
CA ARG A 21 -10.38 -3.34 2.07
C ARG A 21 -9.35 -3.22 3.20
N THR A 22 -9.74 -3.69 4.39
CA THR A 22 -8.90 -3.74 5.59
C THR A 22 -8.30 -5.17 5.73
N TYR A 23 -6.98 -5.24 5.95
CA TYR A 23 -6.23 -6.51 6.04
C TYR A 23 -5.53 -6.60 7.41
N GLN A 24 -5.40 -7.82 7.94
CA GLN A 24 -4.63 -8.09 9.18
C GLN A 24 -3.29 -8.73 8.76
N LEU A 25 -2.17 -8.09 9.14
CA LEU A 25 -0.81 -8.62 8.88
C LEU A 25 -0.13 -8.94 10.21
N TYR A 26 0.17 -10.25 10.39
CA TYR A 26 0.83 -10.78 11.58
C TYR A 26 2.24 -11.25 11.21
N ALA A 27 3.27 -10.56 11.71
CA ALA A 27 4.66 -10.76 11.26
C ALA A 27 5.61 -10.72 12.46
N VAL A 28 6.75 -11.42 12.30
CA VAL A 28 7.79 -11.50 13.30
C VAL A 28 8.86 -10.41 13.02
N ARG A 29 9.23 -10.27 11.74
CA ARG A 29 10.30 -9.34 11.28
C ARG A 29 9.74 -8.22 10.38
N ASP A 30 10.48 -7.10 10.31
CA ASP A 30 10.15 -5.91 9.48
C ASP A 30 10.08 -6.27 7.99
N GLU A 31 11.04 -7.10 7.54
CA GLU A 31 11.12 -7.59 6.16
C GLU A 31 9.93 -8.49 5.80
N GLU A 32 9.44 -9.26 6.79
CA GLU A 32 8.25 -10.11 6.65
C GLU A 32 6.98 -9.26 6.43
N LEU A 33 6.84 -8.16 7.19
CA LEU A 33 5.70 -7.22 7.04
C LEU A 33 5.77 -6.53 5.65
N LYS A 34 7.00 -6.19 5.21
CA LYS A 34 7.28 -5.51 3.91
C LYS A 34 6.70 -6.30 2.71
N GLU A 35 7.10 -7.59 2.61
CA GLU A 35 6.62 -8.51 1.56
C GLU A 35 5.10 -8.77 1.67
N LYS A 36 4.58 -8.75 2.93
CA LYS A 36 3.13 -8.86 3.21
C LYS A 36 2.38 -7.66 2.64
N LEU A 37 2.95 -6.45 2.84
CA LEU A 37 2.40 -5.19 2.29
C LEU A 37 2.38 -5.22 0.76
N LYS A 38 3.44 -5.79 0.14
CA LYS A 38 3.52 -6.01 -1.32
C LYS A 38 2.38 -6.95 -1.80
N LYS A 39 2.13 -8.04 -1.04
CA LYS A 39 1.06 -9.02 -1.36
C LYS A 39 -0.33 -8.34 -1.30
N VAL A 40 -0.54 -7.56 -0.22
CA VAL A 40 -1.77 -6.77 0.01
C VAL A 40 -2.01 -5.72 -1.10
N LEU A 41 -0.94 -5.00 -1.48
CA LEU A 41 -1.00 -4.03 -2.59
C LEU A 41 -1.31 -4.74 -3.91
N ASN A 42 -0.62 -5.85 -4.24
CA ASN A 42 -0.89 -6.64 -5.47
C ASN A 42 -2.32 -7.24 -5.48
N GLU A 43 -2.77 -7.73 -4.30
CA GLU A 43 -4.07 -8.39 -4.17
C GLU A 43 -5.21 -7.40 -4.47
N ARG A 44 -5.13 -6.22 -3.86
CA ARG A 44 -6.11 -5.14 -4.03
C ARG A 44 -6.09 -4.58 -5.47
N MET A 45 -4.90 -4.63 -6.10
CA MET A 45 -4.68 -4.07 -7.46
C MET A 45 -4.91 -5.11 -8.56
N ASP A 46 -5.21 -6.36 -8.18
CA ASP A 46 -5.59 -7.42 -9.13
C ASP A 46 -6.77 -6.95 -10.05
N PRO A 47 -7.93 -6.43 -9.50
CA PRO A 47 -9.05 -5.92 -10.35
C PRO A 47 -8.70 -4.59 -11.04
N ILE A 48 -7.63 -3.93 -10.55
CA ILE A 48 -7.19 -2.59 -11.00
C ILE A 48 -6.35 -2.68 -12.30
N LYS A 49 -5.57 -3.76 -12.43
CA LYS A 49 -4.72 -3.98 -13.63
C LYS A 49 -5.62 -4.28 -14.85
N LYS A 50 -6.75 -4.96 -14.57
CA LYS A 50 -7.80 -5.25 -15.56
C LYS A 50 -8.45 -3.94 -16.09
N LEU A 51 -8.36 -2.85 -15.29
CA LEU A 51 -9.01 -1.58 -15.63
C LEU A 51 -8.03 -0.71 -16.46
N GLY A 52 -6.74 -0.80 -16.09
CA GLY A 52 -5.66 -0.17 -16.83
C GLY A 52 -5.84 1.34 -16.92
N CYS A 53 -6.13 1.97 -15.76
CA CYS A 53 -6.46 3.40 -15.69
C CYS A 53 -5.26 4.29 -15.97
N LYS A 54 -5.55 5.46 -16.57
CA LYS A 54 -4.54 6.49 -16.90
C LYS A 54 -3.67 6.79 -15.67
N ARG A 55 -4.33 6.85 -14.50
CA ARG A 55 -3.70 7.13 -13.21
C ARG A 55 -4.57 6.59 -12.07
N VAL A 56 -3.91 6.09 -11.01
CA VAL A 56 -4.56 5.46 -9.85
C VAL A 56 -4.03 6.12 -8.56
N ARG A 57 -4.86 6.14 -7.51
CA ARG A 57 -4.49 6.70 -6.19
C ARG A 57 -4.77 5.64 -5.11
N ILE A 58 -3.76 5.38 -4.26
CA ILE A 58 -3.82 4.39 -3.19
C ILE A 58 -3.60 5.11 -1.85
N SER A 59 -4.54 4.98 -0.91
CA SER A 59 -4.38 5.50 0.44
C SER A 59 -4.28 4.30 1.38
N ILE A 60 -3.25 4.30 2.24
CA ILE A 60 -3.00 3.23 3.20
C ILE A 60 -3.10 3.83 4.61
N ARG A 61 -3.95 3.21 5.44
CA ARG A 61 -4.14 3.60 6.83
C ARG A 61 -3.60 2.47 7.71
N VAL A 62 -2.74 2.82 8.67
CA VAL A 62 -2.11 1.85 9.57
C VAL A 62 -2.64 2.10 10.98
N LYS A 63 -3.00 1.02 11.66
CA LYS A 63 -3.38 1.07 13.08
C LYS A 63 -2.14 0.77 13.92
N HIS A 64 -1.87 1.63 14.93
CA HIS A 64 -0.64 1.55 15.74
C HIS A 64 -0.86 0.56 16.90
N SER A 65 0.19 -0.19 17.25
CA SER A 65 0.11 -1.26 18.24
C SER A 65 0.25 -0.71 19.66
N ASP A 66 0.94 0.44 19.80
CA ASP A 66 1.17 1.11 21.10
C ASP A 66 0.92 2.62 20.97
N ALA A 67 0.07 3.16 21.87
CA ALA A 67 -0.36 4.57 21.84
C ALA A 67 0.79 5.56 22.15
N ALA A 68 1.76 5.11 22.95
CA ALA A 68 2.95 5.92 23.29
C ALA A 68 3.93 5.93 22.09
N GLU A 69 4.23 4.71 21.62
CA GLU A 69 5.18 4.47 20.51
C GLU A 69 4.63 4.93 19.14
N GLU A 70 3.29 5.05 19.01
CA GLU A 70 2.62 5.38 17.71
C GLU A 70 3.32 6.48 16.87
N LYS A 71 3.97 7.45 17.56
CA LYS A 71 4.74 8.52 16.88
C LYS A 71 5.94 7.91 16.15
N LYS A 72 6.62 7.00 16.86
CA LYS A 72 7.74 6.21 16.33
C LYS A 72 7.25 5.19 15.27
N GLU A 73 6.07 4.56 15.52
CA GLU A 73 5.49 3.52 14.63
C GLU A 73 5.12 4.09 13.24
N ALA A 74 4.64 5.34 13.19
CA ALA A 74 4.34 6.02 11.91
C ALA A 74 5.64 6.22 11.10
N LYS A 75 6.70 6.68 11.81
CA LYS A 75 8.07 6.83 11.25
C LYS A 75 8.64 5.48 10.77
N LYS A 76 8.39 4.40 11.55
CA LYS A 76 8.82 3.03 11.22
C LYS A 76 8.16 2.57 9.93
N PHE A 77 6.84 2.81 9.83
CA PHE A 77 6.04 2.49 8.66
C PHE A 77 6.38 3.39 7.47
N ALA A 78 6.78 4.64 7.73
CA ALA A 78 7.23 5.56 6.67
C ALA A 78 8.40 4.91 5.88
N ALA A 79 9.36 4.35 6.63
CA ALA A 79 10.51 3.62 6.07
C ALA A 79 10.06 2.31 5.38
N ILE A 80 9.21 1.53 6.07
CA ILE A 80 8.72 0.21 5.61
C ILE A 80 7.93 0.32 4.29
N LEU A 81 6.90 1.19 4.27
CA LEU A 81 6.06 1.43 3.09
C LEU A 81 6.87 2.09 1.95
N ASN A 82 7.84 2.97 2.30
CA ASN A 82 8.73 3.64 1.30
C ASN A 82 9.53 2.55 0.54
N LYS A 83 10.02 1.54 1.27
CA LYS A 83 10.81 0.42 0.69
C LYS A 83 9.90 -0.47 -0.17
N VAL A 84 8.68 -0.71 0.33
CA VAL A 84 7.65 -1.53 -0.35
C VAL A 84 7.23 -0.88 -1.69
N PHE A 85 6.88 0.41 -1.63
CA PHE A 85 6.45 1.21 -2.81
C PHE A 85 7.60 1.36 -3.81
N ALA A 86 8.83 1.50 -3.28
CA ALA A 86 10.07 1.56 -4.08
C ALA A 86 10.31 0.24 -4.85
N GLU A 87 9.85 -0.89 -4.26
CA GLU A 87 9.98 -2.23 -4.88
C GLU A 87 8.86 -2.49 -5.90
N LEU A 88 7.79 -1.68 -5.86
CA LEU A 88 6.58 -1.90 -6.68
C LEU A 88 6.60 -0.96 -7.89
N GLY A 89 7.50 0.03 -7.87
CA GLY A 89 7.75 0.92 -9.03
C GLY A 89 7.39 2.37 -8.74
N TYR A 90 7.02 2.67 -7.48
CA TYR A 90 6.65 4.04 -7.05
C TYR A 90 7.88 4.82 -6.55
N ASN A 91 7.91 6.13 -6.84
CA ASN A 91 9.00 7.03 -6.43
C ASN A 91 8.63 7.76 -5.15
N ASP A 92 9.66 8.34 -4.50
CA ASP A 92 9.50 9.14 -3.27
C ASP A 92 8.52 10.31 -3.49
N SER A 93 8.52 10.86 -4.72
CA SER A 93 7.65 11.99 -5.12
C SER A 93 6.17 11.56 -5.33
N ASN A 94 5.89 10.25 -5.20
CA ASN A 94 4.52 9.68 -5.37
C ASN A 94 3.80 9.57 -4.02
N VAL A 95 4.58 9.69 -2.94
CA VAL A 95 4.17 9.38 -1.55
C VAL A 95 3.99 10.68 -0.73
N THR A 96 2.79 10.87 -0.14
CA THR A 96 2.50 11.98 0.80
C THR A 96 1.92 11.42 2.12
N TRP A 97 2.63 11.67 3.24
CA TRP A 97 2.21 11.22 4.59
C TRP A 97 1.38 12.31 5.30
N ASP A 98 0.25 11.87 5.86
CA ASP A 98 -0.60 12.67 6.76
C ASP A 98 -0.95 11.78 7.98
N GLY A 99 -0.10 11.89 9.02
CA GLY A 99 -0.27 11.16 10.27
C GLY A 99 -0.14 9.65 10.10
N ASP A 100 -1.17 8.91 10.52
CA ASP A 100 -1.22 7.44 10.44
C ASP A 100 -1.71 6.94 9.07
N THR A 101 -1.97 7.89 8.14
CA THR A 101 -2.52 7.58 6.81
C THR A 101 -1.61 8.20 5.74
N VAL A 102 -1.22 7.40 4.75
CA VAL A 102 -0.38 7.85 3.63
C VAL A 102 -1.15 7.71 2.30
N THR A 103 -1.09 8.77 1.47
CA THR A 103 -1.72 8.80 0.15
C THR A 103 -0.60 8.75 -0.89
N VAL A 104 -0.64 7.71 -1.73
CA VAL A 104 0.39 7.43 -2.74
C VAL A 104 -0.32 7.33 -4.09
N GLU A 105 0.05 8.20 -5.03
CA GLU A 105 -0.65 8.34 -6.31
C GLU A 105 0.38 8.18 -7.43
N GLY A 106 -0.01 7.44 -8.46
CA GLY A 106 0.85 7.19 -9.60
C GLY A 106 0.12 6.42 -10.66
N GLN A 107 0.84 6.09 -11.72
CA GLN A 107 0.30 5.36 -12.88
C GLN A 107 0.71 3.90 -12.77
N LEU A 108 -0.15 3.00 -13.27
CA LEU A 108 0.13 1.56 -13.27
C LEU A 108 1.42 1.26 -14.04
N GLU A 109 2.27 0.42 -13.44
CA GLU A 109 3.58 0.02 -13.99
C GLU A 109 3.40 -1.02 -15.13
N GLY A 110 2.32 -1.81 -15.00
CA GLY A 110 1.96 -2.84 -15.96
C GLY A 110 1.20 -3.96 -15.28
N VAL A 111 0.56 -4.81 -16.09
CA VAL A 111 -0.22 -5.97 -15.60
C VAL A 111 0.77 -6.98 -14.98
N ASP A 112 1.92 -7.12 -15.66
CA ASP A 112 3.02 -7.99 -15.25
C ASP A 112 4.34 -7.29 -15.63
N LEU A 113 5.37 -7.44 -14.79
CA LEU A 113 6.66 -6.72 -14.93
C LEU A 113 7.76 -7.61 -15.53
N GLU A 114 8.95 -7.01 -15.77
CA GLU A 114 10.10 -7.70 -16.38
C GLU A 114 10.22 -9.11 -15.80
N HIS A 115 10.08 -9.20 -14.48
CA HIS A 115 10.14 -10.46 -13.76
C HIS A 115 8.74 -11.10 -13.86
N HIS A 116 8.41 -11.59 -15.07
CA HIS A 116 7.07 -12.14 -15.39
C HIS A 116 6.82 -13.41 -14.56
N HIS A 117 6.06 -13.24 -13.47
CA HIS A 117 5.63 -14.33 -12.58
C HIS A 117 4.15 -14.13 -12.20
N HIS A 118 3.30 -13.81 -13.20
CA HIS A 118 1.86 -13.57 -13.01
C HIS A 118 1.19 -14.80 -12.34
N HIS A 119 0.29 -14.54 -11.38
CA HIS A 119 -0.28 -15.58 -10.52
C HIS A 119 -1.16 -16.51 -11.36
N HIS A 120 -1.61 -15.99 -12.51
CA HIS A 120 -2.41 -16.74 -13.50
C HIS A 120 -1.42 -17.55 -14.38
N MET A 1 10.66 -7.67 15.59
CA MET A 1 11.75 -8.67 15.64
C MET A 1 11.33 -9.92 16.47
N SER A 2 10.24 -9.78 17.26
CA SER A 2 9.74 -10.86 18.13
C SER A 2 8.21 -11.00 17.97
N GLY A 3 7.67 -10.50 16.85
CA GLY A 3 6.24 -10.61 16.57
C GLY A 3 5.54 -9.27 16.65
N LYS A 4 5.02 -8.77 15.50
CA LYS A 4 4.21 -7.55 15.41
C LYS A 4 2.92 -7.79 14.62
N LYS A 5 1.79 -7.37 15.20
CA LYS A 5 0.46 -7.45 14.57
C LYS A 5 0.04 -6.03 14.18
N VAL A 6 -0.31 -5.85 12.90
CA VAL A 6 -0.80 -4.56 12.36
C VAL A 6 -2.02 -4.82 11.46
N GLU A 7 -2.99 -3.90 11.50
CA GLU A 7 -4.14 -3.87 10.57
C GLU A 7 -3.94 -2.68 9.62
N VAL A 8 -4.06 -2.98 8.32
CA VAL A 8 -3.81 -2.02 7.23
C VAL A 8 -5.07 -1.89 6.35
N GLN A 9 -5.59 -0.66 6.22
CA GLN A 9 -6.73 -0.37 5.35
C GLN A 9 -6.18 0.18 4.03
N VAL A 10 -6.45 -0.50 2.92
CA VAL A 10 -5.98 -0.04 1.60
C VAL A 10 -7.21 0.39 0.80
N LYS A 11 -7.20 1.63 0.36
CA LYS A 11 -8.30 2.23 -0.40
C LYS A 11 -7.74 2.77 -1.71
N ILE A 12 -8.19 2.20 -2.84
CA ILE A 12 -7.67 2.55 -4.17
C ILE A 12 -8.82 2.91 -5.12
N THR A 13 -8.66 4.04 -5.83
CA THR A 13 -9.64 4.53 -6.79
C THR A 13 -9.06 4.47 -8.21
N CYS A 14 -9.82 3.83 -9.12
CA CYS A 14 -9.51 3.76 -10.54
C CYS A 14 -10.81 3.67 -11.36
N ASN A 15 -10.87 4.47 -12.45
CA ASN A 15 -12.03 4.54 -13.38
C ASN A 15 -13.32 4.98 -12.63
N GLY A 16 -13.14 5.84 -11.60
CA GLY A 16 -14.25 6.35 -10.80
C GLY A 16 -14.79 5.33 -9.80
N LYS A 17 -14.15 4.15 -9.74
CA LYS A 17 -14.54 3.05 -8.85
C LYS A 17 -13.54 2.92 -7.71
N THR A 18 -14.05 2.90 -6.47
CA THR A 18 -13.21 2.85 -5.27
C THR A 18 -13.33 1.46 -4.64
N TYR A 19 -12.19 0.82 -4.41
CA TYR A 19 -12.09 -0.49 -3.80
C TYR A 19 -11.31 -0.32 -2.50
N GLU A 20 -11.85 -0.78 -1.37
CA GLU A 20 -11.21 -0.69 -0.06
C GLU A 20 -11.37 -2.02 0.69
N ARG A 21 -10.31 -2.38 1.45
CA ARG A 21 -10.27 -3.61 2.24
C ARG A 21 -9.24 -3.43 3.36
N THR A 22 -9.58 -3.89 4.57
CA THR A 22 -8.66 -3.91 5.71
C THR A 22 -8.06 -5.33 5.87
N TYR A 23 -6.71 -5.39 6.03
CA TYR A 23 -5.94 -6.65 6.10
C TYR A 23 -5.27 -6.79 7.48
N GLN A 24 -5.24 -8.03 7.99
CA GLN A 24 -4.53 -8.36 9.23
C GLN A 24 -3.18 -9.01 8.84
N LEU A 25 -2.09 -8.33 9.19
CA LEU A 25 -0.71 -8.77 8.91
C LEU A 25 0.01 -9.01 10.25
N TYR A 26 0.42 -10.27 10.51
CA TYR A 26 1.30 -10.59 11.65
C TYR A 26 2.64 -11.15 11.15
N ALA A 27 3.76 -10.58 11.62
CA ALA A 27 5.12 -10.98 11.21
C ALA A 27 6.12 -10.77 12.34
N VAL A 28 7.12 -11.65 12.40
CA VAL A 28 8.19 -11.63 13.42
C VAL A 28 9.15 -10.46 13.14
N ARG A 29 9.69 -10.44 11.91
CA ARG A 29 10.69 -9.45 11.48
C ARG A 29 10.02 -8.38 10.60
N ASP A 30 10.60 -7.16 10.61
CA ASP A 30 10.13 -6.04 9.79
C ASP A 30 10.15 -6.41 8.28
N GLU A 31 11.20 -7.18 7.87
CA GLU A 31 11.40 -7.65 6.48
C GLU A 31 10.24 -8.56 6.02
N GLU A 32 9.75 -9.37 6.97
CA GLU A 32 8.67 -10.33 6.72
C GLU A 32 7.35 -9.58 6.44
N LEU A 33 7.15 -8.45 7.14
CA LEU A 33 5.97 -7.58 6.95
C LEU A 33 6.00 -6.92 5.55
N LYS A 34 7.20 -6.49 5.09
CA LYS A 34 7.35 -5.73 3.81
C LYS A 34 6.76 -6.51 2.63
N GLU A 35 7.15 -7.80 2.52
CA GLU A 35 6.72 -8.68 1.42
C GLU A 35 5.21 -8.96 1.47
N LYS A 36 4.62 -8.98 2.69
CA LYS A 36 3.16 -9.14 2.89
C LYS A 36 2.40 -7.92 2.35
N LEU A 37 2.95 -6.72 2.60
CA LEU A 37 2.40 -5.45 2.08
C LEU A 37 2.46 -5.43 0.54
N LYS A 38 3.55 -5.97 -0.04
CA LYS A 38 3.67 -6.17 -1.50
C LYS A 38 2.53 -7.08 -2.04
N LYS A 39 2.22 -8.19 -1.31
CA LYS A 39 1.14 -9.13 -1.71
C LYS A 39 -0.22 -8.41 -1.68
N VAL A 40 -0.45 -7.67 -0.57
CA VAL A 40 -1.68 -6.86 -0.33
C VAL A 40 -1.91 -5.83 -1.44
N LEU A 41 -0.84 -5.09 -1.81
CA LEU A 41 -0.88 -4.13 -2.92
C LEU A 41 -1.15 -4.83 -4.26
N ASN A 42 -0.49 -5.97 -4.54
CA ASN A 42 -0.72 -6.74 -5.79
C ASN A 42 -2.16 -7.31 -5.88
N GLU A 43 -2.69 -7.83 -4.76
CA GLU A 43 -4.03 -8.48 -4.73
C GLU A 43 -5.14 -7.44 -4.95
N ARG A 44 -5.01 -6.32 -4.23
CA ARG A 44 -5.94 -5.18 -4.27
C ARG A 44 -5.95 -4.52 -5.66
N MET A 45 -4.79 -4.51 -6.33
CA MET A 45 -4.62 -3.90 -7.65
C MET A 45 -4.95 -4.87 -8.80
N ASP A 46 -5.22 -6.15 -8.49
CA ASP A 46 -5.60 -7.13 -9.52
C ASP A 46 -6.85 -6.66 -10.33
N PRO A 47 -8.01 -6.26 -9.69
CA PRO A 47 -9.19 -5.77 -10.45
C PRO A 47 -8.96 -4.36 -11.05
N ILE A 48 -7.95 -3.66 -10.51
CA ILE A 48 -7.59 -2.28 -10.89
C ILE A 48 -6.84 -2.28 -12.25
N LYS A 49 -5.97 -3.31 -12.49
CA LYS A 49 -5.20 -3.44 -13.74
C LYS A 49 -6.16 -3.69 -14.92
N LYS A 50 -7.26 -4.42 -14.60
CA LYS A 50 -8.36 -4.69 -15.55
C LYS A 50 -9.08 -3.39 -15.96
N LEU A 51 -9.00 -2.35 -15.10
CA LEU A 51 -9.67 -1.06 -15.36
C LEU A 51 -8.75 -0.14 -16.19
N GLY A 52 -7.42 -0.29 -15.98
CA GLY A 52 -6.41 0.31 -16.85
C GLY A 52 -6.32 1.82 -16.73
N CYS A 53 -6.00 2.30 -15.51
CA CYS A 53 -5.86 3.73 -15.24
C CYS A 53 -4.42 4.22 -15.48
N LYS A 54 -4.32 5.31 -16.28
CA LYS A 54 -3.05 6.03 -16.53
C LYS A 54 -2.59 6.75 -15.24
N ARG A 55 -3.50 6.87 -14.27
CA ARG A 55 -3.19 7.42 -12.95
C ARG A 55 -4.19 6.87 -11.92
N VAL A 56 -3.65 6.41 -10.78
CA VAL A 56 -4.43 5.78 -9.70
C VAL A 56 -4.12 6.50 -8.37
N ARG A 57 -5.08 6.48 -7.44
CA ARG A 57 -4.89 7.05 -6.10
C ARG A 57 -4.98 5.91 -5.08
N ILE A 58 -3.95 5.77 -4.24
CA ILE A 58 -3.89 4.74 -3.20
C ILE A 58 -3.79 5.43 -1.84
N SER A 59 -4.68 5.07 -0.92
CA SER A 59 -4.68 5.59 0.45
C SER A 59 -4.51 4.40 1.40
N ILE A 60 -3.43 4.41 2.21
CA ILE A 60 -3.15 3.34 3.19
C ILE A 60 -3.12 3.89 4.63
N ARG A 61 -4.01 3.36 5.47
CA ARG A 61 -4.08 3.71 6.90
C ARG A 61 -3.59 2.53 7.74
N VAL A 62 -2.68 2.80 8.68
CA VAL A 62 -2.04 1.76 9.49
C VAL A 62 -2.58 1.83 10.93
N LYS A 63 -2.84 0.68 11.56
CA LYS A 63 -3.41 0.62 12.92
C LYS A 63 -2.26 0.66 13.90
N HIS A 64 -2.34 1.55 14.88
CA HIS A 64 -1.36 1.62 15.96
C HIS A 64 -1.93 1.04 17.25
N SER A 65 -1.10 0.23 17.92
CA SER A 65 -1.46 -0.41 19.19
C SER A 65 -1.59 0.62 20.33
N ASP A 66 -0.50 1.36 20.58
CA ASP A 66 -0.43 2.39 21.64
C ASP A 66 -0.84 3.77 21.11
N ALA A 67 -1.02 4.72 22.04
CA ALA A 67 -1.32 6.13 21.72
C ALA A 67 -0.05 7.01 21.80
N ALA A 68 0.88 6.66 22.71
CA ALA A 68 2.18 7.35 22.85
C ALA A 68 3.15 6.95 21.71
N GLU A 69 3.30 5.62 21.54
CA GLU A 69 4.28 4.98 20.61
C GLU A 69 3.93 5.22 19.13
N GLU A 70 2.64 5.42 18.86
CA GLU A 70 2.07 5.49 17.51
C GLU A 70 2.83 6.45 16.58
N LYS A 71 3.38 7.52 17.16
CA LYS A 71 4.17 8.53 16.44
C LYS A 71 5.46 7.88 15.86
N LYS A 72 6.13 7.09 16.74
CA LYS A 72 7.35 6.35 16.41
C LYS A 72 7.03 5.20 15.43
N GLU A 73 5.88 4.53 15.65
CA GLU A 73 5.39 3.39 14.83
C GLU A 73 5.06 3.82 13.39
N ALA A 74 4.52 5.05 13.24
CA ALA A 74 4.24 5.64 11.93
C ALA A 74 5.55 5.87 11.16
N LYS A 75 6.58 6.38 11.88
CA LYS A 75 7.95 6.57 11.34
C LYS A 75 8.59 5.23 10.90
N LYS A 76 8.39 4.18 11.70
CA LYS A 76 8.89 2.82 11.43
C LYS A 76 8.25 2.29 10.14
N PHE A 77 6.91 2.41 10.09
CA PHE A 77 6.07 1.86 9.01
C PHE A 77 6.30 2.66 7.71
N ALA A 78 6.63 3.95 7.87
CA ALA A 78 6.99 4.85 6.77
C ALA A 78 8.17 4.29 5.98
N ALA A 79 9.18 3.80 6.72
CA ALA A 79 10.36 3.14 6.14
C ALA A 79 9.96 1.84 5.43
N ILE A 80 9.03 1.09 6.07
CA ILE A 80 8.50 -0.19 5.57
C ILE A 80 7.81 -0.01 4.21
N LEU A 81 6.83 0.91 4.14
CA LEU A 81 6.05 1.20 2.91
C LEU A 81 6.96 1.85 1.85
N ASN A 82 7.91 2.68 2.33
CA ASN A 82 8.91 3.36 1.47
C ASN A 82 9.71 2.32 0.66
N LYS A 83 10.12 1.25 1.34
CA LYS A 83 10.85 0.12 0.71
C LYS A 83 9.92 -0.66 -0.23
N VAL A 84 8.67 -0.91 0.23
CA VAL A 84 7.67 -1.70 -0.52
C VAL A 84 7.33 -1.02 -1.86
N PHE A 85 6.96 0.28 -1.78
CA PHE A 85 6.54 1.09 -2.95
C PHE A 85 7.74 1.33 -3.91
N ALA A 86 8.94 1.48 -3.34
CA ALA A 86 10.19 1.62 -4.12
C ALA A 86 10.51 0.35 -4.95
N GLU A 87 10.12 -0.82 -4.40
CA GLU A 87 10.30 -2.14 -5.06
C GLU A 87 9.19 -2.40 -6.11
N LEU A 88 8.07 -1.64 -6.04
CA LEU A 88 6.86 -1.90 -6.87
C LEU A 88 6.81 -0.90 -8.05
N GLY A 89 7.70 0.10 -8.03
CA GLY A 89 7.88 1.04 -9.14
C GLY A 89 7.42 2.45 -8.83
N TYR A 90 7.21 2.75 -7.55
CA TYR A 90 6.85 4.11 -7.08
C TYR A 90 8.10 4.81 -6.55
N ASN A 91 8.21 6.10 -6.87
CA ASN A 91 9.33 6.96 -6.46
C ASN A 91 8.97 7.72 -5.16
N ASP A 92 9.96 8.34 -4.51
CA ASP A 92 9.79 9.15 -3.28
C ASP A 92 8.77 10.29 -3.50
N SER A 93 8.74 10.82 -4.73
CA SER A 93 7.82 11.91 -5.15
C SER A 93 6.37 11.40 -5.38
N ASN A 94 6.13 10.07 -5.25
CA ASN A 94 4.80 9.45 -5.46
C ASN A 94 4.09 9.23 -4.11
N VAL A 95 4.86 9.26 -3.00
CA VAL A 95 4.38 8.89 -1.64
C VAL A 95 4.37 10.13 -0.72
N THR A 96 3.19 10.48 -0.17
CA THR A 96 3.01 11.62 0.76
C THR A 96 2.31 11.13 2.05
N TRP A 97 2.95 11.35 3.21
CA TRP A 97 2.40 10.98 4.53
C TRP A 97 1.61 12.13 5.16
N ASP A 98 0.43 11.77 5.68
CA ASP A 98 -0.43 12.64 6.50
C ASP A 98 -0.89 11.81 7.73
N GLY A 99 -0.11 11.93 8.82
CA GLY A 99 -0.38 11.23 10.08
C GLY A 99 -0.25 9.71 9.98
N ASP A 100 -1.33 9.00 10.35
CA ASP A 100 -1.38 7.51 10.31
C ASP A 100 -1.80 6.99 8.93
N THR A 101 -1.99 7.93 7.99
CA THR A 101 -2.48 7.62 6.64
C THR A 101 -1.51 8.17 5.58
N VAL A 102 -1.13 7.32 4.59
CA VAL A 102 -0.26 7.75 3.49
C VAL A 102 -1.04 7.73 2.16
N THR A 103 -0.86 8.78 1.35
CA THR A 103 -1.49 8.95 0.04
C THR A 103 -0.41 8.76 -1.03
N VAL A 104 -0.62 7.78 -1.92
CA VAL A 104 0.34 7.40 -2.96
C VAL A 104 -0.34 7.52 -4.32
N GLU A 105 0.26 8.28 -5.25
CA GLU A 105 -0.32 8.52 -6.57
C GLU A 105 0.72 8.26 -7.65
N GLY A 106 0.27 7.71 -8.78
CA GLY A 106 1.13 7.44 -9.93
C GLY A 106 0.41 6.63 -10.99
N GLN A 107 1.12 6.27 -12.07
CA GLN A 107 0.58 5.47 -13.17
C GLN A 107 0.49 3.96 -12.81
N LEU A 108 -0.60 3.32 -13.25
CA LEU A 108 -0.87 1.88 -13.01
C LEU A 108 0.13 1.08 -13.86
N GLU A 109 0.95 0.21 -13.24
CA GLU A 109 1.81 -0.71 -14.00
C GLU A 109 1.02 -2.00 -14.25
N GLY A 110 0.63 -2.21 -15.51
CA GLY A 110 -0.18 -3.36 -15.92
C GLY A 110 -1.52 -2.94 -16.49
N VAL A 111 -1.54 -1.75 -17.16
CA VAL A 111 -2.76 -1.19 -17.77
C VAL A 111 -3.27 -2.16 -18.86
N ASP A 112 -4.42 -2.80 -18.58
CA ASP A 112 -5.20 -3.60 -19.55
C ASP A 112 -4.31 -4.59 -20.36
N LEU A 113 -3.55 -5.44 -19.63
CA LEU A 113 -2.71 -6.49 -20.24
C LEU A 113 -3.45 -7.84 -20.20
N GLU A 114 -2.96 -8.81 -20.96
CA GLU A 114 -3.55 -10.16 -21.06
C GLU A 114 -3.63 -10.82 -19.66
N HIS A 115 -4.72 -11.60 -19.45
CA HIS A 115 -5.03 -12.32 -18.19
C HIS A 115 -5.55 -11.40 -17.05
N HIS A 116 -5.90 -10.12 -17.37
CA HIS A 116 -6.50 -9.21 -16.35
C HIS A 116 -8.03 -9.18 -16.54
N HIS A 117 -8.45 -9.42 -17.81
CA HIS A 117 -9.87 -9.42 -18.21
C HIS A 117 -10.29 -10.89 -18.28
N HIS A 118 -10.62 -11.43 -17.11
CA HIS A 118 -11.08 -12.82 -16.93
C HIS A 118 -12.57 -12.96 -17.31
N HIS A 119 -12.90 -14.07 -17.98
CA HIS A 119 -14.26 -14.37 -18.45
C HIS A 119 -14.72 -15.74 -17.92
N HIS A 120 -14.19 -16.12 -16.73
CA HIS A 120 -14.43 -17.42 -16.09
C HIS A 120 -15.50 -17.26 -14.97
N MET A 1 2.87 -4.93 13.37
CA MET A 1 4.31 -4.55 13.36
C MET A 1 5.20 -5.81 13.32
N SER A 2 6.44 -5.65 13.81
CA SER A 2 7.36 -6.78 14.09
C SER A 2 7.07 -7.36 15.49
N GLY A 3 6.45 -8.56 15.55
CA GLY A 3 6.16 -9.21 16.83
C GLY A 3 4.78 -8.80 17.32
N LYS A 4 4.12 -7.93 16.55
CA LYS A 4 2.76 -7.45 16.84
C LYS A 4 1.89 -7.48 15.58
N LYS A 5 0.56 -7.50 15.78
CA LYS A 5 -0.41 -7.58 14.69
C LYS A 5 -0.86 -6.16 14.34
N VAL A 6 -0.88 -5.87 13.06
CA VAL A 6 -1.21 -4.55 12.49
C VAL A 6 -2.32 -4.75 11.46
N GLU A 7 -3.27 -3.81 11.38
CA GLU A 7 -4.25 -3.77 10.30
C GLU A 7 -3.87 -2.64 9.32
N VAL A 8 -3.88 -2.98 8.03
CA VAL A 8 -3.54 -2.10 6.91
C VAL A 8 -4.79 -1.91 6.05
N GLN A 9 -5.23 -0.67 5.90
CA GLN A 9 -6.42 -0.32 5.14
C GLN A 9 -5.97 0.34 3.84
N VAL A 10 -6.33 -0.27 2.70
CA VAL A 10 -5.95 0.19 1.36
C VAL A 10 -7.20 0.69 0.62
N LYS A 11 -7.19 1.98 0.26
CA LYS A 11 -8.32 2.65 -0.39
C LYS A 11 -7.80 3.25 -1.71
N ILE A 12 -8.31 2.74 -2.82
CA ILE A 12 -7.83 3.10 -4.17
C ILE A 12 -9.01 3.56 -5.05
N THR A 13 -8.83 4.68 -5.77
CA THR A 13 -9.82 5.18 -6.72
C THR A 13 -9.34 4.88 -8.16
N CYS A 14 -10.21 4.22 -8.94
CA CYS A 14 -9.92 3.76 -10.30
C CYS A 14 -11.12 4.07 -11.21
N ASN A 15 -10.87 4.94 -12.22
CA ASN A 15 -11.88 5.43 -13.20
C ASN A 15 -13.00 6.26 -12.53
N GLY A 16 -12.70 6.86 -11.36
CA GLY A 16 -13.65 7.69 -10.62
C GLY A 16 -14.45 6.92 -9.59
N LYS A 17 -14.20 5.59 -9.48
CA LYS A 17 -14.88 4.71 -8.51
C LYS A 17 -13.88 4.22 -7.46
N THR A 18 -14.30 4.29 -6.17
CA THR A 18 -13.42 4.05 -5.02
C THR A 18 -13.62 2.60 -4.50
N TYR A 19 -12.51 1.87 -4.37
CA TYR A 19 -12.48 0.48 -3.86
C TYR A 19 -11.58 0.42 -2.60
N GLU A 20 -12.12 -0.05 -1.47
CA GLU A 20 -11.36 -0.10 -0.19
C GLU A 20 -11.43 -1.50 0.43
N ARG A 21 -10.33 -1.93 1.08
CA ARG A 21 -10.25 -3.24 1.77
C ARG A 21 -9.25 -3.16 2.93
N THR A 22 -9.63 -3.74 4.07
CA THR A 22 -8.78 -3.81 5.26
C THR A 22 -8.14 -5.22 5.36
N TYR A 23 -6.82 -5.25 5.59
CA TYR A 23 -6.01 -6.47 5.64
C TYR A 23 -5.39 -6.60 7.04
N GLN A 24 -5.34 -7.82 7.58
CA GLN A 24 -4.65 -8.12 8.85
C GLN A 24 -3.28 -8.75 8.53
N LEU A 25 -2.21 -8.09 8.99
CA LEU A 25 -0.82 -8.56 8.83
C LEU A 25 -0.21 -8.87 10.20
N TYR A 26 0.60 -9.94 10.26
CA TYR A 26 1.43 -10.28 11.43
C TYR A 26 2.77 -10.85 10.95
N ALA A 27 3.89 -10.29 11.45
CA ALA A 27 5.24 -10.72 11.02
C ALA A 27 6.20 -10.71 12.20
N VAL A 28 7.28 -11.52 12.06
CA VAL A 28 8.35 -11.66 13.06
C VAL A 28 9.49 -10.67 12.74
N ARG A 29 9.89 -10.66 11.46
CA ARG A 29 11.00 -9.81 10.96
C ARG A 29 10.43 -8.64 10.15
N ASP A 30 11.19 -7.53 10.12
CA ASP A 30 10.81 -6.30 9.39
C ASP A 30 10.64 -6.62 7.88
N GLU A 31 11.54 -7.47 7.36
CA GLU A 31 11.58 -7.90 5.94
C GLU A 31 10.33 -8.73 5.57
N GLU A 32 9.86 -9.51 6.55
CA GLU A 32 8.65 -10.34 6.41
C GLU A 32 7.39 -9.48 6.24
N LEU A 33 7.26 -8.40 7.02
CA LEU A 33 6.12 -7.46 6.91
C LEU A 33 6.15 -6.72 5.54
N LYS A 34 7.36 -6.36 5.10
CA LYS A 34 7.61 -5.63 3.83
C LYS A 34 7.02 -6.37 2.60
N GLU A 35 7.38 -7.66 2.45
CA GLU A 35 6.90 -8.56 1.38
C GLU A 35 5.37 -8.84 1.50
N LYS A 36 4.88 -8.84 2.74
CA LYS A 36 3.45 -8.99 3.04
C LYS A 36 2.64 -7.77 2.56
N LEU A 37 3.23 -6.57 2.73
CA LEU A 37 2.67 -5.31 2.18
C LEU A 37 2.67 -5.33 0.64
N LYS A 38 3.75 -5.90 0.04
CA LYS A 38 3.83 -6.11 -1.42
C LYS A 38 2.68 -7.00 -1.91
N LYS A 39 2.41 -8.07 -1.14
CA LYS A 39 1.29 -8.98 -1.44
C LYS A 39 -0.07 -8.28 -1.32
N VAL A 40 -0.25 -7.48 -0.26
CA VAL A 40 -1.46 -6.65 -0.04
C VAL A 40 -1.72 -5.67 -1.21
N LEU A 41 -0.66 -4.98 -1.64
CA LEU A 41 -0.72 -4.06 -2.79
C LEU A 41 -1.03 -4.82 -4.10
N ASN A 42 -0.30 -5.92 -4.37
CA ASN A 42 -0.48 -6.72 -5.60
C ASN A 42 -1.91 -7.33 -5.68
N GLU A 43 -2.44 -7.82 -4.53
CA GLU A 43 -3.81 -8.40 -4.48
C GLU A 43 -4.86 -7.31 -4.80
N ARG A 44 -4.64 -6.11 -4.26
CA ARG A 44 -5.49 -4.94 -4.51
C ARG A 44 -5.42 -4.50 -5.98
N MET A 45 -4.21 -4.54 -6.57
CA MET A 45 -3.95 -3.96 -7.90
C MET A 45 -4.27 -4.92 -9.04
N ASP A 46 -4.45 -6.21 -8.73
CA ASP A 46 -4.77 -7.24 -9.74
C ASP A 46 -6.10 -6.87 -10.48
N PRO A 47 -7.27 -6.67 -9.76
CA PRO A 47 -8.56 -6.31 -10.42
C PRO A 47 -8.54 -4.87 -10.98
N ILE A 48 -7.65 -4.03 -10.42
CA ILE A 48 -7.53 -2.59 -10.78
C ILE A 48 -7.00 -2.42 -12.24
N LYS A 49 -6.09 -3.32 -12.68
CA LYS A 49 -5.55 -3.33 -14.06
C LYS A 49 -6.63 -3.85 -15.05
N LYS A 50 -7.38 -4.85 -14.57
CA LYS A 50 -8.57 -5.39 -15.26
C LYS A 50 -9.64 -4.29 -15.47
N LEU A 51 -9.70 -3.32 -14.54
CA LEU A 51 -10.62 -2.16 -14.64
C LEU A 51 -10.12 -1.14 -15.67
N GLY A 52 -8.76 -1.05 -15.79
CA GLY A 52 -8.12 -0.36 -16.90
C GLY A 52 -8.28 1.15 -16.81
N CYS A 53 -7.88 1.72 -15.67
CA CYS A 53 -7.85 3.18 -15.46
C CYS A 53 -6.49 3.76 -15.87
N LYS A 54 -6.48 5.05 -16.25
CA LYS A 54 -5.26 5.77 -16.65
C LYS A 54 -4.25 5.81 -15.49
N ARG A 55 -4.61 6.58 -14.45
CA ARG A 55 -3.82 6.70 -13.23
C ARG A 55 -4.74 6.47 -12.02
N VAL A 56 -4.16 6.03 -10.91
CA VAL A 56 -4.92 5.68 -9.69
C VAL A 56 -4.27 6.34 -8.48
N ARG A 57 -5.09 6.62 -7.46
CA ARG A 57 -4.63 7.16 -6.18
C ARG A 57 -4.94 6.16 -5.08
N ILE A 58 -3.91 5.79 -4.31
CA ILE A 58 -3.98 4.75 -3.28
C ILE A 58 -3.69 5.41 -1.92
N SER A 59 -4.55 5.15 -0.94
CA SER A 59 -4.39 5.61 0.43
C SER A 59 -4.16 4.38 1.32
N ILE A 60 -3.05 4.39 2.08
CA ILE A 60 -2.71 3.29 3.01
C ILE A 60 -2.72 3.82 4.44
N ARG A 61 -3.61 3.27 5.28
CA ARG A 61 -3.71 3.67 6.69
C ARG A 61 -3.34 2.48 7.57
N VAL A 62 -2.47 2.72 8.54
CA VAL A 62 -1.91 1.67 9.41
C VAL A 62 -2.53 1.80 10.81
N LYS A 63 -2.87 0.66 11.43
CA LYS A 63 -3.42 0.65 12.78
C LYS A 63 -2.26 0.54 13.79
N HIS A 64 -2.28 1.42 14.80
CA HIS A 64 -1.25 1.53 15.83
C HIS A 64 -1.70 0.84 17.12
N SER A 65 -0.75 0.22 17.85
CA SER A 65 -1.03 -0.60 19.04
C SER A 65 -1.80 0.22 20.12
N ASP A 66 -1.34 1.45 20.35
CA ASP A 66 -1.87 2.34 21.41
C ASP A 66 -1.48 3.79 21.07
N ALA A 67 -2.08 4.77 21.79
CA ALA A 67 -1.87 6.23 21.55
C ALA A 67 -0.39 6.66 21.64
N ALA A 68 0.29 6.23 22.72
CA ALA A 68 1.71 6.55 22.96
C ALA A 68 2.59 5.86 21.90
N GLU A 69 2.17 4.66 21.50
CA GLU A 69 2.92 3.79 20.56
C GLU A 69 2.98 4.41 19.16
N GLU A 70 1.93 5.21 18.81
CA GLU A 70 1.66 5.78 17.45
C GLU A 70 2.87 6.46 16.76
N LYS A 71 3.56 7.31 17.51
CA LYS A 71 4.67 8.14 17.00
C LYS A 71 5.83 7.26 16.54
N LYS A 72 6.21 6.32 17.41
CA LYS A 72 7.33 5.40 17.18
C LYS A 72 7.00 4.38 16.05
N GLU A 73 5.76 3.83 16.08
CA GLU A 73 5.28 2.79 15.14
C GLU A 73 5.07 3.40 13.73
N ALA A 74 4.60 4.66 13.72
CA ALA A 74 4.42 5.42 12.47
C ALA A 74 5.76 5.66 11.76
N LYS A 75 6.77 6.13 12.53
CA LYS A 75 8.16 6.33 12.06
C LYS A 75 8.78 5.01 11.51
N LYS A 76 8.61 3.95 12.30
CA LYS A 76 9.09 2.58 12.01
C LYS A 76 8.40 2.02 10.76
N PHE A 77 7.07 2.09 10.74
CA PHE A 77 6.26 1.54 9.65
C PHE A 77 6.43 2.38 8.37
N ALA A 78 6.66 3.69 8.55
CA ALA A 78 6.93 4.63 7.44
C ALA A 78 8.16 4.19 6.64
N ALA A 79 9.23 3.78 7.37
CA ALA A 79 10.46 3.24 6.77
C ALA A 79 10.16 1.96 5.97
N ILE A 80 9.29 1.11 6.55
CA ILE A 80 8.86 -0.17 5.96
C ILE A 80 8.11 0.09 4.64
N LEU A 81 7.12 1.00 4.67
CA LEU A 81 6.26 1.31 3.52
C LEU A 81 7.10 1.97 2.40
N ASN A 82 7.96 2.93 2.82
CA ASN A 82 8.85 3.70 1.93
C ASN A 82 9.82 2.79 1.17
N LYS A 83 10.35 1.78 1.88
CA LYS A 83 11.20 0.73 1.28
C LYS A 83 10.41 -0.12 0.28
N VAL A 84 9.17 -0.50 0.65
CA VAL A 84 8.27 -1.31 -0.21
C VAL A 84 7.94 -0.56 -1.51
N PHE A 85 7.62 0.74 -1.34
CA PHE A 85 7.24 1.62 -2.45
C PHE A 85 8.40 1.77 -3.45
N ALA A 86 9.62 2.01 -2.92
CA ALA A 86 10.85 2.12 -3.75
C ALA A 86 11.23 0.77 -4.41
N GLU A 87 10.94 -0.34 -3.70
CA GLU A 87 11.24 -1.71 -4.17
C GLU A 87 10.20 -2.18 -5.21
N LEU A 88 9.04 -1.50 -5.24
CA LEU A 88 7.95 -1.81 -6.20
C LEU A 88 8.01 -0.87 -7.43
N GLY A 89 8.85 0.18 -7.35
CA GLY A 89 9.08 1.10 -8.47
C GLY A 89 8.26 2.39 -8.41
N TYR A 90 7.86 2.79 -7.19
CA TYR A 90 7.15 4.06 -6.94
C TYR A 90 8.20 5.12 -6.61
N ASN A 91 8.00 6.35 -7.11
CA ASN A 91 8.93 7.48 -6.88
C ASN A 91 8.65 8.13 -5.50
N ASP A 92 9.71 8.70 -4.88
CA ASP A 92 9.64 9.39 -3.56
C ASP A 92 8.62 10.55 -3.59
N SER A 93 8.55 11.22 -4.75
CA SER A 93 7.60 12.32 -5.02
C SER A 93 6.14 11.80 -5.11
N ASN A 94 5.96 10.64 -5.79
CA ASN A 94 4.64 9.98 -5.98
C ASN A 94 4.03 9.51 -4.64
N VAL A 95 4.88 9.45 -3.62
CA VAL A 95 4.49 9.05 -2.26
C VAL A 95 4.41 10.30 -1.37
N THR A 96 3.21 10.57 -0.81
CA THR A 96 2.95 11.74 0.05
C THR A 96 2.41 11.26 1.42
N TRP A 97 3.15 11.59 2.50
CA TRP A 97 2.75 11.21 3.87
C TRP A 97 1.91 12.33 4.51
N ASP A 98 0.78 11.95 5.10
CA ASP A 98 -0.06 12.85 5.92
C ASP A 98 -0.48 12.09 7.18
N GLY A 99 0.31 12.24 8.26
CA GLY A 99 0.04 11.60 9.54
C GLY A 99 0.23 10.09 9.49
N ASP A 100 -0.81 9.34 9.90
CA ASP A 100 -0.79 7.87 10.02
C ASP A 100 -1.21 7.21 8.68
N THR A 101 -1.44 8.06 7.67
CA THR A 101 -1.96 7.66 6.37
C THR A 101 -1.03 8.18 5.25
N VAL A 102 -0.65 7.31 4.31
CA VAL A 102 0.21 7.69 3.17
C VAL A 102 -0.57 7.52 1.84
N THR A 103 -0.46 8.54 0.99
CA THR A 103 -1.14 8.62 -0.31
C THR A 103 -0.09 8.41 -1.42
N VAL A 104 -0.28 7.36 -2.23
CA VAL A 104 0.65 7.01 -3.31
C VAL A 104 -0.11 7.05 -4.64
N GLU A 105 0.43 7.76 -5.64
CA GLU A 105 -0.19 7.83 -6.98
C GLU A 105 0.71 7.15 -8.00
N GLY A 106 0.09 6.46 -8.96
CA GLY A 106 0.82 5.74 -10.00
C GLY A 106 -0.03 5.63 -11.25
N GLN A 107 0.58 5.17 -12.34
CA GLN A 107 -0.11 4.98 -13.62
C GLN A 107 -0.16 3.47 -13.94
N LEU A 108 -1.30 3.00 -14.46
CA LEU A 108 -1.54 1.56 -14.68
C LEU A 108 -0.94 1.06 -15.99
N GLU A 109 -0.52 -0.21 -15.97
CA GLU A 109 -0.03 -0.94 -17.15
C GLU A 109 -1.21 -1.24 -18.11
N GLY A 110 -2.34 -1.68 -17.50
CA GLY A 110 -3.56 -2.02 -18.22
C GLY A 110 -3.46 -3.35 -18.94
N VAL A 111 -4.52 -3.68 -19.74
CA VAL A 111 -4.59 -4.84 -20.65
C VAL A 111 -4.98 -6.16 -19.91
N ASP A 112 -4.19 -6.48 -18.87
CA ASP A 112 -4.31 -7.67 -18.01
C ASP A 112 -5.72 -7.81 -17.40
N LEU A 113 -6.45 -8.85 -17.86
CA LEU A 113 -7.80 -9.20 -17.38
C LEU A 113 -7.70 -10.49 -16.52
N GLU A 114 -8.60 -10.65 -15.54
CA GLU A 114 -8.65 -11.86 -14.69
C GLU A 114 -9.46 -13.00 -15.34
N HIS A 115 -9.02 -14.24 -15.10
CA HIS A 115 -9.66 -15.46 -15.67
C HIS A 115 -10.33 -16.26 -14.53
N HIS A 116 -10.68 -15.55 -13.43
CA HIS A 116 -11.33 -16.15 -12.25
C HIS A 116 -12.86 -16.22 -12.48
N HIS A 117 -13.47 -17.27 -11.93
CA HIS A 117 -14.93 -17.54 -12.06
C HIS A 117 -15.49 -17.87 -10.67
N HIS A 118 -14.99 -17.12 -9.66
CA HIS A 118 -15.41 -17.28 -8.26
C HIS A 118 -16.84 -16.74 -8.07
N HIS A 119 -17.28 -15.88 -9.02
CA HIS A 119 -18.62 -15.27 -9.01
C HIS A 119 -19.72 -16.35 -9.12
N HIS A 120 -20.76 -16.21 -8.29
CA HIS A 120 -21.91 -17.13 -8.22
C HIS A 120 -23.16 -16.40 -8.74
N MET A 1 5.23 -14.12 11.08
CA MET A 1 3.86 -14.52 11.48
C MET A 1 3.96 -15.56 12.61
N SER A 2 4.52 -15.14 13.76
CA SER A 2 4.36 -15.86 15.04
C SER A 2 4.44 -14.87 16.23
N GLY A 3 4.48 -13.57 15.92
CA GLY A 3 4.82 -12.53 16.89
C GLY A 3 3.65 -11.58 17.13
N LYS A 4 3.60 -10.51 16.31
CA LYS A 4 2.70 -9.36 16.53
C LYS A 4 1.78 -9.13 15.33
N LYS A 5 0.72 -8.33 15.55
CA LYS A 5 -0.30 -8.04 14.56
C LYS A 5 -0.33 -6.54 14.31
N VAL A 6 -0.50 -6.20 13.03
CA VAL A 6 -0.81 -4.84 12.56
C VAL A 6 -1.92 -4.97 11.50
N GLU A 7 -2.82 -3.98 11.47
CA GLU A 7 -3.88 -3.92 10.45
C GLU A 7 -3.53 -2.78 9.46
N VAL A 8 -3.71 -3.11 8.17
CA VAL A 8 -3.44 -2.23 7.04
C VAL A 8 -4.75 -2.02 6.25
N GLN A 9 -5.23 -0.76 6.22
CA GLN A 9 -6.48 -0.41 5.53
C GLN A 9 -6.12 0.29 4.21
N VAL A 10 -6.50 -0.36 3.09
CA VAL A 10 -6.11 0.06 1.75
C VAL A 10 -7.34 0.58 0.99
N LYS A 11 -7.29 1.86 0.57
CA LYS A 11 -8.33 2.53 -0.22
C LYS A 11 -7.72 2.91 -1.57
N ILE A 12 -8.26 2.39 -2.68
CA ILE A 12 -7.75 2.70 -4.03
C ILE A 12 -8.88 3.17 -4.95
N THR A 13 -8.62 4.24 -5.70
CA THR A 13 -9.55 4.77 -6.69
C THR A 13 -9.00 4.46 -8.11
N CYS A 14 -9.86 3.85 -8.94
CA CYS A 14 -9.52 3.37 -10.31
C CYS A 14 -10.73 3.57 -11.23
N ASN A 15 -10.55 4.40 -12.28
CA ASN A 15 -11.60 4.81 -13.24
C ASN A 15 -12.71 5.64 -12.55
N GLY A 16 -12.37 6.26 -11.41
CA GLY A 16 -13.31 7.07 -10.63
C GLY A 16 -14.13 6.24 -9.64
N LYS A 17 -13.82 4.93 -9.53
CA LYS A 17 -14.49 3.98 -8.62
C LYS A 17 -13.52 3.59 -7.51
N THR A 18 -14.01 3.61 -6.26
CA THR A 18 -13.18 3.38 -5.07
C THR A 18 -13.39 1.94 -4.55
N TYR A 19 -12.29 1.21 -4.36
CA TYR A 19 -12.28 -0.12 -3.74
C TYR A 19 -11.50 0.00 -2.43
N GLU A 20 -12.13 -0.27 -1.28
CA GLU A 20 -11.50 -0.10 0.04
C GLU A 20 -11.74 -1.34 0.92
N ARG A 21 -10.67 -1.82 1.55
CA ARG A 21 -10.70 -3.03 2.38
C ARG A 21 -9.59 -2.96 3.46
N THR A 22 -9.94 -3.45 4.66
CA THR A 22 -9.03 -3.58 5.78
C THR A 22 -8.41 -5.00 5.82
N TYR A 23 -7.08 -5.08 5.91
CA TYR A 23 -6.32 -6.35 5.95
C TYR A 23 -5.62 -6.51 7.31
N GLN A 24 -5.53 -7.75 7.81
CA GLN A 24 -4.75 -8.07 9.02
C GLN A 24 -3.42 -8.73 8.61
N LEU A 25 -2.28 -8.09 8.95
CA LEU A 25 -0.93 -8.63 8.66
C LEU A 25 -0.24 -9.03 9.97
N TYR A 26 -0.03 -10.34 10.16
CA TYR A 26 0.62 -10.89 11.36
C TYR A 26 2.06 -11.31 11.02
N ALA A 27 3.04 -10.72 11.73
CA ALA A 27 4.47 -10.81 11.38
C ALA A 27 5.31 -10.75 12.66
N VAL A 28 6.57 -11.23 12.57
CA VAL A 28 7.55 -11.11 13.65
C VAL A 28 8.54 -9.98 13.30
N ARG A 29 9.14 -10.08 12.10
CA ARG A 29 10.19 -9.16 11.63
C ARG A 29 9.61 -8.12 10.67
N ASP A 30 10.29 -6.97 10.60
CA ASP A 30 9.93 -5.85 9.70
C ASP A 30 9.96 -6.32 8.22
N GLU A 31 11.00 -7.11 7.86
CA GLU A 31 11.20 -7.63 6.50
C GLU A 31 10.07 -8.60 6.10
N GLU A 32 9.56 -9.35 7.10
CA GLU A 32 8.41 -10.26 6.91
C GLU A 32 7.14 -9.46 6.55
N LEU A 33 6.93 -8.29 7.20
CA LEU A 33 5.76 -7.42 6.95
C LEU A 33 5.87 -6.78 5.53
N LYS A 34 7.09 -6.38 5.14
CA LYS A 34 7.36 -5.66 3.86
C LYS A 34 6.82 -6.43 2.63
N GLU A 35 7.19 -7.73 2.56
CA GLU A 35 6.76 -8.62 1.47
C GLU A 35 5.24 -8.85 1.51
N LYS A 36 4.64 -8.86 2.73
CA LYS A 36 3.19 -9.01 2.92
C LYS A 36 2.43 -7.79 2.35
N LEU A 37 3.00 -6.59 2.56
CA LEU A 37 2.46 -5.34 2.00
C LEU A 37 2.50 -5.38 0.46
N LYS A 38 3.61 -5.91 -0.10
CA LYS A 38 3.74 -6.13 -1.56
C LYS A 38 2.64 -7.07 -2.08
N LYS A 39 2.38 -8.17 -1.33
CA LYS A 39 1.35 -9.16 -1.73
C LYS A 39 -0.05 -8.52 -1.73
N VAL A 40 -0.38 -7.80 -0.62
CA VAL A 40 -1.69 -7.11 -0.44
C VAL A 40 -1.94 -6.07 -1.54
N LEU A 41 -0.90 -5.26 -1.83
CA LEU A 41 -0.95 -4.27 -2.91
C LEU A 41 -1.13 -4.94 -4.28
N ASN A 42 -0.34 -6.01 -4.58
CA ASN A 42 -0.44 -6.74 -5.87
C ASN A 42 -1.81 -7.41 -6.05
N GLU A 43 -2.31 -8.05 -4.97
CA GLU A 43 -3.58 -8.81 -5.01
C GLU A 43 -4.76 -7.83 -5.22
N ARG A 44 -4.69 -6.70 -4.50
CA ARG A 44 -5.68 -5.62 -4.59
C ARG A 44 -5.62 -4.90 -5.95
N MET A 45 -4.39 -4.68 -6.46
CA MET A 45 -4.16 -3.93 -7.71
C MET A 45 -4.18 -4.86 -8.93
N ASP A 46 -4.27 -6.18 -8.69
CA ASP A 46 -4.39 -7.18 -9.78
C ASP A 46 -5.63 -6.93 -10.70
N PRO A 47 -6.91 -6.76 -10.16
CA PRO A 47 -8.08 -6.42 -11.01
C PRO A 47 -8.05 -4.95 -11.50
N ILE A 48 -7.25 -4.12 -10.81
CA ILE A 48 -7.11 -2.68 -11.07
C ILE A 48 -6.41 -2.42 -12.41
N LYS A 49 -5.44 -3.31 -12.76
CA LYS A 49 -4.74 -3.27 -14.05
C LYS A 49 -5.69 -3.65 -15.19
N LYS A 50 -6.59 -4.61 -14.88
CA LYS A 50 -7.65 -5.07 -15.80
C LYS A 50 -8.65 -3.90 -16.07
N LEU A 51 -8.79 -2.99 -15.08
CA LEU A 51 -9.71 -1.83 -15.17
C LEU A 51 -9.08 -0.73 -16.06
N GLY A 52 -7.74 -0.67 -16.02
CA GLY A 52 -6.94 0.07 -17.00
C GLY A 52 -6.69 1.52 -16.64
N CYS A 53 -7.27 1.96 -15.49
CA CYS A 53 -7.04 3.31 -14.96
C CYS A 53 -5.55 3.67 -15.10
N LYS A 54 -5.26 4.62 -16.02
CA LYS A 54 -3.89 5.07 -16.35
C LYS A 54 -3.11 5.43 -15.08
N ARG A 55 -3.68 6.34 -14.28
CA ARG A 55 -3.11 6.77 -13.00
C ARG A 55 -4.03 6.30 -11.87
N VAL A 56 -3.45 5.92 -10.73
CA VAL A 56 -4.20 5.37 -9.59
C VAL A 56 -3.76 6.10 -8.31
N ARG A 57 -4.68 6.20 -7.33
CA ARG A 57 -4.38 6.77 -6.02
C ARG A 57 -4.74 5.74 -4.95
N ILE A 58 -3.78 5.47 -4.06
CA ILE A 58 -3.91 4.49 -2.98
C ILE A 58 -3.62 5.20 -1.64
N SER A 59 -4.56 5.14 -0.70
CA SER A 59 -4.40 5.67 0.65
C SER A 59 -4.38 4.48 1.62
N ILE A 60 -3.33 4.42 2.45
CA ILE A 60 -3.10 3.33 3.40
C ILE A 60 -3.07 3.89 4.84
N ARG A 61 -3.93 3.32 5.70
CA ARG A 61 -3.98 3.65 7.12
C ARG A 61 -3.51 2.42 7.89
N VAL A 62 -2.53 2.62 8.79
CA VAL A 62 -1.91 1.54 9.55
C VAL A 62 -2.37 1.64 11.01
N LYS A 63 -2.60 0.48 11.64
CA LYS A 63 -3.10 0.41 13.01
C LYS A 63 -1.90 0.39 13.97
N HIS A 64 -1.93 1.32 14.93
CA HIS A 64 -0.87 1.51 15.91
C HIS A 64 -1.26 0.83 17.22
N SER A 65 -0.29 0.13 17.82
CA SER A 65 -0.46 -0.65 19.05
C SER A 65 -0.48 0.23 20.32
N ASP A 66 0.04 1.48 20.21
CA ASP A 66 0.12 2.42 21.34
C ASP A 66 0.13 3.86 20.82
N ALA A 67 -0.88 4.67 21.22
CA ALA A 67 -1.02 6.09 20.86
C ALA A 67 0.23 6.95 21.22
N ALA A 68 0.99 6.52 22.24
CA ALA A 68 2.29 7.15 22.58
C ALA A 68 3.37 6.80 21.54
N GLU A 69 3.48 5.50 21.22
CA GLU A 69 4.49 5.00 20.27
C GLU A 69 4.13 5.33 18.81
N GLU A 70 2.82 5.59 18.55
CA GLU A 70 2.30 5.70 17.17
C GLU A 70 3.10 6.64 16.25
N LYS A 71 3.74 7.66 16.85
CA LYS A 71 4.57 8.64 16.12
C LYS A 71 5.81 7.92 15.55
N LYS A 72 6.42 7.12 16.43
CA LYS A 72 7.61 6.29 16.15
C LYS A 72 7.25 5.13 15.19
N GLU A 73 6.06 4.54 15.39
CA GLU A 73 5.54 3.42 14.57
C GLU A 73 5.19 3.89 13.16
N ALA A 74 4.66 5.14 13.05
CA ALA A 74 4.39 5.78 11.73
C ALA A 74 5.68 6.06 10.96
N LYS A 75 6.66 6.65 11.68
CA LYS A 75 8.01 6.91 11.16
C LYS A 75 8.63 5.60 10.66
N LYS A 76 8.46 4.55 11.49
CA LYS A 76 8.95 3.21 11.24
C LYS A 76 8.27 2.60 9.99
N PHE A 77 6.93 2.67 9.95
CA PHE A 77 6.09 2.10 8.87
C PHE A 77 6.32 2.86 7.56
N ALA A 78 6.66 4.16 7.69
CA ALA A 78 7.00 5.03 6.55
C ALA A 78 8.20 4.45 5.79
N ALA A 79 9.21 3.98 6.55
CA ALA A 79 10.40 3.31 6.00
C ALA A 79 10.01 1.95 5.37
N ILE A 80 9.10 1.23 6.06
CA ILE A 80 8.58 -0.07 5.61
C ILE A 80 7.95 0.07 4.19
N LEU A 81 7.00 1.03 4.08
CA LEU A 81 6.30 1.33 2.81
C LEU A 81 7.26 1.94 1.76
N ASN A 82 8.25 2.73 2.24
CA ASN A 82 9.26 3.37 1.35
C ASN A 82 9.99 2.30 0.52
N LYS A 83 10.33 1.18 1.17
CA LYS A 83 11.01 0.04 0.52
C LYS A 83 10.03 -0.73 -0.38
N VAL A 84 8.78 -0.88 0.09
CA VAL A 84 7.74 -1.63 -0.62
C VAL A 84 7.37 -0.93 -1.95
N PHE A 85 7.01 0.36 -1.85
CA PHE A 85 6.54 1.17 -2.99
C PHE A 85 7.65 1.40 -4.04
N ALA A 86 8.91 1.55 -3.57
CA ALA A 86 10.09 1.72 -4.44
C ALA A 86 10.34 0.45 -5.30
N GLU A 87 9.94 -0.70 -4.75
CA GLU A 87 10.08 -2.02 -5.41
C GLU A 87 8.89 -2.30 -6.36
N LEU A 88 7.81 -1.48 -6.26
CA LEU A 88 6.53 -1.73 -6.96
C LEU A 88 6.36 -0.74 -8.14
N GLY A 89 7.23 0.28 -8.21
CA GLY A 89 7.27 1.23 -9.33
C GLY A 89 6.81 2.63 -8.94
N TYR A 90 6.75 2.91 -7.63
CA TYR A 90 6.41 4.25 -7.11
C TYR A 90 7.68 5.01 -6.71
N ASN A 91 7.73 6.30 -7.06
CA ASN A 91 8.82 7.22 -6.66
C ASN A 91 8.52 7.82 -5.27
N ASP A 92 9.58 8.26 -4.58
CA ASP A 92 9.49 8.86 -3.22
C ASP A 92 8.47 10.00 -3.16
N SER A 93 8.53 10.89 -4.18
CA SER A 93 7.63 12.05 -4.33
C SER A 93 6.15 11.65 -4.51
N ASN A 94 5.90 10.42 -5.01
CA ASN A 94 4.53 9.89 -5.18
C ASN A 94 3.87 9.55 -3.84
N VAL A 95 4.69 9.51 -2.77
CA VAL A 95 4.27 9.13 -1.42
C VAL A 95 4.17 10.38 -0.51
N THR A 96 2.98 10.63 0.07
CA THR A 96 2.74 11.75 1.01
C THR A 96 2.10 11.24 2.32
N TRP A 97 2.81 11.43 3.45
CA TRP A 97 2.33 11.04 4.79
C TRP A 97 1.54 12.18 5.46
N ASP A 98 0.36 11.86 6.01
CA ASP A 98 -0.43 12.75 6.88
C ASP A 98 -0.89 11.95 8.11
N GLY A 99 -0.09 12.04 9.19
CA GLY A 99 -0.38 11.34 10.44
C GLY A 99 -0.23 9.82 10.31
N ASP A 100 -1.30 9.09 10.63
CA ASP A 100 -1.34 7.60 10.61
C ASP A 100 -1.75 7.09 9.21
N THR A 101 -1.99 8.01 8.26
CA THR A 101 -2.51 7.69 6.92
C THR A 101 -1.56 8.29 5.85
N VAL A 102 -1.18 7.46 4.88
CA VAL A 102 -0.32 7.86 3.76
C VAL A 102 -1.13 7.76 2.44
N THR A 103 -1.01 8.79 1.59
CA THR A 103 -1.63 8.82 0.27
C THR A 103 -0.52 8.73 -0.79
N VAL A 104 -0.62 7.72 -1.65
CA VAL A 104 0.39 7.40 -2.67
C VAL A 104 -0.31 7.37 -4.04
N GLU A 105 0.15 8.23 -4.97
CA GLU A 105 -0.50 8.37 -6.29
C GLU A 105 0.58 8.30 -7.38
N GLY A 106 0.31 7.52 -8.43
CA GLY A 106 1.26 7.30 -9.52
C GLY A 106 0.64 6.53 -10.69
N GLN A 107 1.39 6.44 -11.80
CA GLN A 107 0.92 5.78 -13.02
C GLN A 107 0.97 4.26 -12.85
N LEU A 108 -0.12 3.58 -13.26
CA LEU A 108 -0.23 2.12 -13.14
C LEU A 108 0.52 1.48 -14.33
N GLU A 109 1.43 0.54 -14.01
CA GLU A 109 2.34 -0.13 -14.98
C GLU A 109 3.22 0.89 -15.74
N GLY A 110 3.38 2.10 -15.15
CA GLY A 110 4.15 3.18 -15.76
C GLY A 110 5.64 2.84 -15.85
N VAL A 111 6.03 1.81 -15.08
CA VAL A 111 7.44 1.33 -15.04
C VAL A 111 7.60 0.00 -15.81
N ASP A 112 6.50 -0.51 -16.37
CA ASP A 112 6.46 -1.77 -17.12
C ASP A 112 5.27 -1.73 -18.10
N LEU A 113 5.37 -0.82 -19.09
CA LEU A 113 4.35 -0.68 -20.15
C LEU A 113 4.59 -1.70 -21.27
N GLU A 114 5.86 -1.95 -21.60
CA GLU A 114 6.27 -2.91 -22.64
C GLU A 114 6.24 -4.37 -22.15
N HIS A 115 5.28 -5.14 -22.69
CA HIS A 115 5.08 -6.56 -22.36
C HIS A 115 5.35 -7.45 -23.59
N HIS A 116 5.51 -6.82 -24.78
CA HIS A 116 5.78 -7.55 -26.04
C HIS A 116 7.30 -7.78 -26.15
N HIS A 117 8.04 -6.66 -26.28
CA HIS A 117 9.50 -6.69 -26.35
C HIS A 117 10.07 -6.65 -24.91
N HIS A 118 9.77 -7.71 -24.15
CA HIS A 118 10.20 -7.86 -22.75
C HIS A 118 10.53 -9.34 -22.48
N HIS A 119 11.80 -9.72 -22.70
CA HIS A 119 12.28 -11.12 -22.57
C HIS A 119 13.49 -11.16 -21.60
N HIS A 120 13.35 -10.46 -20.46
CA HIS A 120 14.43 -10.34 -19.45
C HIS A 120 13.92 -10.93 -18.10
N MET A 1 10.32 -14.89 16.71
CA MET A 1 10.41 -13.51 17.23
C MET A 1 9.06 -12.82 17.12
N SER A 2 7.97 -13.62 17.20
CA SER A 2 6.63 -13.20 16.77
C SER A 2 6.42 -11.74 17.21
N GLY A 3 6.01 -10.90 16.25
CA GLY A 3 5.89 -9.47 16.46
C GLY A 3 4.49 -9.11 16.86
N LYS A 4 4.09 -7.88 16.51
CA LYS A 4 2.78 -7.34 16.83
C LYS A 4 1.86 -7.39 15.61
N LYS A 5 0.56 -7.45 15.88
CA LYS A 5 -0.47 -7.48 14.85
C LYS A 5 -0.69 -6.01 14.45
N VAL A 6 -0.66 -5.76 13.14
CA VAL A 6 -0.96 -4.44 12.53
C VAL A 6 -2.02 -4.64 11.45
N GLU A 7 -2.98 -3.71 11.36
CA GLU A 7 -3.99 -3.73 10.30
C GLU A 7 -3.67 -2.59 9.33
N VAL A 8 -3.81 -2.93 8.05
CA VAL A 8 -3.53 -2.05 6.91
C VAL A 8 -4.85 -1.82 6.15
N GLN A 9 -5.29 -0.55 6.08
CA GLN A 9 -6.52 -0.19 5.35
C GLN A 9 -6.10 0.48 4.04
N VAL A 10 -6.42 -0.18 2.91
CA VAL A 10 -6.03 0.29 1.58
C VAL A 10 -7.28 0.72 0.81
N LYS A 11 -7.32 2.00 0.42
CA LYS A 11 -8.42 2.59 -0.32
C LYS A 11 -7.88 3.08 -1.67
N ILE A 12 -8.39 2.52 -2.76
CA ILE A 12 -7.97 2.88 -4.12
C ILE A 12 -9.20 3.22 -4.99
N THR A 13 -9.11 4.33 -5.74
CA THR A 13 -10.17 4.78 -6.63
C THR A 13 -9.76 4.45 -8.09
N CYS A 14 -10.67 3.80 -8.83
CA CYS A 14 -10.49 3.48 -10.26
C CYS A 14 -11.87 3.46 -10.94
N ASN A 15 -11.94 4.15 -12.12
CA ASN A 15 -13.16 4.31 -12.96
C ASN A 15 -14.30 5.06 -12.23
N GLY A 16 -13.96 5.84 -11.19
CA GLY A 16 -14.95 6.58 -10.40
C GLY A 16 -15.54 5.76 -9.27
N LYS A 17 -15.07 4.51 -9.13
CA LYS A 17 -15.56 3.59 -8.08
C LYS A 17 -14.48 3.42 -7.02
N THR A 18 -14.93 3.36 -5.76
CA THR A 18 -14.05 3.23 -4.60
C THR A 18 -13.89 1.73 -4.27
N TYR A 19 -12.63 1.25 -4.24
CA TYR A 19 -12.30 -0.12 -3.84
C TYR A 19 -11.45 -0.04 -2.58
N GLU A 20 -11.99 -0.48 -1.44
CA GLU A 20 -11.28 -0.41 -0.15
C GLU A 20 -11.45 -1.72 0.64
N ARG A 21 -10.34 -2.15 1.27
CA ARG A 21 -10.28 -3.41 2.01
C ARG A 21 -9.26 -3.24 3.16
N THR A 22 -9.62 -3.76 4.32
CA THR A 22 -8.77 -3.79 5.51
C THR A 22 -8.12 -5.19 5.61
N TYR A 23 -6.79 -5.22 5.81
CA TYR A 23 -5.99 -6.45 5.90
C TYR A 23 -5.38 -6.57 7.30
N GLN A 24 -5.34 -7.80 7.85
CA GLN A 24 -4.64 -8.07 9.12
C GLN A 24 -3.30 -8.73 8.80
N LEU A 25 -2.21 -8.08 9.21
CA LEU A 25 -0.83 -8.57 9.01
C LEU A 25 -0.21 -8.89 10.37
N TYR A 26 0.21 -10.15 10.55
CA TYR A 26 0.99 -10.57 11.71
C TYR A 26 2.28 -11.23 11.22
N ALA A 27 3.41 -10.65 11.64
CA ALA A 27 4.73 -10.98 11.08
C ALA A 27 5.71 -11.26 12.21
N VAL A 28 6.81 -11.96 11.89
CA VAL A 28 7.91 -12.20 12.82
C VAL A 28 9.03 -11.16 12.55
N ARG A 29 9.32 -10.94 11.26
CA ARG A 29 10.39 -10.02 10.86
C ARG A 29 9.82 -8.81 10.10
N ASP A 30 10.56 -7.70 10.15
CA ASP A 30 10.27 -6.48 9.39
C ASP A 30 10.27 -6.75 7.88
N GLU A 31 11.20 -7.63 7.42
CA GLU A 31 11.29 -8.08 6.01
C GLU A 31 10.03 -8.85 5.59
N GLU A 32 9.49 -9.65 6.52
CA GLU A 32 8.27 -10.44 6.31
C GLU A 32 7.03 -9.53 6.16
N LEU A 33 6.95 -8.48 7.01
CA LEU A 33 5.91 -7.46 6.94
C LEU A 33 5.98 -6.67 5.61
N LYS A 34 7.23 -6.36 5.16
CA LYS A 34 7.50 -5.62 3.89
C LYS A 34 6.93 -6.37 2.66
N GLU A 35 7.23 -7.68 2.56
CA GLU A 35 6.75 -8.55 1.47
C GLU A 35 5.23 -8.82 1.58
N LYS A 36 4.71 -8.76 2.82
CA LYS A 36 3.27 -8.84 3.10
C LYS A 36 2.56 -7.60 2.54
N LEU A 37 3.17 -6.42 2.75
CA LEU A 37 2.70 -5.14 2.20
C LEU A 37 2.77 -5.13 0.67
N LYS A 38 3.82 -5.77 0.10
CA LYS A 38 3.95 -5.96 -1.35
C LYS A 38 2.76 -6.79 -1.88
N LYS A 39 2.41 -7.87 -1.15
CA LYS A 39 1.26 -8.73 -1.51
C LYS A 39 -0.07 -7.97 -1.40
N VAL A 40 -0.26 -7.19 -0.31
CA VAL A 40 -1.46 -6.35 -0.08
C VAL A 40 -1.64 -5.33 -1.23
N LEU A 41 -0.52 -4.68 -1.61
CA LEU A 41 -0.50 -3.72 -2.73
C LEU A 41 -0.80 -4.44 -4.07
N ASN A 42 -0.17 -5.60 -4.34
CA ASN A 42 -0.37 -6.34 -5.61
C ASN A 42 -1.84 -6.77 -5.80
N GLU A 43 -2.46 -7.24 -4.71
CA GLU A 43 -3.86 -7.72 -4.73
C GLU A 43 -4.83 -6.58 -5.09
N ARG A 44 -4.56 -5.37 -4.55
CA ARG A 44 -5.40 -4.18 -4.77
C ARG A 44 -5.16 -3.60 -6.17
N MET A 45 -3.92 -3.71 -6.64
CA MET A 45 -3.45 -3.06 -7.88
C MET A 45 -3.61 -3.97 -9.11
N ASP A 46 -3.75 -5.29 -8.88
CA ASP A 46 -3.82 -6.29 -9.96
C ASP A 46 -5.13 -6.14 -10.81
N PRO A 47 -6.37 -6.06 -10.19
CA PRO A 47 -7.62 -5.93 -10.99
C PRO A 47 -7.76 -4.54 -11.65
N ILE A 48 -6.98 -3.56 -11.16
CA ILE A 48 -7.06 -2.16 -11.59
C ILE A 48 -6.64 -1.99 -13.08
N LYS A 49 -5.72 -2.86 -13.54
CA LYS A 49 -5.32 -2.90 -14.98
C LYS A 49 -6.46 -3.50 -15.82
N LYS A 50 -7.09 -4.57 -15.29
CA LYS A 50 -8.28 -5.20 -15.89
C LYS A 50 -9.44 -4.16 -15.96
N LEU A 51 -9.52 -3.28 -14.94
CA LEU A 51 -10.52 -2.19 -14.90
C LEU A 51 -10.15 -1.08 -15.89
N GLY A 52 -8.83 -0.98 -16.18
CA GLY A 52 -8.32 -0.10 -17.21
C GLY A 52 -8.15 1.34 -16.77
N CYS A 53 -7.55 1.53 -15.60
CA CYS A 53 -7.22 2.86 -15.10
C CYS A 53 -5.74 3.21 -15.36
N LYS A 54 -5.53 4.28 -16.18
CA LYS A 54 -4.22 4.83 -16.58
C LYS A 54 -3.37 5.31 -15.38
N ARG A 55 -4.00 6.06 -14.45
CA ARG A 55 -3.36 6.52 -13.21
C ARG A 55 -4.43 6.51 -12.11
N VAL A 56 -4.03 6.06 -10.91
CA VAL A 56 -4.93 5.86 -9.76
C VAL A 56 -4.29 6.42 -8.49
N ARG A 57 -5.11 6.75 -7.49
CA ARG A 57 -4.65 7.28 -6.21
C ARG A 57 -5.05 6.29 -5.09
N ILE A 58 -4.07 5.92 -4.27
CA ILE A 58 -4.20 4.95 -3.17
C ILE A 58 -3.92 5.68 -1.84
N SER A 59 -4.81 5.53 -0.86
CA SER A 59 -4.59 6.01 0.51
C SER A 59 -4.57 4.79 1.44
N ILE A 60 -3.46 4.65 2.19
CA ILE A 60 -3.22 3.49 3.08
C ILE A 60 -3.01 4.00 4.52
N ARG A 61 -3.84 3.51 5.45
CA ARG A 61 -3.74 3.85 6.88
C ARG A 61 -3.29 2.61 7.67
N VAL A 62 -2.34 2.82 8.60
CA VAL A 62 -1.77 1.75 9.42
C VAL A 62 -2.39 1.85 10.83
N LYS A 63 -2.73 0.70 11.43
CA LYS A 63 -3.39 0.66 12.75
C LYS A 63 -2.33 0.52 13.86
N HIS A 64 -2.43 1.40 14.87
CA HIS A 64 -1.58 1.38 16.06
C HIS A 64 -2.36 0.88 17.29
N SER A 65 -1.71 0.07 18.13
CA SER A 65 -2.33 -0.57 19.30
C SER A 65 -1.62 -0.07 20.58
N ASP A 66 -0.94 1.07 20.44
CA ASP A 66 -0.20 1.73 21.53
C ASP A 66 -0.10 3.23 21.18
N ALA A 67 -0.98 4.03 21.81
CA ALA A 67 -1.08 5.49 21.59
C ALA A 67 0.19 6.28 21.96
N ALA A 68 0.93 5.78 22.97
CA ALA A 68 2.19 6.37 23.40
C ALA A 68 3.29 6.14 22.33
N GLU A 69 3.43 4.87 21.90
CA GLU A 69 4.44 4.48 20.88
C GLU A 69 4.06 4.90 19.44
N GLU A 70 2.76 5.08 19.16
CA GLU A 70 2.23 5.21 17.78
C GLU A 70 3.03 6.24 16.93
N LYS A 71 3.58 7.25 17.61
CA LYS A 71 4.36 8.33 16.99
C LYS A 71 5.66 7.76 16.38
N LYS A 72 6.37 6.95 17.18
CA LYS A 72 7.61 6.27 16.80
C LYS A 72 7.30 5.11 15.83
N GLU A 73 6.15 4.44 16.08
CA GLU A 73 5.70 3.29 15.26
C GLU A 73 5.30 3.73 13.84
N ALA A 74 4.71 4.92 13.70
CA ALA A 74 4.33 5.50 12.38
C ALA A 74 5.61 5.75 11.55
N LYS A 75 6.58 6.41 12.21
CA LYS A 75 7.92 6.72 11.63
C LYS A 75 8.65 5.41 11.23
N LYS A 76 8.55 4.42 12.12
CA LYS A 76 9.14 3.09 11.96
C LYS A 76 8.55 2.37 10.73
N PHE A 77 7.19 2.35 10.68
CA PHE A 77 6.42 1.71 9.61
C PHE A 77 6.56 2.52 8.30
N ALA A 78 6.73 3.86 8.45
CA ALA A 78 6.93 4.78 7.33
C ALA A 78 8.16 4.37 6.52
N ALA A 79 9.22 3.98 7.24
CA ALA A 79 10.44 3.42 6.64
C ALA A 79 10.16 2.07 5.94
N ILE A 80 9.29 1.24 6.56
CA ILE A 80 8.89 -0.07 6.01
C ILE A 80 8.15 0.09 4.68
N LEU A 81 7.14 0.97 4.64
CA LEU A 81 6.34 1.22 3.44
C LEU A 81 7.19 1.92 2.34
N ASN A 82 8.00 2.93 2.71
CA ASN A 82 8.82 3.70 1.76
C ASN A 82 9.79 2.77 1.01
N LYS A 83 10.31 1.75 1.73
CA LYS A 83 11.19 0.71 1.14
C LYS A 83 10.41 -0.20 0.17
N VAL A 84 9.16 -0.53 0.55
CA VAL A 84 8.25 -1.40 -0.25
C VAL A 84 7.92 -0.73 -1.61
N PHE A 85 7.53 0.55 -1.55
CA PHE A 85 7.11 1.33 -2.73
C PHE A 85 8.27 1.57 -3.71
N ALA A 86 9.47 1.83 -3.15
CA ALA A 86 10.71 1.96 -3.94
C ALA A 86 11.11 0.62 -4.61
N GLU A 87 10.81 -0.50 -3.92
CA GLU A 87 11.11 -1.86 -4.42
C GLU A 87 10.07 -2.33 -5.47
N LEU A 88 8.90 -1.67 -5.52
CA LEU A 88 7.77 -2.07 -6.41
C LEU A 88 7.71 -1.18 -7.67
N GLY A 89 8.55 -0.12 -7.70
CA GLY A 89 8.66 0.76 -8.86
C GLY A 89 7.88 2.07 -8.74
N TYR A 90 7.56 2.48 -7.49
CA TYR A 90 6.88 3.75 -7.21
C TYR A 90 7.90 4.85 -6.93
N ASN A 91 7.67 6.02 -7.52
CA ASN A 91 8.53 7.21 -7.36
C ASN A 91 8.27 7.85 -5.99
N ASP A 92 9.33 8.32 -5.33
CA ASP A 92 9.26 8.97 -3.99
C ASP A 92 8.24 10.13 -3.97
N SER A 93 8.27 10.95 -5.04
CA SER A 93 7.38 12.11 -5.21
C SER A 93 5.90 11.67 -5.31
N ASN A 94 5.67 10.47 -5.88
CA ASN A 94 4.32 9.88 -5.97
C ASN A 94 3.82 9.45 -4.58
N VAL A 95 4.71 9.45 -3.59
CA VAL A 95 4.40 9.04 -2.20
C VAL A 95 4.34 10.27 -1.25
N THR A 96 3.16 10.53 -0.65
CA THR A 96 2.97 11.67 0.27
C THR A 96 2.41 11.17 1.63
N TRP A 97 3.15 11.45 2.72
CA TRP A 97 2.76 11.08 4.10
C TRP A 97 1.99 12.21 4.80
N ASP A 98 0.84 11.86 5.38
CA ASP A 98 0.03 12.75 6.23
C ASP A 98 -0.53 11.95 7.42
N GLY A 99 0.22 11.99 8.53
CA GLY A 99 -0.15 11.34 9.79
C GLY A 99 -0.17 9.80 9.73
N ASP A 100 -1.34 9.23 10.05
CA ASP A 100 -1.58 7.76 10.10
C ASP A 100 -1.66 7.15 8.70
N THR A 101 -1.83 8.03 7.70
CA THR A 101 -2.18 7.64 6.32
C THR A 101 -1.11 8.14 5.35
N VAL A 102 -0.73 7.27 4.41
CA VAL A 102 0.13 7.63 3.27
C VAL A 102 -0.69 7.52 1.98
N THR A 103 -0.62 8.57 1.14
CA THR A 103 -1.33 8.63 -0.13
C THR A 103 -0.29 8.49 -1.26
N VAL A 104 -0.45 7.45 -2.07
CA VAL A 104 0.51 7.11 -3.13
C VAL A 104 -0.26 7.07 -4.45
N GLU A 105 0.25 7.70 -5.50
CA GLU A 105 -0.35 7.63 -6.83
C GLU A 105 0.54 6.73 -7.69
N GLY A 106 -0.09 5.92 -8.56
CA GLY A 106 0.61 5.02 -9.44
C GLY A 106 0.08 5.08 -10.85
N GLN A 107 0.92 4.76 -11.83
CA GLN A 107 0.54 4.75 -13.25
C GLN A 107 0.57 3.30 -13.74
N LEU A 108 -0.48 2.86 -14.44
CA LEU A 108 -0.63 1.48 -14.89
C LEU A 108 -0.76 1.41 -16.40
N GLU A 109 -0.39 0.23 -16.94
CA GLU A 109 -0.51 -0.11 -18.36
C GLU A 109 -1.99 -0.19 -18.78
N GLY A 110 -2.85 -0.57 -17.80
CA GLY A 110 -4.29 -0.66 -18.00
C GLY A 110 -4.65 -1.70 -19.05
N VAL A 111 -5.76 -1.47 -19.77
CA VAL A 111 -6.22 -2.36 -20.86
C VAL A 111 -5.59 -1.85 -22.18
N ASP A 112 -4.23 -2.02 -22.28
CA ASP A 112 -3.41 -1.51 -23.39
C ASP A 112 -3.57 0.03 -23.58
N LEU A 113 -3.52 0.76 -22.46
CA LEU A 113 -3.75 2.22 -22.43
C LEU A 113 -2.41 2.96 -22.36
N GLU A 114 -2.40 4.22 -22.82
CA GLU A 114 -1.21 5.08 -22.80
C GLU A 114 -1.55 6.42 -22.12
N HIS A 115 -0.95 6.66 -20.94
CA HIS A 115 -1.17 7.88 -20.16
C HIS A 115 -0.34 9.05 -20.74
N HIS A 116 -0.98 9.85 -21.60
CA HIS A 116 -0.40 11.06 -22.20
C HIS A 116 -0.97 12.30 -21.50
N HIS A 117 -0.13 13.33 -21.37
CA HIS A 117 -0.48 14.60 -20.73
C HIS A 117 0.25 15.74 -21.46
N HIS A 118 -0.52 16.57 -22.18
CA HIS A 118 -0.01 17.74 -22.91
C HIS A 118 0.00 18.99 -22.02
N HIS A 119 1.00 19.86 -22.22
CA HIS A 119 1.19 21.11 -21.44
C HIS A 119 1.77 22.24 -22.34
N HIS A 120 2.06 21.92 -23.62
CA HIS A 120 2.63 22.89 -24.58
C HIS A 120 1.50 23.73 -25.22
N MET A 1 13.11 -8.03 17.16
CA MET A 1 12.02 -8.91 16.70
C MET A 1 11.02 -9.14 17.84
N SER A 2 9.82 -8.56 17.70
CA SER A 2 8.67 -8.79 18.60
C SER A 2 7.37 -8.93 17.80
N GLY A 3 6.80 -10.16 17.83
CA GLY A 3 5.63 -10.52 17.02
C GLY A 3 4.41 -9.69 17.37
N LYS A 4 4.09 -8.72 16.50
CA LYS A 4 2.92 -7.85 16.65
C LYS A 4 1.99 -8.01 15.43
N LYS A 5 0.70 -7.74 15.63
CA LYS A 5 -0.29 -7.71 14.56
C LYS A 5 -0.62 -6.26 14.21
N VAL A 6 -0.57 -5.94 12.93
CA VAL A 6 -0.89 -4.60 12.42
C VAL A 6 -2.00 -4.76 11.37
N GLU A 7 -2.95 -3.85 11.37
CA GLU A 7 -4.02 -3.81 10.36
C GLU A 7 -3.68 -2.69 9.37
N VAL A 8 -3.79 -3.03 8.09
CA VAL A 8 -3.47 -2.13 6.98
C VAL A 8 -4.74 -1.95 6.14
N GLN A 9 -5.21 -0.70 6.03
CA GLN A 9 -6.38 -0.36 5.23
C GLN A 9 -5.90 0.24 3.90
N VAL A 10 -6.26 -0.41 2.78
CA VAL A 10 -5.82 0.02 1.44
C VAL A 10 -7.04 0.56 0.66
N LYS A 11 -6.95 1.85 0.26
CA LYS A 11 -8.01 2.53 -0.48
C LYS A 11 -7.46 2.97 -1.83
N ILE A 12 -7.98 2.43 -2.94
CA ILE A 12 -7.44 2.72 -4.28
C ILE A 12 -8.56 3.19 -5.23
N THR A 13 -8.29 4.27 -5.98
CA THR A 13 -9.21 4.83 -6.97
C THR A 13 -8.64 4.53 -8.38
N CYS A 14 -9.50 4.03 -9.28
CA CYS A 14 -9.11 3.61 -10.65
C CYS A 14 -10.16 4.07 -11.66
N ASN A 15 -9.75 5.03 -12.54
CA ASN A 15 -10.62 5.75 -13.49
C ASN A 15 -11.54 6.76 -12.76
N GLY A 16 -12.45 6.24 -11.93
CA GLY A 16 -13.34 7.06 -11.11
C GLY A 16 -14.00 6.26 -9.99
N LYS A 17 -13.61 4.97 -9.85
CA LYS A 17 -14.22 4.03 -8.88
C LYS A 17 -13.21 3.67 -7.77
N THR A 18 -13.66 3.77 -6.50
CA THR A 18 -12.82 3.57 -5.31
C THR A 18 -13.10 2.18 -4.70
N TYR A 19 -12.03 1.42 -4.44
CA TYR A 19 -12.09 0.10 -3.81
C TYR A 19 -11.26 0.14 -2.52
N GLU A 20 -11.87 -0.21 -1.37
CA GLU A 20 -11.16 -0.22 -0.07
C GLU A 20 -11.46 -1.47 0.75
N ARG A 21 -10.42 -1.96 1.45
CA ARG A 21 -10.48 -3.16 2.29
C ARG A 21 -9.38 -3.09 3.37
N THR A 22 -9.73 -3.53 4.58
CA THR A 22 -8.80 -3.61 5.72
C THR A 22 -8.22 -5.05 5.81
N TYR A 23 -6.89 -5.15 5.92
CA TYR A 23 -6.17 -6.45 5.97
C TYR A 23 -5.43 -6.60 7.30
N GLN A 24 -5.38 -7.83 7.83
CA GLN A 24 -4.65 -8.13 9.09
C GLN A 24 -3.32 -8.79 8.72
N LEU A 25 -2.20 -8.13 9.08
CA LEU A 25 -0.84 -8.63 8.82
C LEU A 25 -0.09 -8.83 10.15
N TYR A 26 0.22 -10.09 10.47
CA TYR A 26 1.05 -10.43 11.62
C TYR A 26 2.48 -10.75 11.16
N ALA A 27 3.46 -10.12 11.81
CA ALA A 27 4.88 -10.25 11.45
C ALA A 27 5.73 -10.19 12.70
N VAL A 28 6.83 -10.95 12.71
CA VAL A 28 7.85 -10.93 13.79
C VAL A 28 8.98 -9.96 13.40
N ARG A 29 9.35 -10.02 12.12
CA ARG A 29 10.40 -9.21 11.52
C ARG A 29 9.71 -8.15 10.66
N ASP A 30 10.27 -6.95 10.60
CA ASP A 30 9.77 -5.85 9.75
C ASP A 30 9.79 -6.27 8.26
N GLU A 31 10.81 -7.09 7.90
CA GLU A 31 10.99 -7.66 6.56
C GLU A 31 9.86 -8.64 6.18
N GLU A 32 9.34 -9.38 7.16
CA GLU A 32 8.21 -10.31 6.93
C GLU A 32 6.95 -9.53 6.54
N LEU A 33 6.77 -8.35 7.16
CA LEU A 33 5.65 -7.43 6.86
C LEU A 33 5.78 -6.81 5.44
N LYS A 34 7.01 -6.46 5.03
CA LYS A 34 7.29 -5.74 3.75
C LYS A 34 6.69 -6.50 2.54
N GLU A 35 7.01 -7.80 2.45
CA GLU A 35 6.55 -8.69 1.38
C GLU A 35 5.01 -8.85 1.39
N LYS A 36 4.41 -8.81 2.60
CA LYS A 36 2.95 -8.91 2.77
C LYS A 36 2.26 -7.67 2.16
N LEU A 37 2.86 -6.49 2.40
CA LEU A 37 2.40 -5.21 1.84
C LEU A 37 2.43 -5.25 0.30
N LYS A 38 3.54 -5.80 -0.26
CA LYS A 38 3.69 -5.99 -1.71
C LYS A 38 2.59 -6.92 -2.26
N LYS A 39 2.34 -8.04 -1.54
CA LYS A 39 1.30 -9.01 -1.95
C LYS A 39 -0.11 -8.37 -1.92
N VAL A 40 -0.42 -7.63 -0.84
CA VAL A 40 -1.72 -6.93 -0.65
C VAL A 40 -1.97 -5.88 -1.77
N LEU A 41 -0.93 -5.08 -2.08
CA LEU A 41 -0.97 -4.06 -3.14
C LEU A 41 -1.18 -4.70 -4.53
N ASN A 42 -0.40 -5.77 -4.84
CA ASN A 42 -0.50 -6.50 -6.12
C ASN A 42 -1.87 -7.20 -6.26
N GLU A 43 -2.32 -7.84 -5.16
CA GLU A 43 -3.59 -8.59 -5.08
C GLU A 43 -4.79 -7.66 -5.27
N ARG A 44 -4.77 -6.49 -4.60
CA ARG A 44 -5.82 -5.47 -4.73
C ARG A 44 -5.84 -4.91 -6.16
N MET A 45 -4.64 -4.70 -6.74
CA MET A 45 -4.47 -4.07 -8.05
C MET A 45 -4.58 -5.04 -9.23
N ASP A 46 -4.68 -6.35 -8.96
CA ASP A 46 -4.97 -7.36 -10.00
C ASP A 46 -6.24 -6.98 -10.83
N PRO A 47 -7.45 -6.79 -10.21
CA PRO A 47 -8.66 -6.33 -10.97
C PRO A 47 -8.52 -4.88 -11.51
N ILE A 48 -7.63 -4.06 -10.89
CA ILE A 48 -7.45 -2.63 -11.24
C ILE A 48 -6.85 -2.50 -12.67
N LYS A 49 -6.02 -3.49 -13.07
CA LYS A 49 -5.41 -3.57 -14.41
C LYS A 49 -6.51 -3.84 -15.45
N LYS A 50 -7.39 -4.78 -15.07
CA LYS A 50 -8.60 -5.13 -15.82
C LYS A 50 -9.55 -3.93 -15.97
N LEU A 51 -9.56 -3.03 -14.97
CA LEU A 51 -10.40 -1.81 -15.00
C LEU A 51 -9.76 -0.73 -15.90
N GLY A 52 -8.44 -0.85 -16.12
CA GLY A 52 -7.73 -0.02 -17.10
C GLY A 52 -7.70 1.47 -16.71
N CYS A 53 -6.71 1.84 -15.89
CA CYS A 53 -6.50 3.24 -15.48
C CYS A 53 -5.01 3.63 -15.56
N LYS A 54 -4.76 4.77 -16.25
CA LYS A 54 -3.40 5.29 -16.55
C LYS A 54 -2.70 5.73 -15.27
N ARG A 55 -3.46 6.30 -14.33
CA ARG A 55 -2.95 6.59 -12.97
C ARG A 55 -3.98 6.15 -11.92
N VAL A 56 -3.46 5.77 -10.75
CA VAL A 56 -4.23 5.30 -9.61
C VAL A 56 -3.79 6.10 -8.36
N ARG A 57 -4.70 6.29 -7.40
CA ARG A 57 -4.38 6.93 -6.10
C ARG A 57 -4.62 5.89 -5.00
N ILE A 58 -3.61 5.62 -4.19
CA ILE A 58 -3.64 4.61 -3.13
C ILE A 58 -3.39 5.32 -1.79
N SER A 59 -4.33 5.19 -0.86
CA SER A 59 -4.19 5.69 0.50
C SER A 59 -4.12 4.48 1.44
N ILE A 60 -3.09 4.44 2.30
CA ILE A 60 -2.85 3.34 3.25
C ILE A 60 -2.90 3.86 4.69
N ARG A 61 -3.74 3.26 5.52
CA ARG A 61 -3.82 3.60 6.95
C ARG A 61 -3.34 2.41 7.78
N VAL A 62 -2.40 2.68 8.71
CA VAL A 62 -1.72 1.64 9.49
C VAL A 62 -2.28 1.71 10.93
N LYS A 63 -2.55 0.56 11.54
CA LYS A 63 -3.11 0.49 12.91
C LYS A 63 -1.96 0.24 13.88
N HIS A 64 -1.89 1.08 14.92
CA HIS A 64 -1.01 0.91 16.06
C HIS A 64 -1.84 0.67 17.31
N SER A 65 -1.56 -0.43 18.02
CA SER A 65 -2.25 -0.79 19.28
C SER A 65 -1.78 0.13 20.42
N ASP A 66 -0.59 0.71 20.25
CA ASP A 66 0.05 1.62 21.22
C ASP A 66 -0.38 3.08 20.95
N ALA A 67 -0.40 3.91 22.02
CA ALA A 67 -0.81 5.34 21.96
C ALA A 67 0.41 6.28 21.93
N ALA A 68 1.41 6.05 22.82
CA ALA A 68 2.63 6.86 22.90
C ALA A 68 3.60 6.57 21.74
N GLU A 69 3.99 5.28 21.63
CA GLU A 69 5.02 4.81 20.69
C GLU A 69 4.58 4.92 19.23
N GLU A 70 3.26 4.91 18.97
CA GLU A 70 2.72 4.87 17.59
C GLU A 70 3.30 5.93 16.65
N LYS A 71 3.69 7.09 17.22
CA LYS A 71 4.30 8.20 16.47
C LYS A 71 5.66 7.78 15.85
N LYS A 72 6.50 7.13 16.68
CA LYS A 72 7.82 6.63 16.29
C LYS A 72 7.64 5.44 15.34
N GLU A 73 6.62 4.61 15.65
CA GLU A 73 6.28 3.41 14.88
C GLU A 73 5.71 3.76 13.51
N ALA A 74 4.98 4.88 13.40
CA ALA A 74 4.46 5.38 12.12
C ALA A 74 5.61 5.78 11.20
N LYS A 75 6.57 6.53 11.77
CA LYS A 75 7.82 6.93 11.09
C LYS A 75 8.66 5.70 10.67
N LYS A 76 8.63 4.69 11.53
CA LYS A 76 9.28 3.39 11.34
C LYS A 76 8.60 2.58 10.22
N PHE A 77 7.26 2.62 10.20
CA PHE A 77 6.43 1.99 9.16
C PHE A 77 6.54 2.77 7.83
N ALA A 78 6.74 4.09 7.94
CA ALA A 78 6.91 4.96 6.76
C ALA A 78 8.07 4.47 5.90
N ALA A 79 9.18 4.06 6.55
CA ALA A 79 10.35 3.47 5.86
C ALA A 79 9.98 2.13 5.18
N ILE A 80 9.12 1.34 5.88
CA ILE A 80 8.66 0.03 5.42
C ILE A 80 7.90 0.16 4.08
N LEU A 81 6.92 1.09 4.05
CA LEU A 81 6.12 1.39 2.85
C LEU A 81 6.96 2.04 1.74
N ASN A 82 7.91 2.93 2.14
CA ASN A 82 8.85 3.59 1.20
C ASN A 82 9.70 2.55 0.44
N LYS A 83 10.13 1.49 1.14
CA LYS A 83 10.89 0.39 0.52
C LYS A 83 9.99 -0.50 -0.36
N VAL A 84 8.73 -0.73 0.07
CA VAL A 84 7.74 -1.53 -0.67
C VAL A 84 7.38 -0.83 -2.01
N PHE A 85 7.04 0.46 -1.89
CA PHE A 85 6.60 1.31 -3.03
C PHE A 85 7.73 1.46 -4.08
N ALA A 86 8.98 1.57 -3.58
CA ALA A 86 10.18 1.65 -4.43
C ALA A 86 10.43 0.36 -5.24
N GLU A 87 10.00 -0.78 -4.67
CA GLU A 87 10.13 -2.10 -5.32
C GLU A 87 8.98 -2.37 -6.32
N LEU A 88 7.88 -1.63 -6.24
CA LEU A 88 6.66 -1.91 -7.05
C LEU A 88 6.50 -0.95 -8.24
N GLY A 89 7.30 0.13 -8.28
CA GLY A 89 7.26 1.10 -9.39
C GLY A 89 6.71 2.47 -9.01
N TYR A 90 6.67 2.75 -7.71
CA TYR A 90 6.14 4.03 -7.16
C TYR A 90 7.33 4.90 -6.73
N ASN A 91 7.23 6.20 -6.97
CA ASN A 91 8.27 7.16 -6.53
C ASN A 91 7.94 7.65 -5.11
N ASP A 92 8.98 8.14 -4.40
CA ASP A 92 8.85 8.62 -3.01
C ASP A 92 8.53 10.14 -3.01
N SER A 93 8.00 10.60 -4.15
CA SER A 93 7.73 12.01 -4.45
C SER A 93 6.23 12.26 -4.26
N ASN A 94 5.44 11.27 -4.68
CA ASN A 94 3.96 11.31 -4.59
C ASN A 94 3.49 10.79 -3.23
N VAL A 95 4.44 10.50 -2.32
CA VAL A 95 4.14 9.91 -1.01
C VAL A 95 4.00 11.06 0.03
N THR A 96 2.78 11.20 0.58
CA THR A 96 2.48 12.23 1.60
C THR A 96 1.80 11.57 2.81
N TRP A 97 2.42 11.73 3.98
CA TRP A 97 1.88 11.24 5.25
C TRP A 97 1.04 12.32 5.94
N ASP A 98 -0.16 11.93 6.34
CA ASP A 98 -1.04 12.72 7.19
C ASP A 98 -1.38 11.82 8.37
N GLY A 99 -0.62 11.95 9.47
CA GLY A 99 -0.82 11.14 10.67
C GLY A 99 -0.51 9.66 10.42
N ASP A 100 -1.49 8.78 10.70
CA ASP A 100 -1.35 7.32 10.53
C ASP A 100 -1.74 6.88 9.10
N THR A 101 -2.00 7.85 8.21
CA THR A 101 -2.52 7.60 6.86
C THR A 101 -1.60 8.24 5.81
N VAL A 102 -1.20 7.46 4.79
CA VAL A 102 -0.34 7.95 3.71
C VAL A 102 -1.11 7.87 2.36
N THR A 103 -1.00 8.93 1.54
CA THR A 103 -1.58 8.96 0.18
C THR A 103 -0.45 8.96 -0.85
N VAL A 104 -0.49 7.97 -1.76
CA VAL A 104 0.57 7.68 -2.74
C VAL A 104 -0.10 7.55 -4.12
N GLU A 105 0.41 8.27 -5.12
CA GLU A 105 -0.11 8.23 -6.50
C GLU A 105 0.96 7.65 -7.42
N GLY A 106 0.52 6.89 -8.42
CA GLY A 106 1.40 6.29 -9.40
C GLY A 106 0.62 5.49 -10.42
N GLN A 107 1.29 4.60 -11.16
CA GLN A 107 0.67 3.82 -12.22
C GLN A 107 1.26 2.40 -12.26
N LEU A 108 0.51 1.48 -12.85
CA LEU A 108 0.88 0.06 -12.96
C LEU A 108 1.29 -0.25 -14.41
N GLU A 109 1.95 -1.40 -14.60
CA GLU A 109 2.33 -1.87 -15.95
C GLU A 109 1.24 -2.84 -16.46
N GLY A 110 0.52 -2.41 -17.50
CA GLY A 110 -0.61 -3.15 -18.05
C GLY A 110 -0.67 -2.97 -19.55
N VAL A 111 0.22 -3.64 -20.27
CA VAL A 111 0.22 -3.62 -21.75
C VAL A 111 -1.12 -4.14 -22.29
N ASP A 112 -1.55 -5.28 -21.75
CA ASP A 112 -2.87 -5.87 -22.03
C ASP A 112 -3.79 -5.60 -20.82
N LEU A 113 -4.68 -4.63 -20.96
CA LEU A 113 -5.61 -4.22 -19.89
C LEU A 113 -6.88 -5.05 -20.07
N GLU A 114 -7.28 -5.23 -21.34
CA GLU A 114 -8.47 -5.99 -21.76
C GLU A 114 -8.22 -6.51 -23.20
N HIS A 115 -8.63 -7.75 -23.47
CA HIS A 115 -8.48 -8.36 -24.80
C HIS A 115 -9.35 -7.56 -25.80
N HIS A 116 -8.93 -7.51 -27.08
CA HIS A 116 -9.52 -6.60 -28.08
C HIS A 116 -10.77 -7.24 -28.71
N HIS A 117 -11.23 -8.34 -28.09
CA HIS A 117 -12.45 -9.07 -28.47
C HIS A 117 -13.69 -8.16 -28.36
N HIS A 118 -13.61 -7.10 -27.54
CA HIS A 118 -14.72 -6.15 -27.38
C HIS A 118 -14.86 -5.24 -28.61
N HIS A 119 -16.00 -5.38 -29.28
CA HIS A 119 -16.36 -4.61 -30.47
C HIS A 119 -17.76 -4.06 -30.21
N HIS A 120 -18.55 -4.90 -29.55
CA HIS A 120 -19.94 -4.62 -29.17
C HIS A 120 -20.09 -4.95 -27.66
N MET A 1 1.30 -19.38 13.72
CA MET A 1 1.55 -17.92 13.82
C MET A 1 2.76 -17.65 14.73
N SER A 2 3.70 -16.83 14.24
CA SER A 2 4.63 -16.07 15.07
C SER A 2 4.66 -14.61 14.57
N GLY A 3 4.92 -13.70 15.52
CA GLY A 3 5.23 -12.31 15.24
C GLY A 3 4.21 -11.42 15.92
N LYS A 4 4.22 -10.15 15.52
CA LYS A 4 3.27 -9.15 16.02
C LYS A 4 2.13 -8.93 15.01
N LYS A 5 0.93 -8.63 15.53
CA LYS A 5 -0.24 -8.38 14.69
C LYS A 5 -0.27 -6.88 14.40
N VAL A 6 -0.45 -6.55 13.13
CA VAL A 6 -0.75 -5.20 12.67
C VAL A 6 -1.86 -5.31 11.61
N GLU A 7 -2.76 -4.31 11.59
CA GLU A 7 -3.77 -4.20 10.54
C GLU A 7 -3.40 -3.04 9.62
N VAL A 8 -3.53 -3.31 8.31
CA VAL A 8 -3.25 -2.36 7.24
C VAL A 8 -4.51 -2.21 6.38
N GLN A 9 -4.98 -0.97 6.24
CA GLN A 9 -6.17 -0.65 5.46
C GLN A 9 -5.71 0.07 4.18
N VAL A 10 -6.11 -0.48 3.01
CA VAL A 10 -5.74 0.05 1.70
C VAL A 10 -7.00 0.56 0.99
N LYS A 11 -6.98 1.84 0.62
CA LYS A 11 -8.10 2.50 -0.07
C LYS A 11 -7.58 3.02 -1.42
N ILE A 12 -8.18 2.56 -2.52
CA ILE A 12 -7.81 3.00 -3.88
C ILE A 12 -9.07 3.38 -4.68
N THR A 13 -9.02 4.52 -5.37
CA THR A 13 -10.09 4.97 -6.28
C THR A 13 -9.67 4.72 -7.74
N CYS A 14 -10.53 3.99 -8.47
CA CYS A 14 -10.30 3.56 -9.87
C CYS A 14 -11.64 3.44 -10.61
N ASN A 15 -11.69 3.96 -11.86
CA ASN A 15 -12.88 3.90 -12.74
C ASN A 15 -14.12 4.57 -12.07
N GLY A 16 -13.86 5.64 -11.29
CA GLY A 16 -14.90 6.38 -10.59
C GLY A 16 -15.43 5.67 -9.35
N LYS A 17 -14.94 4.44 -9.09
CA LYS A 17 -15.38 3.62 -7.94
C LYS A 17 -14.23 3.42 -6.95
N THR A 18 -14.56 3.64 -5.66
CA THR A 18 -13.61 3.57 -4.56
C THR A 18 -13.64 2.15 -3.97
N TYR A 19 -12.47 1.50 -3.91
CA TYR A 19 -12.34 0.13 -3.38
C TYR A 19 -11.43 0.20 -2.16
N GLU A 20 -11.94 -0.25 -1.00
CA GLU A 20 -11.18 -0.21 0.26
C GLU A 20 -11.33 -1.56 0.97
N ARG A 21 -10.26 -2.01 1.62
CA ARG A 21 -10.27 -3.26 2.37
C ARG A 21 -9.24 -3.22 3.50
N THR A 22 -9.63 -3.74 4.68
CA THR A 22 -8.74 -3.89 5.84
C THR A 22 -8.11 -5.30 5.81
N TYR A 23 -6.79 -5.34 5.92
CA TYR A 23 -6.02 -6.60 5.89
C TYR A 23 -5.35 -6.80 7.26
N GLN A 24 -5.30 -8.05 7.72
CA GLN A 24 -4.53 -8.41 8.92
C GLN A 24 -3.20 -8.99 8.46
N LEU A 25 -2.11 -8.30 8.79
CA LEU A 25 -0.74 -8.74 8.51
C LEU A 25 -0.08 -9.14 9.84
N TYR A 26 0.42 -10.38 9.91
CA TYR A 26 0.97 -10.95 11.15
C TYR A 26 2.36 -11.55 10.86
N ALA A 27 3.42 -10.86 11.31
CA ALA A 27 4.79 -11.10 10.85
C ALA A 27 5.75 -10.99 12.04
N VAL A 28 6.83 -11.79 11.97
CA VAL A 28 7.89 -11.83 12.99
C VAL A 28 8.90 -10.70 12.75
N ARG A 29 9.21 -10.44 11.46
CA ARG A 29 10.25 -9.46 11.05
C ARG A 29 9.67 -8.40 10.10
N ASP A 30 10.32 -7.22 10.07
CA ASP A 30 9.94 -6.09 9.20
C ASP A 30 10.03 -6.47 7.71
N GLU A 31 11.07 -7.25 7.35
CA GLU A 31 11.29 -7.72 5.97
C GLU A 31 10.16 -8.68 5.54
N GLU A 32 9.65 -9.47 6.50
CA GLU A 32 8.49 -10.36 6.29
C GLU A 32 7.20 -9.56 6.00
N LEU A 33 7.00 -8.47 6.75
CA LEU A 33 5.85 -7.56 6.61
C LEU A 33 5.90 -6.84 5.22
N LYS A 34 7.12 -6.47 4.78
CA LYS A 34 7.37 -5.83 3.46
C LYS A 34 6.80 -6.63 2.27
N GLU A 35 7.16 -7.92 2.19
CA GLU A 35 6.68 -8.82 1.13
C GLU A 35 5.18 -9.08 1.24
N LYS A 36 4.65 -9.00 2.48
CA LYS A 36 3.20 -9.11 2.74
C LYS A 36 2.47 -7.89 2.16
N LEU A 37 3.04 -6.68 2.40
CA LEU A 37 2.53 -5.41 1.85
C LEU A 37 2.56 -5.41 0.32
N LYS A 38 3.64 -5.97 -0.25
CA LYS A 38 3.80 -6.11 -1.71
C LYS A 38 2.70 -7.01 -2.30
N LYS A 39 2.39 -8.12 -1.60
CA LYS A 39 1.33 -9.07 -2.00
C LYS A 39 -0.06 -8.38 -1.96
N VAL A 40 -0.32 -7.66 -0.84
CA VAL A 40 -1.56 -6.90 -0.61
C VAL A 40 -1.79 -5.80 -1.67
N LEU A 41 -0.72 -5.05 -1.99
CA LEU A 41 -0.75 -4.02 -3.06
C LEU A 41 -1.00 -4.65 -4.43
N ASN A 42 -0.26 -5.74 -4.75
CA ASN A 42 -0.41 -6.45 -6.03
C ASN A 42 -1.83 -7.02 -6.21
N GLU A 43 -2.37 -7.65 -5.15
CA GLU A 43 -3.71 -8.27 -5.17
C GLU A 43 -4.81 -7.21 -5.33
N ARG A 44 -4.64 -6.07 -4.61
CA ARG A 44 -5.56 -4.92 -4.67
C ARG A 44 -5.54 -4.29 -6.08
N MET A 45 -4.33 -4.29 -6.69
CA MET A 45 -4.10 -3.65 -7.99
C MET A 45 -4.41 -4.58 -9.17
N ASP A 46 -4.54 -5.90 -8.92
CA ASP A 46 -4.87 -6.87 -9.99
C ASP A 46 -6.19 -6.48 -10.71
N PRO A 47 -7.36 -6.29 -10.00
CA PRO A 47 -8.62 -5.86 -10.67
C PRO A 47 -8.50 -4.43 -11.24
N ILE A 48 -7.58 -3.63 -10.66
CA ILE A 48 -7.35 -2.23 -11.04
C ILE A 48 -6.67 -2.14 -12.43
N LYS A 49 -5.86 -3.17 -12.76
CA LYS A 49 -5.20 -3.29 -14.08
C LYS A 49 -6.24 -3.67 -15.14
N LYS A 50 -7.16 -4.56 -14.76
CA LYS A 50 -8.32 -4.95 -15.58
C LYS A 50 -9.21 -3.72 -15.84
N LEU A 51 -9.22 -2.77 -14.88
CA LEU A 51 -10.01 -1.52 -14.98
C LEU A 51 -9.22 -0.49 -15.81
N GLY A 52 -7.87 -0.64 -15.80
CA GLY A 52 -6.99 0.12 -16.69
C GLY A 52 -6.84 1.56 -16.25
N CYS A 53 -6.75 1.78 -14.93
CA CYS A 53 -6.59 3.11 -14.35
C CYS A 53 -5.10 3.53 -14.45
N LYS A 54 -4.77 4.16 -15.60
CA LYS A 54 -3.42 4.67 -15.95
C LYS A 54 -2.70 5.34 -14.76
N ARG A 55 -3.46 6.17 -14.05
CA ARG A 55 -2.98 6.85 -12.83
C ARG A 55 -3.97 6.54 -11.71
N VAL A 56 -3.47 6.24 -10.50
CA VAL A 56 -4.31 5.85 -9.36
C VAL A 56 -3.86 6.58 -8.08
N ARG A 57 -4.78 6.73 -7.12
CA ARG A 57 -4.49 7.27 -5.78
C ARG A 57 -4.74 6.17 -4.75
N ILE A 58 -3.71 5.82 -3.96
CA ILE A 58 -3.81 4.76 -2.94
C ILE A 58 -3.49 5.40 -1.56
N SER A 59 -4.41 5.25 -0.60
CA SER A 59 -4.21 5.71 0.77
C SER A 59 -4.13 4.47 1.67
N ILE A 60 -3.07 4.41 2.49
CA ILE A 60 -2.81 3.26 3.39
C ILE A 60 -2.77 3.75 4.84
N ARG A 61 -3.59 3.13 5.69
CA ARG A 61 -3.67 3.46 7.11
C ARG A 61 -3.23 2.22 7.90
N VAL A 62 -2.27 2.39 8.81
CA VAL A 62 -1.70 1.29 9.60
C VAL A 62 -2.19 1.41 11.04
N LYS A 63 -2.42 0.26 11.71
CA LYS A 63 -2.95 0.25 13.07
C LYS A 63 -1.79 0.43 14.07
N HIS A 64 -1.93 1.42 14.96
CA HIS A 64 -0.85 1.84 15.87
C HIS A 64 -1.07 1.24 17.26
N SER A 65 0.05 0.89 17.90
CA SER A 65 0.08 0.23 19.21
C SER A 65 -0.68 1.07 20.27
N ASP A 66 -0.51 2.40 20.21
CA ASP A 66 -1.10 3.33 21.19
C ASP A 66 -1.07 4.78 20.65
N ALA A 67 -1.79 5.70 21.33
CA ALA A 67 -1.93 7.12 20.94
C ALA A 67 -0.57 7.82 20.71
N ALA A 68 0.28 7.85 21.76
CA ALA A 68 1.64 8.43 21.67
C ALA A 68 2.53 7.62 20.72
N GLU A 69 2.30 6.30 20.68
CA GLU A 69 3.04 5.39 19.78
C GLU A 69 2.73 5.68 18.30
N GLU A 70 1.58 6.33 18.01
CA GLU A 70 1.14 6.60 16.61
C GLU A 70 2.25 7.26 15.78
N LYS A 71 2.95 8.23 16.41
CA LYS A 71 4.08 8.95 15.76
C LYS A 71 5.26 7.99 15.50
N LYS A 72 5.58 7.14 16.51
CA LYS A 72 6.70 6.18 16.42
C LYS A 72 6.42 5.17 15.31
N GLU A 73 5.17 4.68 15.28
CA GLU A 73 4.69 3.64 14.35
C GLU A 73 4.52 4.16 12.91
N ALA A 74 4.07 5.41 12.77
CA ALA A 74 3.90 6.05 11.46
C ALA A 74 5.27 6.20 10.79
N LYS A 75 6.25 6.70 11.58
CA LYS A 75 7.67 6.90 11.16
C LYS A 75 8.33 5.54 10.81
N LYS A 76 8.10 4.55 11.69
CA LYS A 76 8.60 3.16 11.57
C LYS A 76 8.05 2.47 10.31
N PHE A 77 6.72 2.51 10.17
CA PHE A 77 5.99 1.92 9.02
C PHE A 77 6.29 2.72 7.73
N ALA A 78 6.54 4.05 7.87
CA ALA A 78 6.92 4.91 6.74
C ALA A 78 8.16 4.37 6.03
N ALA A 79 9.16 3.97 6.84
CA ALA A 79 10.42 3.38 6.33
C ALA A 79 10.13 2.07 5.58
N ILE A 80 9.21 1.28 6.15
CA ILE A 80 8.75 0.00 5.57
C ILE A 80 8.09 0.19 4.19
N LEU A 81 7.12 1.13 4.11
CA LEU A 81 6.38 1.42 2.88
C LEU A 81 7.31 2.01 1.81
N ASN A 82 8.24 2.86 2.26
CA ASN A 82 9.27 3.50 1.42
C ASN A 82 10.11 2.44 0.67
N LYS A 83 10.45 1.34 1.38
CA LYS A 83 11.14 0.19 0.81
C LYS A 83 10.21 -0.62 -0.11
N VAL A 84 8.95 -0.82 0.33
CA VAL A 84 7.96 -1.64 -0.39
C VAL A 84 7.66 -1.02 -1.77
N PHE A 85 7.27 0.27 -1.76
CA PHE A 85 6.91 1.03 -2.98
C PHE A 85 8.11 1.17 -3.94
N ALA A 86 9.32 1.32 -3.37
CA ALA A 86 10.58 1.41 -4.14
C ALA A 86 10.89 0.11 -4.90
N GLU A 87 10.50 -1.03 -4.28
CA GLU A 87 10.67 -2.38 -4.84
C GLU A 87 9.56 -2.71 -5.87
N LEU A 88 8.45 -1.93 -5.85
CA LEU A 88 7.28 -2.18 -6.73
C LEU A 88 7.34 -1.26 -7.97
N GLY A 89 8.32 -0.34 -7.98
CA GLY A 89 8.55 0.58 -9.10
C GLY A 89 7.83 1.91 -8.95
N TYR A 90 7.41 2.25 -7.70
CA TYR A 90 6.76 3.53 -7.39
C TYR A 90 7.81 4.55 -6.92
N ASN A 91 7.61 5.83 -7.28
CA ASN A 91 8.52 6.92 -6.87
C ASN A 91 8.26 7.30 -5.40
N ASP A 92 9.37 7.52 -4.65
CA ASP A 92 9.36 7.89 -3.21
C ASP A 92 8.67 9.25 -2.98
N SER A 93 8.96 10.21 -3.88
CA SER A 93 8.39 11.57 -3.88
C SER A 93 6.85 11.58 -4.07
N ASN A 94 6.28 10.53 -4.72
CA ASN A 94 4.81 10.39 -4.88
C ASN A 94 4.13 9.90 -3.59
N VAL A 95 4.93 9.68 -2.53
CA VAL A 95 4.44 9.19 -1.24
C VAL A 95 4.39 10.41 -0.28
N THR A 96 3.20 10.73 0.25
CA THR A 96 3.02 11.83 1.21
C THR A 96 2.30 11.31 2.45
N TRP A 97 2.91 11.50 3.62
CA TRP A 97 2.30 11.08 4.89
C TRP A 97 1.38 12.22 5.39
N ASP A 98 0.14 11.82 5.74
CA ASP A 98 -0.86 12.68 6.38
C ASP A 98 -1.31 12.00 7.68
N GLY A 99 -0.50 12.16 8.74
CA GLY A 99 -0.76 11.58 10.05
C GLY A 99 -0.68 10.06 10.04
N ASP A 100 -1.80 9.42 10.45
CA ASP A 100 -1.91 7.97 10.60
C ASP A 100 -2.00 7.30 9.21
N THR A 101 -2.31 8.13 8.20
CA THR A 101 -2.63 7.68 6.84
C THR A 101 -1.63 8.27 5.83
N VAL A 102 -1.12 7.43 4.90
CA VAL A 102 -0.23 7.87 3.81
C VAL A 102 -0.96 7.77 2.45
N THR A 103 -0.84 8.83 1.63
CA THR A 103 -1.46 8.92 0.31
C THR A 103 -0.36 8.89 -0.76
N VAL A 104 -0.49 7.94 -1.69
CA VAL A 104 0.51 7.65 -2.74
C VAL A 104 -0.16 7.81 -4.09
N GLU A 105 0.50 8.53 -5.02
CA GLU A 105 0.10 8.59 -6.42
C GLU A 105 0.93 7.59 -7.23
N GLY A 106 0.24 6.66 -7.91
CA GLY A 106 0.90 5.58 -8.66
C GLY A 106 0.51 5.56 -10.13
N GLN A 107 1.33 4.88 -10.95
CA GLN A 107 1.08 4.72 -12.40
C GLN A 107 0.87 3.22 -12.67
N LEU A 108 0.00 2.94 -13.63
CA LEU A 108 -0.46 1.58 -13.97
C LEU A 108 -0.54 1.49 -15.50
N GLU A 109 -0.04 0.38 -16.07
CA GLU A 109 -0.11 0.12 -17.51
C GLU A 109 -1.22 -0.89 -17.85
N GLY A 110 -2.27 -0.39 -18.53
CA GLY A 110 -3.43 -1.20 -18.89
C GLY A 110 -3.66 -1.16 -20.39
N VAL A 111 -2.81 -1.90 -21.12
CA VAL A 111 -2.84 -1.98 -22.62
C VAL A 111 -4.01 -2.87 -23.10
N ASP A 112 -4.16 -4.02 -22.46
CA ASP A 112 -5.18 -5.03 -22.77
C ASP A 112 -6.05 -5.22 -21.54
N LEU A 113 -7.24 -4.58 -21.53
CA LEU A 113 -8.15 -4.58 -20.38
C LEU A 113 -9.14 -5.74 -20.50
N GLU A 114 -9.42 -6.36 -19.33
CA GLU A 114 -10.43 -7.44 -19.19
C GLU A 114 -11.81 -6.86 -18.84
N HIS A 115 -12.88 -7.56 -19.25
CA HIS A 115 -14.26 -7.08 -19.06
C HIS A 115 -15.14 -8.23 -18.53
N HIS A 116 -14.92 -8.60 -17.25
CA HIS A 116 -15.69 -9.69 -16.62
C HIS A 116 -17.18 -9.27 -16.61
N HIS A 117 -18.08 -10.25 -16.90
CA HIS A 117 -19.56 -10.08 -16.95
C HIS A 117 -20.21 -9.68 -15.61
N HIS A 118 -19.89 -8.46 -15.17
CA HIS A 118 -20.40 -7.80 -13.95
C HIS A 118 -21.31 -6.63 -14.37
N HIS A 119 -22.26 -6.23 -13.49
CA HIS A 119 -23.22 -5.15 -13.78
C HIS A 119 -23.34 -4.22 -12.55
N HIS A 120 -22.23 -3.52 -12.24
CA HIS A 120 -22.13 -2.60 -11.08
C HIS A 120 -21.54 -1.25 -11.55
N MET A 1 4.86 -13.83 11.01
CA MET A 1 4.08 -15.04 11.35
C MET A 1 3.46 -14.84 12.75
N SER A 2 4.24 -15.07 13.81
CA SER A 2 3.87 -14.70 15.20
C SER A 2 4.19 -13.22 15.46
N GLY A 3 4.76 -12.97 16.64
CA GLY A 3 5.24 -11.64 17.03
C GLY A 3 4.12 -10.65 17.23
N LYS A 4 4.14 -9.56 16.44
CA LYS A 4 3.22 -8.42 16.61
C LYS A 4 2.33 -8.26 15.37
N LYS A 5 1.10 -7.83 15.62
CA LYS A 5 0.04 -7.75 14.61
C LYS A 5 -0.16 -6.27 14.30
N VAL A 6 -0.27 -5.97 13.01
CA VAL A 6 -0.64 -4.65 12.50
C VAL A 6 -1.72 -4.82 11.42
N GLU A 7 -2.69 -3.91 11.42
CA GLU A 7 -3.82 -3.94 10.48
C GLU A 7 -3.66 -2.75 9.53
N VAL A 8 -3.76 -3.06 8.24
CA VAL A 8 -3.51 -2.12 7.15
C VAL A 8 -4.77 -2.06 6.26
N GLN A 9 -5.35 -0.87 6.15
CA GLN A 9 -6.55 -0.66 5.33
C GLN A 9 -6.10 0.07 4.06
N VAL A 10 -6.40 -0.53 2.90
CA VAL A 10 -6.01 0.00 1.58
C VAL A 10 -7.27 0.47 0.86
N LYS A 11 -7.30 1.77 0.54
CA LYS A 11 -8.44 2.41 -0.12
C LYS A 11 -7.93 3.03 -1.43
N ILE A 12 -8.48 2.57 -2.57
CA ILE A 12 -8.08 3.02 -3.91
C ILE A 12 -9.31 3.41 -4.74
N THR A 13 -9.24 4.55 -5.44
CA THR A 13 -10.29 4.97 -6.37
C THR A 13 -9.81 4.82 -7.83
N CYS A 14 -10.60 4.08 -8.62
CA CYS A 14 -10.33 3.75 -10.03
C CYS A 14 -11.68 3.58 -10.76
N ASN A 15 -11.76 4.00 -12.04
CA ASN A 15 -12.97 3.79 -12.91
C ASN A 15 -14.22 4.50 -12.29
N GLY A 16 -13.96 5.62 -11.56
CA GLY A 16 -15.00 6.43 -10.94
C GLY A 16 -15.60 5.80 -9.69
N LYS A 17 -15.12 4.61 -9.32
CA LYS A 17 -15.62 3.82 -8.16
C LYS A 17 -14.52 3.65 -7.12
N THR A 18 -14.87 3.77 -5.83
CA THR A 18 -13.90 3.62 -4.72
C THR A 18 -13.92 2.17 -4.18
N TYR A 19 -12.75 1.54 -4.17
CA TYR A 19 -12.56 0.15 -3.72
C TYR A 19 -11.71 0.16 -2.43
N GLU A 20 -12.27 -0.33 -1.32
CA GLU A 20 -11.56 -0.38 -0.02
C GLU A 20 -11.60 -1.80 0.57
N ARG A 21 -10.49 -2.19 1.24
CA ARG A 21 -10.37 -3.50 1.90
C ARG A 21 -9.34 -3.42 3.06
N THR A 22 -9.71 -3.97 4.23
CA THR A 22 -8.86 -3.98 5.44
C THR A 22 -8.14 -5.35 5.57
N TYR A 23 -6.81 -5.31 5.74
CA TYR A 23 -5.98 -6.53 5.83
C TYR A 23 -5.34 -6.63 7.23
N GLN A 24 -5.25 -7.84 7.75
CA GLN A 24 -4.51 -8.12 9.00
C GLN A 24 -3.16 -8.75 8.62
N LEU A 25 -2.07 -8.06 8.98
CA LEU A 25 -0.69 -8.50 8.72
C LEU A 25 -0.03 -8.88 10.05
N TYR A 26 0.30 -10.17 10.23
CA TYR A 26 0.89 -10.68 11.49
C TYR A 26 2.36 -11.07 11.26
N ALA A 27 3.30 -10.35 11.90
CA ALA A 27 4.72 -10.41 11.55
C ALA A 27 5.58 -10.25 12.82
N VAL A 28 6.79 -10.84 12.78
CA VAL A 28 7.80 -10.80 13.86
C VAL A 28 8.90 -9.77 13.51
N ARG A 29 9.47 -9.91 12.31
CA ARG A 29 10.58 -9.07 11.81
C ARG A 29 10.03 -8.02 10.81
N ASP A 30 10.71 -6.85 10.72
CA ASP A 30 10.36 -5.77 9.76
C ASP A 30 10.41 -6.27 8.30
N GLU A 31 11.37 -7.15 7.96
CA GLU A 31 11.51 -7.71 6.59
C GLU A 31 10.28 -8.58 6.23
N GLU A 32 9.73 -9.28 7.24
CA GLU A 32 8.60 -10.23 7.05
C GLU A 32 7.34 -9.48 6.59
N LEU A 33 7.12 -8.28 7.17
CA LEU A 33 5.94 -7.41 6.89
C LEU A 33 6.02 -6.87 5.44
N LYS A 34 7.24 -6.48 4.99
CA LYS A 34 7.49 -5.83 3.67
C LYS A 34 6.93 -6.64 2.49
N GLU A 35 7.26 -7.96 2.45
CA GLU A 35 6.80 -8.88 1.39
C GLU A 35 5.27 -9.08 1.42
N LYS A 36 4.68 -8.94 2.62
CA LYS A 36 3.22 -9.05 2.82
C LYS A 36 2.50 -7.87 2.16
N LEU A 37 3.06 -6.66 2.36
CA LEU A 37 2.56 -5.42 1.75
C LEU A 37 2.66 -5.48 0.21
N LYS A 38 3.76 -6.07 -0.30
CA LYS A 38 3.96 -6.31 -1.76
C LYS A 38 2.85 -7.20 -2.32
N LYS A 39 2.55 -8.31 -1.59
CA LYS A 39 1.51 -9.28 -2.02
C LYS A 39 0.14 -8.58 -2.05
N VAL A 40 -0.16 -7.86 -0.95
CA VAL A 40 -1.42 -7.12 -0.74
C VAL A 40 -1.63 -6.04 -1.82
N LEU A 41 -0.59 -5.23 -2.08
CA LEU A 41 -0.63 -4.17 -3.11
C LEU A 41 -0.80 -4.76 -4.52
N ASN A 42 -0.04 -5.82 -4.84
CA ASN A 42 -0.15 -6.52 -6.14
C ASN A 42 -1.56 -7.11 -6.36
N GLU A 43 -2.12 -7.78 -5.33
CA GLU A 43 -3.48 -8.37 -5.39
C GLU A 43 -4.54 -7.28 -5.56
N ARG A 44 -4.38 -6.14 -4.86
CA ARG A 44 -5.30 -4.98 -4.98
C ARG A 44 -5.25 -4.34 -6.38
N MET A 45 -4.04 -4.22 -6.94
CA MET A 45 -3.81 -3.50 -8.20
C MET A 45 -3.99 -4.40 -9.43
N ASP A 46 -4.02 -5.73 -9.24
CA ASP A 46 -4.30 -6.68 -10.35
C ASP A 46 -5.64 -6.35 -11.07
N PRO A 47 -6.84 -6.26 -10.36
CA PRO A 47 -8.12 -5.89 -11.02
C PRO A 47 -8.12 -4.43 -11.54
N ILE A 48 -7.30 -3.57 -10.92
CA ILE A 48 -7.18 -2.13 -11.25
C ILE A 48 -6.56 -1.94 -12.66
N LYS A 49 -5.65 -2.85 -13.03
CA LYS A 49 -5.01 -2.90 -14.37
C LYS A 49 -6.04 -3.36 -15.42
N LYS A 50 -6.90 -4.31 -15.00
CA LYS A 50 -8.04 -4.81 -15.80
C LYS A 50 -9.09 -3.70 -15.99
N LEU A 51 -9.22 -2.80 -14.99
CA LEU A 51 -10.18 -1.67 -15.05
C LEU A 51 -9.62 -0.58 -15.97
N GLY A 52 -8.28 -0.55 -16.08
CA GLY A 52 -7.58 0.30 -17.03
C GLY A 52 -7.33 1.72 -16.53
N CYS A 53 -7.00 1.84 -15.24
CA CYS A 53 -6.67 3.14 -14.63
C CYS A 53 -5.17 3.45 -14.78
N LYS A 54 -4.86 4.35 -15.74
CA LYS A 54 -3.49 4.83 -16.04
C LYS A 54 -2.80 5.31 -14.76
N ARG A 55 -3.47 6.26 -14.07
CA ARG A 55 -3.03 6.81 -12.79
C ARG A 55 -4.11 6.55 -11.72
N VAL A 56 -3.64 6.30 -10.49
CA VAL A 56 -4.50 5.93 -9.36
C VAL A 56 -4.08 6.74 -8.12
N ARG A 57 -5.03 6.99 -7.22
CA ARG A 57 -4.76 7.57 -5.90
C ARG A 57 -5.13 6.54 -4.84
N ILE A 58 -4.17 6.21 -3.98
CA ILE A 58 -4.30 5.17 -2.96
C ILE A 58 -4.04 5.80 -1.58
N SER A 59 -4.94 5.57 -0.63
CA SER A 59 -4.76 5.96 0.76
C SER A 59 -4.71 4.68 1.62
N ILE A 60 -3.63 4.54 2.40
CA ILE A 60 -3.40 3.37 3.26
C ILE A 60 -3.30 3.84 4.72
N ARG A 61 -4.13 3.25 5.58
CA ARG A 61 -4.15 3.55 7.02
C ARG A 61 -3.59 2.33 7.78
N VAL A 62 -2.60 2.59 8.65
CA VAL A 62 -1.90 1.54 9.41
C VAL A 62 -2.37 1.64 10.88
N LYS A 63 -2.61 0.49 11.53
CA LYS A 63 -3.13 0.49 12.90
C LYS A 63 -1.94 0.51 13.85
N HIS A 64 -1.98 1.44 14.81
CA HIS A 64 -0.92 1.65 15.81
C HIS A 64 -1.35 1.03 17.13
N SER A 65 -0.39 0.44 17.85
CA SER A 65 -0.65 -0.24 19.13
C SER A 65 -1.27 0.73 20.16
N ASP A 66 -0.78 1.98 20.18
CA ASP A 66 -1.20 3.03 21.14
C ASP A 66 -0.95 4.45 20.57
N ALA A 67 -1.49 5.48 21.26
CA ALA A 67 -1.36 6.91 20.91
C ALA A 67 0.11 7.39 20.89
N ALA A 68 0.87 7.06 21.94
CA ALA A 68 2.31 7.41 22.03
C ALA A 68 3.12 6.67 20.95
N GLU A 69 2.70 5.42 20.67
CA GLU A 69 3.31 4.58 19.61
C GLU A 69 3.12 5.15 18.20
N GLU A 70 2.06 5.96 17.97
CA GLU A 70 1.70 6.45 16.62
C GLU A 70 2.88 7.14 15.91
N LYS A 71 3.62 7.94 16.68
CA LYS A 71 4.74 8.77 16.15
C LYS A 71 5.90 7.89 15.67
N LYS A 72 6.33 6.98 16.54
CA LYS A 72 7.48 6.09 16.28
C LYS A 72 7.14 5.07 15.18
N GLU A 73 5.96 4.46 15.30
CA GLU A 73 5.48 3.43 14.37
C GLU A 73 5.11 3.99 12.99
N ALA A 74 4.63 5.24 12.88
CA ALA A 74 4.33 5.84 11.56
C ALA A 74 5.63 5.98 10.76
N LYS A 75 6.68 6.49 11.43
CA LYS A 75 8.04 6.62 10.86
C LYS A 75 8.64 5.24 10.49
N LYS A 76 8.42 4.24 11.37
CA LYS A 76 8.87 2.84 11.14
C LYS A 76 8.17 2.24 9.91
N PHE A 77 6.84 2.39 9.87
CA PHE A 77 6.00 1.84 8.77
C PHE A 77 6.26 2.63 7.48
N ALA A 78 6.58 3.93 7.63
CA ALA A 78 6.96 4.81 6.51
C ALA A 78 8.20 4.24 5.81
N ALA A 79 9.18 3.80 6.63
CA ALA A 79 10.39 3.12 6.14
C ALA A 79 10.07 1.76 5.49
N ILE A 80 9.12 0.99 6.09
CA ILE A 80 8.63 -0.28 5.54
C ILE A 80 8.05 -0.06 4.13
N LEU A 81 7.13 0.93 4.02
CA LEU A 81 6.45 1.28 2.77
C LEU A 81 7.44 1.86 1.76
N ASN A 82 8.43 2.63 2.27
CA ASN A 82 9.51 3.23 1.46
C ASN A 82 10.25 2.15 0.65
N LYS A 83 10.54 1.01 1.30
CA LYS A 83 11.15 -0.14 0.63
C LYS A 83 10.15 -0.86 -0.29
N VAL A 84 8.89 -1.03 0.14
CA VAL A 84 7.87 -1.82 -0.59
C VAL A 84 7.52 -1.13 -1.94
N PHE A 85 7.25 0.17 -1.84
CA PHE A 85 6.91 1.00 -3.00
C PHE A 85 8.11 1.09 -3.95
N ALA A 86 9.33 1.13 -3.39
CA ALA A 86 10.59 1.04 -4.16
C ALA A 86 10.75 -0.36 -4.83
N GLU A 87 10.19 -1.42 -4.18
CA GLU A 87 10.23 -2.81 -4.68
C GLU A 87 9.22 -3.01 -5.83
N LEU A 88 8.18 -2.15 -5.88
CA LEU A 88 7.04 -2.32 -6.79
C LEU A 88 7.07 -1.33 -7.97
N GLY A 89 8.00 -0.34 -7.92
CA GLY A 89 8.19 0.61 -9.01
C GLY A 89 7.36 1.88 -8.87
N TYR A 90 7.10 2.25 -7.61
CA TYR A 90 6.42 3.51 -7.24
C TYR A 90 7.51 4.49 -6.81
N ASN A 91 7.33 5.77 -7.16
CA ASN A 91 8.27 6.84 -6.77
C ASN A 91 8.08 7.22 -5.30
N ASP A 92 9.19 7.47 -4.59
CA ASP A 92 9.19 7.80 -3.15
C ASP A 92 8.46 9.13 -2.90
N SER A 93 8.74 10.10 -3.80
CA SER A 93 8.18 11.46 -3.77
C SER A 93 6.64 11.48 -3.90
N ASN A 94 6.08 10.44 -4.54
CA ASN A 94 4.62 10.28 -4.74
C ASN A 94 3.94 9.75 -3.47
N VAL A 95 4.75 9.50 -2.43
CA VAL A 95 4.29 9.02 -1.12
C VAL A 95 4.23 10.20 -0.13
N THR A 96 3.04 10.49 0.41
CA THR A 96 2.84 11.61 1.36
C THR A 96 2.12 11.11 2.62
N TRP A 97 2.75 11.28 3.80
CA TRP A 97 2.15 10.90 5.10
C TRP A 97 1.35 12.07 5.70
N ASP A 98 0.13 11.76 6.14
CA ASP A 98 -0.73 12.66 6.93
C ASP A 98 -1.17 11.91 8.18
N GLY A 99 -0.43 12.11 9.28
CA GLY A 99 -0.72 11.46 10.55
C GLY A 99 -0.53 9.94 10.47
N ASP A 100 -1.61 9.20 10.78
CA ASP A 100 -1.59 7.72 10.79
C ASP A 100 -1.96 7.15 9.40
N THR A 101 -2.15 8.02 8.40
CA THR A 101 -2.65 7.64 7.07
C THR A 101 -1.66 8.14 6.02
N VAL A 102 -1.27 7.30 5.05
CA VAL A 102 -0.37 7.72 3.97
C VAL A 102 -1.13 7.64 2.63
N THR A 103 -0.99 8.68 1.81
CA THR A 103 -1.62 8.77 0.49
C THR A 103 -0.50 8.71 -0.56
N VAL A 104 -0.62 7.72 -1.46
CA VAL A 104 0.35 7.46 -2.52
C VAL A 104 -0.37 7.53 -3.86
N GLU A 105 0.21 8.27 -4.81
CA GLU A 105 -0.28 8.31 -6.19
C GLU A 105 0.72 7.57 -7.09
N GLY A 106 0.18 6.72 -7.98
CA GLY A 106 0.97 5.87 -8.84
C GLY A 106 0.42 5.79 -10.25
N GLN A 107 1.21 5.19 -11.14
CA GLN A 107 0.87 5.06 -12.56
C GLN A 107 1.23 3.64 -13.03
N LEU A 108 0.26 2.98 -13.68
CA LEU A 108 0.41 1.62 -14.22
C LEU A 108 -0.05 1.60 -15.67
N GLU A 109 0.44 0.61 -16.46
CA GLU A 109 0.05 0.44 -17.85
C GLU A 109 -1.33 -0.26 -17.89
N GLY A 110 -2.35 0.47 -17.43
CA GLY A 110 -3.70 -0.03 -17.35
C GLY A 110 -4.31 -0.27 -18.71
N VAL A 111 -5.09 -1.36 -18.84
CA VAL A 111 -5.80 -1.69 -20.08
C VAL A 111 -7.28 -1.92 -19.76
N ASP A 112 -8.15 -1.08 -20.35
CA ASP A 112 -9.58 -1.11 -20.11
C ASP A 112 -10.21 -2.35 -20.78
N LEU A 113 -10.51 -3.36 -19.96
CA LEU A 113 -11.11 -4.63 -20.44
C LEU A 113 -12.64 -4.59 -20.33
N GLU A 114 -13.17 -3.46 -19.82
CA GLU A 114 -14.60 -3.31 -19.56
C GLU A 114 -15.32 -2.84 -20.83
N HIS A 115 -16.05 -3.80 -21.45
CA HIS A 115 -16.81 -3.58 -22.69
C HIS A 115 -18.20 -3.01 -22.37
N HIS A 116 -18.69 -2.10 -23.24
CA HIS A 116 -20.01 -1.44 -23.09
C HIS A 116 -20.06 -0.72 -21.73
N HIS A 117 -18.93 -0.08 -21.40
CA HIS A 117 -18.73 0.68 -20.15
C HIS A 117 -19.51 2.03 -20.12
N HIS A 118 -20.10 2.42 -21.28
CA HIS A 118 -21.00 3.61 -21.35
C HIS A 118 -22.49 3.21 -21.13
N HIS A 119 -22.76 1.88 -21.11
CA HIS A 119 -24.13 1.33 -20.97
C HIS A 119 -24.34 0.83 -19.54
N HIS A 120 -25.59 0.96 -19.04
CA HIS A 120 -25.96 0.57 -17.66
C HIS A 120 -27.23 -0.33 -17.75
N MET A 1 2.87 -17.53 14.21
CA MET A 1 4.18 -16.84 14.19
C MET A 1 4.63 -16.63 15.64
N SER A 2 5.22 -15.46 15.92
CA SER A 2 5.69 -15.06 17.26
C SER A 2 5.61 -13.53 17.47
N GLY A 3 5.05 -12.80 16.49
CA GLY A 3 5.26 -11.35 16.35
C GLY A 3 4.07 -10.53 16.83
N LYS A 4 3.76 -9.47 16.08
CA LYS A 4 2.74 -8.47 16.46
C LYS A 4 1.77 -8.31 15.29
N LYS A 5 0.56 -7.82 15.58
CA LYS A 5 -0.47 -7.57 14.58
C LYS A 5 -0.55 -6.07 14.29
N VAL A 6 -0.53 -5.72 13.00
CA VAL A 6 -0.91 -4.38 12.51
C VAL A 6 -2.03 -4.55 11.49
N GLU A 7 -3.01 -3.62 11.49
CA GLU A 7 -4.10 -3.63 10.52
C GLU A 7 -3.82 -2.50 9.52
N VAL A 8 -3.87 -2.87 8.25
CA VAL A 8 -3.54 -2.02 7.11
C VAL A 8 -4.79 -1.83 6.25
N GLN A 9 -5.22 -0.58 6.07
CA GLN A 9 -6.37 -0.24 5.21
C GLN A 9 -5.83 0.36 3.91
N VAL A 10 -6.16 -0.28 2.79
CA VAL A 10 -5.74 0.15 1.45
C VAL A 10 -6.98 0.63 0.69
N LYS A 11 -6.96 1.91 0.30
CA LYS A 11 -8.06 2.57 -0.40
C LYS A 11 -7.57 3.07 -1.76
N ILE A 12 -8.10 2.50 -2.85
CA ILE A 12 -7.64 2.81 -4.22
C ILE A 12 -8.83 3.25 -5.09
N THR A 13 -8.67 4.38 -5.82
CA THR A 13 -9.70 4.89 -6.72
C THR A 13 -9.25 4.71 -8.19
N CYS A 14 -10.12 4.06 -8.98
CA CYS A 14 -9.92 3.84 -10.42
C CYS A 14 -11.28 3.94 -11.14
N ASN A 15 -11.26 4.50 -12.39
CA ASN A 15 -12.44 4.63 -13.27
C ASN A 15 -13.43 5.66 -12.67
N GLY A 16 -14.21 5.21 -11.70
CA GLY A 16 -15.21 6.04 -11.02
C GLY A 16 -15.68 5.38 -9.74
N LYS A 17 -15.05 4.23 -9.38
CA LYS A 17 -15.39 3.44 -8.18
C LYS A 17 -14.16 3.30 -7.28
N THR A 18 -14.37 3.55 -5.98
CA THR A 18 -13.32 3.46 -4.95
C THR A 18 -13.40 2.09 -4.27
N TYR A 19 -12.25 1.38 -4.21
CA TYR A 19 -12.16 0.03 -3.62
C TYR A 19 -11.26 0.11 -2.38
N GLU A 20 -11.81 -0.26 -1.23
CA GLU A 20 -11.10 -0.24 0.06
C GLU A 20 -11.36 -1.52 0.85
N ARG A 21 -10.31 -1.97 1.54
CA ARG A 21 -10.37 -3.15 2.41
C ARG A 21 -9.29 -3.03 3.48
N THR A 22 -9.63 -3.45 4.70
CA THR A 22 -8.68 -3.48 5.81
C THR A 22 -8.20 -4.94 5.98
N TYR A 23 -6.86 -5.11 6.13
CA TYR A 23 -6.21 -6.44 6.22
C TYR A 23 -5.49 -6.55 7.57
N GLN A 24 -5.44 -7.75 8.13
CA GLN A 24 -4.70 -8.01 9.38
C GLN A 24 -3.38 -8.70 9.01
N LEU A 25 -2.25 -8.06 9.37
CA LEU A 25 -0.91 -8.57 9.09
C LEU A 25 -0.21 -8.90 10.42
N TYR A 26 0.11 -10.18 10.63
CA TYR A 26 0.81 -10.65 11.83
C TYR A 26 2.21 -11.14 11.42
N ALA A 27 3.24 -10.43 11.87
CA ALA A 27 4.62 -10.63 11.42
C ALA A 27 5.58 -10.44 12.60
N VAL A 28 6.74 -11.11 12.53
CA VAL A 28 7.76 -11.06 13.59
C VAL A 28 8.78 -9.95 13.26
N ARG A 29 9.36 -10.03 12.04
CA ARG A 29 10.40 -9.09 11.56
C ARG A 29 9.75 -8.01 10.66
N ASP A 30 10.40 -6.83 10.59
CA ASP A 30 9.95 -5.70 9.76
C ASP A 30 9.90 -6.09 8.26
N GLU A 31 10.90 -6.87 7.83
CA GLU A 31 11.04 -7.40 6.45
C GLU A 31 9.89 -8.37 6.10
N GLU A 32 9.41 -9.13 7.10
CA GLU A 32 8.27 -10.06 6.96
C GLU A 32 6.96 -9.28 6.69
N LEU A 33 6.83 -8.11 7.35
CA LEU A 33 5.70 -7.18 7.15
C LEU A 33 5.77 -6.53 5.73
N LYS A 34 7.00 -6.17 5.28
CA LYS A 34 7.24 -5.50 3.98
C LYS A 34 6.62 -6.28 2.81
N GLU A 35 6.94 -7.59 2.74
CA GLU A 35 6.46 -8.48 1.68
C GLU A 35 4.93 -8.60 1.71
N LYS A 36 4.36 -8.56 2.92
CA LYS A 36 2.89 -8.61 3.15
C LYS A 36 2.22 -7.37 2.57
N LEU A 37 2.85 -6.20 2.80
CA LEU A 37 2.39 -4.89 2.26
C LEU A 37 2.37 -4.92 0.73
N LYS A 38 3.44 -5.49 0.11
CA LYS A 38 3.56 -5.63 -1.35
C LYS A 38 2.45 -6.53 -1.92
N LYS A 39 2.18 -7.67 -1.25
CA LYS A 39 1.16 -8.64 -1.69
C LYS A 39 -0.23 -7.97 -1.67
N VAL A 40 -0.52 -7.26 -0.56
CA VAL A 40 -1.80 -6.56 -0.33
C VAL A 40 -2.04 -5.42 -1.34
N LEU A 41 -0.99 -4.61 -1.59
CA LEU A 41 -1.03 -3.50 -2.56
C LEU A 41 -1.22 -4.04 -3.99
N ASN A 42 -0.50 -5.11 -4.36
CA ASN A 42 -0.62 -5.75 -5.68
C ASN A 42 -2.01 -6.39 -5.86
N GLU A 43 -2.55 -6.99 -4.77
CA GLU A 43 -3.88 -7.62 -4.74
C GLU A 43 -4.98 -6.61 -5.14
N ARG A 44 -4.85 -5.38 -4.60
CA ARG A 44 -5.79 -4.28 -4.90
C ARG A 44 -5.61 -3.77 -6.33
N MET A 45 -4.44 -4.07 -6.94
CA MET A 45 -4.12 -3.64 -8.32
C MET A 45 -4.52 -4.69 -9.38
N ASP A 46 -4.88 -5.91 -8.94
CA ASP A 46 -5.27 -7.01 -9.86
C ASP A 46 -6.52 -6.64 -10.72
N PRO A 47 -7.68 -6.18 -10.12
CA PRO A 47 -8.89 -5.82 -10.93
C PRO A 47 -8.73 -4.45 -11.65
N ILE A 48 -7.73 -3.65 -11.23
CA ILE A 48 -7.49 -2.28 -11.76
C ILE A 48 -7.13 -2.37 -13.27
N LYS A 49 -6.50 -3.50 -13.65
CA LYS A 49 -6.06 -3.76 -15.03
C LYS A 49 -7.27 -4.03 -15.94
N LYS A 50 -8.22 -4.83 -15.44
CA LYS A 50 -9.53 -5.07 -16.10
C LYS A 50 -10.29 -3.73 -16.23
N LEU A 51 -10.13 -2.85 -15.22
CA LEU A 51 -10.79 -1.52 -15.23
C LEU A 51 -10.07 -0.58 -16.21
N GLY A 52 -8.79 -0.90 -16.47
CA GLY A 52 -8.01 -0.27 -17.52
C GLY A 52 -7.57 1.13 -17.18
N CYS A 53 -7.20 1.34 -15.90
CA CYS A 53 -6.73 2.62 -15.42
C CYS A 53 -5.22 2.77 -15.73
N LYS A 54 -4.87 3.91 -16.36
CA LYS A 54 -3.48 4.31 -16.65
C LYS A 54 -2.78 4.93 -15.43
N ARG A 55 -3.59 5.46 -14.50
CA ARG A 55 -3.12 6.13 -13.28
C ARG A 55 -4.18 5.97 -12.18
N VAL A 56 -3.72 5.64 -10.96
CA VAL A 56 -4.59 5.39 -9.79
C VAL A 56 -4.03 6.13 -8.56
N ARG A 57 -4.92 6.42 -7.59
CA ARG A 57 -4.54 7.01 -6.31
C ARG A 57 -4.80 5.99 -5.21
N ILE A 58 -3.77 5.68 -4.40
CA ILE A 58 -3.84 4.64 -3.37
C ILE A 58 -3.48 5.29 -2.01
N SER A 59 -4.36 5.16 -1.01
CA SER A 59 -4.09 5.66 0.34
C SER A 59 -4.00 4.45 1.30
N ILE A 60 -2.93 4.43 2.11
CA ILE A 60 -2.65 3.35 3.07
C ILE A 60 -2.65 3.92 4.50
N ARG A 61 -3.43 3.29 5.39
CA ARG A 61 -3.45 3.63 6.82
C ARG A 61 -3.05 2.39 7.62
N VAL A 62 -2.10 2.56 8.55
CA VAL A 62 -1.53 1.45 9.33
C VAL A 62 -2.00 1.61 10.78
N LYS A 63 -2.38 0.48 11.41
CA LYS A 63 -2.76 0.45 12.83
C LYS A 63 -1.56 -0.11 13.60
N HIS A 64 -1.15 0.62 14.62
CA HIS A 64 0.00 0.30 15.45
C HIS A 64 -0.45 -0.45 16.72
N SER A 65 0.28 -1.54 17.05
CA SER A 65 -0.07 -2.46 18.15
C SER A 65 -0.28 -1.70 19.47
N ASP A 66 0.71 -0.88 19.84
CA ASP A 66 0.68 -0.08 21.08
C ASP A 66 0.37 1.40 20.77
N ALA A 67 -0.79 1.87 21.25
CA ALA A 67 -1.28 3.24 21.02
C ALA A 67 -0.31 4.29 21.60
N ALA A 68 0.45 3.91 22.64
CA ALA A 68 1.49 4.76 23.24
C ALA A 68 2.71 4.90 22.32
N GLU A 69 3.20 3.76 21.81
CA GLU A 69 4.36 3.72 20.90
C GLU A 69 4.00 4.21 19.49
N GLU A 70 2.71 4.19 19.14
CA GLU A 70 2.23 4.45 17.76
C GLU A 70 2.92 5.64 17.07
N LYS A 71 3.31 6.66 17.85
CA LYS A 71 3.98 7.86 17.32
C LYS A 71 5.36 7.47 16.76
N LYS A 72 6.09 6.68 17.57
CA LYS A 72 7.43 6.18 17.22
C LYS A 72 7.33 5.13 16.09
N GLU A 73 6.27 4.28 16.20
CA GLU A 73 6.01 3.18 15.27
C GLU A 73 5.62 3.71 13.89
N ALA A 74 4.94 4.88 13.83
CA ALA A 74 4.61 5.57 12.56
C ALA A 74 5.86 6.04 11.81
N LYS A 75 6.81 6.62 12.57
CA LYS A 75 8.15 7.00 12.09
C LYS A 75 8.94 5.78 11.56
N LYS A 76 8.83 4.66 12.28
CA LYS A 76 9.42 3.37 11.85
C LYS A 76 8.74 2.86 10.55
N PHE A 77 7.40 2.86 10.53
CA PHE A 77 6.59 2.24 9.46
C PHE A 77 6.71 3.09 8.19
N ALA A 78 6.90 4.41 8.36
CA ALA A 78 7.11 5.36 7.24
C ALA A 78 8.28 4.89 6.36
N ALA A 79 9.38 4.47 7.03
CA ALA A 79 10.56 3.88 6.39
C ALA A 79 10.21 2.53 5.73
N ILE A 80 9.38 1.71 6.41
CA ILE A 80 8.93 0.37 5.92
C ILE A 80 8.14 0.53 4.60
N LEU A 81 7.20 1.49 4.60
CA LEU A 81 6.33 1.78 3.46
C LEU A 81 7.14 2.33 2.28
N ASN A 82 8.13 3.21 2.60
CA ASN A 82 9.03 3.83 1.61
C ASN A 82 9.86 2.75 0.88
N LYS A 83 10.30 1.72 1.64
CA LYS A 83 11.06 0.58 1.08
C LYS A 83 10.16 -0.25 0.17
N VAL A 84 8.90 -0.41 0.59
CA VAL A 84 7.86 -1.16 -0.17
C VAL A 84 7.56 -0.46 -1.50
N PHE A 85 7.32 0.85 -1.42
CA PHE A 85 6.96 1.69 -2.57
C PHE A 85 8.12 1.74 -3.58
N ALA A 86 9.37 1.80 -3.10
CA ALA A 86 10.57 1.74 -3.95
C ALA A 86 10.70 0.38 -4.65
N GLU A 87 10.23 -0.69 -4.00
CA GLU A 87 10.30 -2.07 -4.53
C GLU A 87 9.11 -2.32 -5.50
N LEU A 88 8.14 -1.38 -5.53
CA LEU A 88 6.95 -1.46 -6.40
C LEU A 88 7.13 -0.57 -7.66
N GLY A 89 8.23 0.21 -7.69
CA GLY A 89 8.54 1.11 -8.81
C GLY A 89 8.04 2.56 -8.63
N TYR A 90 7.67 2.93 -7.38
CA TYR A 90 7.15 4.28 -7.05
C TYR A 90 8.27 5.24 -6.62
N ASN A 91 8.14 6.52 -7.01
CA ASN A 91 9.11 7.59 -6.72
C ASN A 91 8.72 8.39 -5.47
N ASP A 92 9.69 9.19 -4.98
CA ASP A 92 9.52 10.12 -3.83
C ASP A 92 8.53 11.25 -4.12
N SER A 93 8.41 11.59 -5.42
CA SER A 93 7.50 12.62 -5.93
C SER A 93 6.05 12.11 -6.05
N ASN A 94 5.86 10.80 -5.80
CA ASN A 94 4.57 10.12 -5.93
C ASN A 94 4.00 9.71 -4.56
N VAL A 95 4.82 9.83 -3.49
CA VAL A 95 4.41 9.43 -2.13
C VAL A 95 4.26 10.69 -1.24
N THR A 96 3.04 10.94 -0.74
CA THR A 96 2.73 12.12 0.09
C THR A 96 2.09 11.69 1.42
N TRP A 97 2.60 12.23 2.53
CA TRP A 97 2.06 11.99 3.87
C TRP A 97 1.16 13.17 4.31
N ASP A 98 -0.02 12.84 4.87
CA ASP A 98 -1.02 13.81 5.35
C ASP A 98 -1.89 13.15 6.44
N GLY A 99 -1.64 13.51 7.72
CA GLY A 99 -2.41 13.02 8.86
C GLY A 99 -2.11 11.57 9.25
N ASP A 100 -0.80 11.24 9.40
CA ASP A 100 -0.30 9.86 9.72
C ASP A 100 -0.82 8.80 8.72
N THR A 101 -1.16 9.28 7.53
CA THR A 101 -1.77 8.50 6.44
C THR A 101 -0.98 8.81 5.16
N VAL A 102 -0.67 7.80 4.34
CA VAL A 102 0.18 7.99 3.15
C VAL A 102 -0.67 7.78 1.88
N THR A 103 -0.63 8.78 1.00
CA THR A 103 -1.31 8.75 -0.29
C THR A 103 -0.26 8.70 -1.42
N VAL A 104 -0.36 7.67 -2.27
CA VAL A 104 0.61 7.33 -3.30
C VAL A 104 -0.09 7.29 -4.66
N GLU A 105 0.52 7.95 -5.66
CA GLU A 105 0.06 7.91 -7.06
C GLU A 105 0.86 6.82 -7.78
N GLY A 106 0.18 5.92 -8.49
CA GLY A 106 0.86 4.84 -9.21
C GLY A 106 0.25 4.57 -10.58
N GLN A 107 0.96 3.78 -11.40
CA GLN A 107 0.56 3.43 -12.77
C GLN A 107 1.07 2.02 -13.02
N LEU A 108 0.15 1.11 -13.31
CA LEU A 108 0.43 -0.33 -13.46
C LEU A 108 0.78 -0.67 -14.92
N GLU A 109 1.47 -1.80 -15.09
CA GLU A 109 1.89 -2.31 -16.41
C GLU A 109 0.79 -3.23 -17.00
N GLY A 110 0.64 -3.20 -18.33
CA GLY A 110 -0.42 -3.90 -19.04
C GLY A 110 -1.41 -2.92 -19.63
N VAL A 111 -1.67 -1.83 -18.89
CA VAL A 111 -2.46 -0.67 -19.37
C VAL A 111 -1.52 0.48 -19.78
N ASP A 112 -0.63 0.86 -18.85
CA ASP A 112 0.51 1.75 -19.12
C ASP A 112 1.81 0.94 -19.04
N LEU A 113 2.06 0.16 -20.11
CA LEU A 113 3.10 -0.90 -20.13
C LEU A 113 4.50 -0.28 -19.98
N GLU A 114 5.27 -0.80 -19.02
CA GLU A 114 6.67 -0.43 -18.76
C GLU A 114 6.86 1.09 -18.57
N HIS A 115 5.96 1.70 -17.78
CA HIS A 115 6.07 3.13 -17.41
C HIS A 115 7.23 3.22 -16.41
N HIS A 116 7.11 2.40 -15.34
CA HIS A 116 8.14 2.26 -14.31
C HIS A 116 9.04 1.10 -14.78
N HIS A 117 9.81 1.36 -15.85
CA HIS A 117 10.72 0.38 -16.49
C HIS A 117 12.07 0.22 -15.75
N HIS A 118 12.18 0.86 -14.58
CA HIS A 118 13.41 0.84 -13.74
C HIS A 118 13.03 1.07 -12.28
N HIS A 119 13.97 0.79 -11.37
CA HIS A 119 13.80 0.97 -9.92
C HIS A 119 13.79 2.48 -9.58
N HIS A 120 12.83 2.88 -8.74
CA HIS A 120 12.69 4.27 -8.29
C HIS A 120 13.11 4.36 -6.79
N MET A 1 6.53 -2.98 13.72
CA MET A 1 5.91 -3.83 12.65
C MET A 1 6.38 -5.28 12.77
N SER A 2 7.09 -5.56 13.86
CA SER A 2 7.56 -6.89 14.20
C SER A 2 6.40 -7.68 14.82
N GLY A 3 6.71 -8.60 15.73
CA GLY A 3 5.74 -9.61 16.14
C GLY A 3 4.68 -8.97 17.00
N LYS A 4 3.88 -8.07 16.40
CA LYS A 4 2.66 -7.54 17.01
C LYS A 4 1.55 -7.40 15.94
N LYS A 5 0.29 -7.61 16.37
CA LYS A 5 -0.87 -7.61 15.50
C LYS A 5 -1.19 -6.17 15.07
N VAL A 6 -1.19 -5.93 13.76
CA VAL A 6 -1.46 -4.61 13.17
C VAL A 6 -2.51 -4.82 12.06
N GLU A 7 -3.46 -3.89 11.95
CA GLU A 7 -4.43 -3.88 10.85
C GLU A 7 -4.06 -2.74 9.87
N VAL A 8 -4.12 -3.04 8.58
CA VAL A 8 -3.80 -2.11 7.49
C VAL A 8 -5.03 -1.92 6.59
N GLN A 9 -5.47 -0.67 6.41
CA GLN A 9 -6.58 -0.32 5.51
C GLN A 9 -5.99 0.26 4.22
N VAL A 10 -6.23 -0.43 3.09
CA VAL A 10 -5.72 -0.03 1.77
C VAL A 10 -6.90 0.39 0.89
N LYS A 11 -6.90 1.66 0.44
CA LYS A 11 -7.98 2.22 -0.39
C LYS A 11 -7.39 2.65 -1.74
N ILE A 12 -7.93 2.15 -2.86
CA ILE A 12 -7.49 2.54 -4.20
C ILE A 12 -8.68 3.08 -5.05
N THR A 13 -8.44 4.21 -5.71
CA THR A 13 -9.43 4.84 -6.60
C THR A 13 -9.03 4.56 -8.06
N CYS A 14 -9.98 4.04 -8.86
CA CYS A 14 -9.73 3.55 -10.23
C CYS A 14 -10.94 3.85 -11.12
N ASN A 15 -10.71 4.66 -12.17
CA ASN A 15 -11.75 5.08 -13.14
C ASN A 15 -12.95 5.75 -12.43
N GLY A 16 -12.63 6.47 -11.35
CA GLY A 16 -13.63 7.18 -10.53
C GLY A 16 -14.31 6.34 -9.47
N LYS A 17 -13.91 5.06 -9.34
CA LYS A 17 -14.47 4.12 -8.37
C LYS A 17 -13.45 3.81 -7.26
N THR A 18 -13.90 3.93 -6.00
CA THR A 18 -13.06 3.74 -4.80
C THR A 18 -13.30 2.33 -4.21
N TYR A 19 -12.23 1.55 -4.09
CA TYR A 19 -12.27 0.18 -3.55
C TYR A 19 -11.32 0.09 -2.35
N GLU A 20 -11.82 -0.37 -1.20
CA GLU A 20 -11.02 -0.44 0.03
C GLU A 20 -11.21 -1.79 0.74
N ARG A 21 -10.15 -2.27 1.38
CA ARG A 21 -10.16 -3.51 2.16
C ARG A 21 -9.17 -3.41 3.32
N THR A 22 -9.57 -3.92 4.49
CA THR A 22 -8.74 -3.95 5.69
C THR A 22 -8.12 -5.37 5.85
N TYR A 23 -6.80 -5.42 6.10
CA TYR A 23 -6.02 -6.66 6.21
C TYR A 23 -5.40 -6.77 7.60
N GLN A 24 -5.32 -7.98 8.13
CA GLN A 24 -4.61 -8.26 9.39
C GLN A 24 -3.23 -8.84 9.06
N LEU A 25 -2.17 -8.12 9.44
CA LEU A 25 -0.76 -8.52 9.18
C LEU A 25 -0.08 -8.90 10.50
N TYR A 26 0.69 -9.99 10.49
CA TYR A 26 1.55 -10.37 11.63
C TYR A 26 2.85 -10.97 11.07
N ALA A 27 4.01 -10.42 11.49
CA ALA A 27 5.33 -10.79 10.96
C ALA A 27 6.40 -10.68 12.05
N VAL A 28 7.36 -11.62 11.98
CA VAL A 28 8.48 -11.72 12.90
C VAL A 28 9.55 -10.67 12.52
N ARG A 29 9.91 -10.68 11.23
CA ARG A 29 10.94 -9.82 10.63
C ARG A 29 10.26 -8.65 9.87
N ASP A 30 10.99 -7.52 9.82
CA ASP A 30 10.59 -6.30 9.06
C ASP A 30 10.49 -6.62 7.56
N GLU A 31 11.44 -7.44 7.08
CA GLU A 31 11.48 -7.93 5.70
C GLU A 31 10.24 -8.79 5.38
N GLU A 32 9.76 -9.58 6.36
CA GLU A 32 8.54 -10.40 6.20
C GLU A 32 7.31 -9.50 6.02
N LEU A 33 7.21 -8.41 6.80
CA LEU A 33 6.10 -7.44 6.70
C LEU A 33 6.13 -6.74 5.33
N LYS A 34 7.35 -6.39 4.84
CA LYS A 34 7.55 -5.66 3.55
C LYS A 34 6.91 -6.41 2.36
N GLU A 35 7.27 -7.71 2.23
CA GLU A 35 6.80 -8.58 1.14
C GLU A 35 5.29 -8.86 1.26
N LYS A 36 4.76 -8.81 2.50
CA LYS A 36 3.31 -8.93 2.78
C LYS A 36 2.54 -7.72 2.23
N LEU A 37 3.10 -6.53 2.44
CA LEU A 37 2.54 -5.27 1.92
C LEU A 37 2.53 -5.28 0.38
N LYS A 38 3.61 -5.84 -0.21
CA LYS A 38 3.73 -6.03 -1.68
C LYS A 38 2.60 -6.93 -2.22
N LYS A 39 2.35 -8.07 -1.54
CA LYS A 39 1.31 -9.04 -1.94
C LYS A 39 -0.08 -8.40 -1.89
N VAL A 40 -0.35 -7.67 -0.79
CA VAL A 40 -1.62 -6.94 -0.56
C VAL A 40 -1.87 -5.88 -1.64
N LEU A 41 -0.82 -5.09 -1.95
CA LEU A 41 -0.86 -4.04 -2.97
C LEU A 41 -1.11 -4.66 -4.36
N ASN A 42 -0.37 -5.73 -4.72
CA ASN A 42 -0.58 -6.46 -6.01
C ASN A 42 -1.96 -7.16 -6.07
N GLU A 43 -2.45 -7.65 -4.90
CA GLU A 43 -3.76 -8.30 -4.81
C GLU A 43 -4.88 -7.34 -5.21
N ARG A 44 -4.77 -6.09 -4.71
CA ARG A 44 -5.72 -5.02 -5.03
C ARG A 44 -5.57 -4.49 -6.47
N MET A 45 -4.35 -4.63 -7.04
CA MET A 45 -4.02 -4.07 -8.36
C MET A 45 -4.40 -5.03 -9.51
N ASP A 46 -4.67 -6.31 -9.18
CA ASP A 46 -5.01 -7.33 -10.20
C ASP A 46 -6.31 -6.95 -10.98
N PRO A 47 -7.51 -6.76 -10.32
CA PRO A 47 -8.76 -6.33 -11.03
C PRO A 47 -8.70 -4.89 -11.60
N ILE A 48 -7.73 -4.09 -11.11
CA ILE A 48 -7.56 -2.67 -11.49
C ILE A 48 -7.02 -2.53 -12.95
N LYS A 49 -6.15 -3.47 -13.37
CA LYS A 49 -5.59 -3.49 -14.73
C LYS A 49 -6.70 -3.71 -15.77
N LYS A 50 -7.71 -4.52 -15.39
CA LYS A 50 -8.92 -4.76 -16.21
C LYS A 50 -9.75 -3.47 -16.37
N LEU A 51 -9.70 -2.57 -15.36
CA LEU A 51 -10.54 -1.36 -15.36
C LEU A 51 -9.89 -0.27 -16.24
N GLY A 52 -8.56 -0.36 -16.38
CA GLY A 52 -7.81 0.39 -17.37
C GLY A 52 -7.61 1.84 -16.98
N CYS A 53 -7.71 2.10 -15.68
CA CYS A 53 -7.43 3.41 -15.08
C CYS A 53 -5.91 3.64 -15.10
N LYS A 54 -5.38 4.10 -16.25
CA LYS A 54 -3.92 4.22 -16.44
C LYS A 54 -3.28 4.90 -15.22
N ARG A 55 -3.98 5.86 -14.60
CA ARG A 55 -3.52 6.55 -13.38
C ARG A 55 -4.36 6.05 -12.20
N VAL A 56 -3.69 5.67 -11.10
CA VAL A 56 -4.33 5.12 -9.89
C VAL A 56 -3.80 5.85 -8.65
N ARG A 57 -4.64 5.97 -7.60
CA ARG A 57 -4.24 6.58 -6.31
C ARG A 57 -4.63 5.65 -5.16
N ILE A 58 -3.65 5.34 -4.31
CA ILE A 58 -3.78 4.40 -3.18
C ILE A 58 -3.47 5.12 -1.85
N SER A 59 -4.40 5.08 -0.88
CA SER A 59 -4.19 5.62 0.47
C SER A 59 -4.14 4.45 1.46
N ILE A 60 -3.12 4.43 2.33
CA ILE A 60 -2.93 3.36 3.33
C ILE A 60 -2.99 3.95 4.76
N ARG A 61 -3.82 3.32 5.62
CA ARG A 61 -3.96 3.68 7.03
C ARG A 61 -3.50 2.48 7.85
N VAL A 62 -2.61 2.70 8.82
CA VAL A 62 -2.08 1.61 9.66
C VAL A 62 -2.60 1.77 11.11
N LYS A 63 -2.96 0.65 11.75
CA LYS A 63 -3.54 0.67 13.10
C LYS A 63 -2.41 0.71 14.12
N HIS A 64 -2.50 1.67 15.05
CA HIS A 64 -1.51 1.86 16.13
C HIS A 64 -1.98 1.36 17.49
N SER A 65 -0.99 0.83 18.23
CA SER A 65 -1.17 0.17 19.51
C SER A 65 -1.74 1.14 20.56
N ASP A 66 -1.24 2.40 20.56
CA ASP A 66 -1.62 3.42 21.57
C ASP A 66 -1.28 4.84 21.06
N ALA A 67 -1.78 5.86 21.80
CA ALA A 67 -1.52 7.29 21.52
C ALA A 67 -0.03 7.65 21.69
N ALA A 68 0.60 7.05 22.70
CA ALA A 68 2.04 7.17 22.93
C ALA A 68 2.85 6.35 21.90
N GLU A 69 2.37 5.13 21.65
CA GLU A 69 3.05 4.17 20.77
C GLU A 69 3.03 4.59 19.28
N GLU A 70 1.91 5.21 18.83
CA GLU A 70 1.71 5.55 17.40
C GLU A 70 2.83 6.42 16.81
N LYS A 71 3.49 7.19 17.70
CA LYS A 71 4.60 8.10 17.33
C LYS A 71 5.84 7.32 16.80
N LYS A 72 6.25 6.28 17.52
CA LYS A 72 7.38 5.42 17.10
C LYS A 72 6.95 4.49 15.95
N GLU A 73 5.72 3.94 16.07
CA GLU A 73 5.18 2.90 15.16
C GLU A 73 4.95 3.45 13.74
N ALA A 74 4.54 4.72 13.66
CA ALA A 74 4.39 5.46 12.39
C ALA A 74 5.73 5.63 11.64
N LYS A 75 6.76 6.06 12.38
CA LYS A 75 8.13 6.22 11.87
C LYS A 75 8.68 4.87 11.33
N LYS A 76 8.45 3.80 12.11
CA LYS A 76 8.94 2.45 11.76
C LYS A 76 8.30 1.97 10.45
N PHE A 77 6.95 2.09 10.37
CA PHE A 77 6.12 1.59 9.27
C PHE A 77 6.35 2.44 8.01
N ALA A 78 6.55 3.74 8.23
CA ALA A 78 6.82 4.71 7.17
C ALA A 78 8.07 4.33 6.37
N ALA A 79 9.11 3.90 7.10
CA ALA A 79 10.37 3.41 6.51
C ALA A 79 10.12 2.12 5.69
N ILE A 80 9.26 1.23 6.23
CA ILE A 80 8.87 -0.04 5.58
C ILE A 80 8.18 0.24 4.22
N LEU A 81 7.15 1.11 4.22
CA LEU A 81 6.40 1.46 2.99
C LEU A 81 7.29 2.21 1.97
N ASN A 82 8.18 3.08 2.47
CA ASN A 82 9.14 3.83 1.63
C ASN A 82 10.02 2.86 0.82
N LYS A 83 10.46 1.79 1.50
CA LYS A 83 11.25 0.71 0.89
C LYS A 83 10.39 -0.12 -0.09
N VAL A 84 9.15 -0.43 0.33
CA VAL A 84 8.20 -1.27 -0.45
C VAL A 84 7.80 -0.60 -1.78
N PHE A 85 7.38 0.67 -1.67
CA PHE A 85 6.89 1.47 -2.83
C PHE A 85 8.00 1.72 -3.87
N ALA A 86 9.24 1.94 -3.39
CA ALA A 86 10.42 2.08 -4.27
C ALA A 86 10.74 0.77 -5.01
N GLU A 87 10.37 -0.36 -4.39
CA GLU A 87 10.54 -1.72 -4.97
C GLU A 87 9.40 -2.04 -5.95
N LEU A 88 8.27 -1.28 -5.88
CA LEU A 88 7.05 -1.56 -6.68
C LEU A 88 7.05 -0.75 -7.98
N GLY A 89 7.83 0.35 -8.01
CA GLY A 89 7.90 1.23 -9.19
C GLY A 89 7.51 2.68 -8.92
N TYR A 90 7.28 3.05 -7.64
CA TYR A 90 6.89 4.43 -7.27
C TYR A 90 8.13 5.32 -7.07
N ASN A 91 8.12 6.53 -7.68
CA ASN A 91 9.25 7.48 -7.61
C ASN A 91 9.12 8.41 -6.38
N ASP A 92 9.89 8.09 -5.30
CA ASP A 92 10.02 8.91 -4.07
C ASP A 92 8.79 9.81 -3.78
N SER A 93 8.71 10.99 -4.46
CA SER A 93 7.73 12.05 -4.17
C SER A 93 6.27 11.61 -4.41
N ASN A 94 6.08 10.48 -5.13
CA ASN A 94 4.74 9.89 -5.38
C ASN A 94 4.07 9.44 -4.06
N VAL A 95 4.89 9.39 -3.00
CA VAL A 95 4.48 9.01 -1.63
C VAL A 95 4.39 10.27 -0.73
N THR A 96 3.20 10.58 -0.16
CA THR A 96 3.02 11.73 0.74
C THR A 96 2.33 11.30 2.06
N TRP A 97 2.92 11.69 3.20
CA TRP A 97 2.37 11.40 4.56
C TRP A 97 1.69 12.64 5.16
N ASP A 98 0.44 12.45 5.65
CA ASP A 98 -0.34 13.48 6.33
C ASP A 98 -1.17 12.83 7.46
N GLY A 99 -0.72 13.03 8.71
CA GLY A 99 -1.46 12.58 9.91
C GLY A 99 -1.39 11.08 10.15
N ASP A 100 -0.19 10.51 9.95
CA ASP A 100 0.10 9.04 10.07
C ASP A 100 -0.62 8.21 9.01
N THR A 101 -1.20 8.87 8.00
CA THR A 101 -1.87 8.19 6.88
C THR A 101 -1.22 8.65 5.57
N VAL A 102 -0.91 7.70 4.68
CA VAL A 102 -0.09 7.95 3.50
C VAL A 102 -0.96 7.84 2.25
N THR A 103 -0.81 8.81 1.33
CA THR A 103 -1.44 8.77 0.01
C THR A 103 -0.33 8.64 -1.04
N VAL A 104 -0.44 7.60 -1.88
CA VAL A 104 0.58 7.21 -2.86
C VAL A 104 -0.10 7.07 -4.22
N GLU A 105 0.40 7.80 -5.21
CA GLU A 105 -0.20 7.82 -6.56
C GLU A 105 0.84 7.48 -7.61
N GLY A 106 0.43 6.68 -8.59
CA GLY A 106 1.34 6.17 -9.61
C GLY A 106 0.60 5.52 -10.76
N GLN A 107 1.38 4.93 -11.67
CA GLN A 107 0.87 4.40 -12.94
C GLN A 107 0.41 2.93 -12.81
N LEU A 108 -0.71 2.62 -13.49
CA LEU A 108 -1.27 1.27 -13.60
C LEU A 108 -0.44 0.42 -14.60
N GLU A 109 -0.21 -0.87 -14.25
CA GLU A 109 0.58 -1.86 -15.03
C GLU A 109 2.08 -1.61 -14.82
N GLY A 110 2.45 -0.32 -14.74
CA GLY A 110 3.81 0.10 -14.36
C GLY A 110 4.17 -0.42 -12.98
N VAL A 111 3.19 -0.34 -12.06
CA VAL A 111 3.29 -0.91 -10.70
C VAL A 111 2.63 -2.31 -10.72
N ASP A 112 3.46 -3.34 -10.91
CA ASP A 112 3.02 -4.76 -10.98
C ASP A 112 4.23 -5.66 -10.72
N LEU A 113 4.14 -6.53 -9.71
CA LEU A 113 5.11 -7.62 -9.47
C LEU A 113 4.38 -8.97 -9.63
N GLU A 114 5.17 -10.06 -9.62
CA GLU A 114 4.68 -11.44 -9.83
C GLU A 114 3.95 -12.00 -8.58
N HIS A 115 2.82 -11.36 -8.26
CA HIS A 115 1.92 -11.74 -7.16
C HIS A 115 0.47 -11.68 -7.70
N HIS A 116 0.17 -12.58 -8.64
CA HIS A 116 -1.18 -12.70 -9.26
C HIS A 116 -2.06 -13.53 -8.33
N HIS A 117 -2.93 -12.80 -7.63
CA HIS A 117 -3.84 -13.32 -6.58
C HIS A 117 -5.26 -13.51 -7.14
N HIS A 118 -5.66 -12.59 -8.03
CA HIS A 118 -6.99 -12.56 -8.66
C HIS A 118 -7.10 -13.70 -9.68
N HIS A 119 -7.88 -14.72 -9.32
CA HIS A 119 -8.12 -15.90 -10.17
C HIS A 119 -9.62 -16.26 -10.11
N HIS A 120 -10.48 -15.21 -10.22
CA HIS A 120 -11.94 -15.34 -10.14
C HIS A 120 -12.60 -14.47 -11.24
N MET A 1 3.76 -17.98 17.79
CA MET A 1 2.81 -17.18 16.98
C MET A 1 3.58 -16.43 15.88
N SER A 2 3.72 -15.11 16.05
CA SER A 2 4.45 -14.23 15.11
C SER A 2 4.69 -12.84 15.73
N GLY A 3 4.84 -12.80 17.07
CA GLY A 3 5.20 -11.58 17.79
C GLY A 3 4.04 -10.60 17.94
N LYS A 4 4.16 -9.45 17.25
CA LYS A 4 3.15 -8.39 17.24
C LYS A 4 2.45 -8.31 15.87
N LYS A 5 1.17 -7.90 15.85
CA LYS A 5 0.33 -7.88 14.65
C LYS A 5 -0.08 -6.43 14.35
N VAL A 6 -0.07 -6.05 13.08
CA VAL A 6 -0.53 -4.73 12.61
C VAL A 6 -1.62 -4.89 11.53
N GLU A 7 -2.64 -4.02 11.55
CA GLU A 7 -3.69 -4.04 10.51
C GLU A 7 -3.39 -2.91 9.52
N VAL A 8 -3.55 -3.23 8.23
CA VAL A 8 -3.31 -2.31 7.12
C VAL A 8 -4.61 -2.17 6.31
N GLN A 9 -5.15 -0.94 6.18
CA GLN A 9 -6.36 -0.67 5.38
C GLN A 9 -5.96 0.06 4.09
N VAL A 10 -6.23 -0.56 2.94
CA VAL A 10 -5.82 -0.03 1.62
C VAL A 10 -7.07 0.42 0.86
N LYS A 11 -7.11 1.72 0.48
CA LYS A 11 -8.23 2.29 -0.27
C LYS A 11 -7.69 2.84 -1.61
N ILE A 12 -8.17 2.29 -2.73
CA ILE A 12 -7.72 2.70 -4.09
C ILE A 12 -8.95 3.09 -4.95
N THR A 13 -8.87 4.26 -5.58
CA THR A 13 -9.95 4.81 -6.42
C THR A 13 -9.52 4.93 -7.88
N CYS A 14 -10.36 4.40 -8.79
CA CYS A 14 -10.26 4.62 -10.24
C CYS A 14 -11.64 4.51 -10.93
N ASN A 15 -11.80 5.25 -12.06
CA ASN A 15 -12.98 5.24 -12.94
C ASN A 15 -14.31 5.47 -12.18
N GLY A 16 -14.22 6.32 -11.14
CA GLY A 16 -15.39 6.65 -10.32
C GLY A 16 -15.73 5.59 -9.28
N LYS A 17 -14.94 4.50 -9.22
CA LYS A 17 -15.15 3.39 -8.28
C LYS A 17 -13.99 3.31 -7.28
N THR A 18 -14.32 2.95 -6.04
CA THR A 18 -13.36 2.78 -4.95
C THR A 18 -13.35 1.30 -4.53
N TYR A 19 -12.14 0.74 -4.43
CA TYR A 19 -11.92 -0.61 -3.88
C TYR A 19 -11.09 -0.47 -2.60
N GLU A 20 -11.68 -0.91 -1.48
CA GLU A 20 -11.06 -0.78 -0.14
C GLU A 20 -11.23 -2.07 0.65
N ARG A 21 -10.20 -2.42 1.42
CA ARG A 21 -10.20 -3.62 2.29
C ARG A 21 -9.15 -3.45 3.41
N THR A 22 -9.52 -3.91 4.63
CA THR A 22 -8.62 -3.97 5.80
C THR A 22 -8.00 -5.39 5.90
N TYR A 23 -6.67 -5.44 6.05
CA TYR A 23 -5.87 -6.68 6.07
C TYR A 23 -5.20 -6.81 7.44
N GLN A 24 -5.05 -8.04 7.95
CA GLN A 24 -4.27 -8.31 9.16
C GLN A 24 -2.92 -8.91 8.73
N LEU A 25 -1.83 -8.17 9.03
CA LEU A 25 -0.45 -8.57 8.72
C LEU A 25 0.30 -8.91 10.01
N TYR A 26 0.54 -10.20 10.25
CA TYR A 26 1.10 -10.69 11.52
C TYR A 26 2.52 -11.22 11.27
N ALA A 27 3.51 -10.47 11.75
CA ALA A 27 4.93 -10.68 11.41
C ALA A 27 5.80 -10.30 12.61
N VAL A 28 6.87 -11.06 12.86
CA VAL A 28 7.83 -10.76 13.93
C VAL A 28 8.80 -9.64 13.49
N ARG A 29 9.45 -9.84 12.34
CA ARG A 29 10.51 -8.95 11.83
C ARG A 29 9.93 -7.97 10.81
N ASP A 30 10.61 -6.83 10.65
CA ASP A 30 10.24 -5.77 9.72
C ASP A 30 10.22 -6.33 8.27
N GLU A 31 11.20 -7.21 7.96
CA GLU A 31 11.37 -7.82 6.62
C GLU A 31 10.19 -8.75 6.27
N GLU A 32 9.65 -9.43 7.30
CA GLU A 32 8.51 -10.36 7.14
C GLU A 32 7.26 -9.58 6.70
N LEU A 33 7.08 -8.36 7.25
CA LEU A 33 5.90 -7.50 6.98
C LEU A 33 5.95 -6.96 5.52
N LYS A 34 7.16 -6.59 5.07
CA LYS A 34 7.37 -5.89 3.77
C LYS A 34 6.80 -6.69 2.59
N GLU A 35 7.11 -8.00 2.53
CA GLU A 35 6.63 -8.88 1.45
C GLU A 35 5.09 -9.00 1.48
N LYS A 36 4.50 -8.94 2.69
CA LYS A 36 3.03 -8.98 2.86
C LYS A 36 2.36 -7.74 2.24
N LEU A 37 2.98 -6.57 2.46
CA LEU A 37 2.50 -5.30 1.89
C LEU A 37 2.56 -5.32 0.36
N LYS A 38 3.65 -5.93 -0.21
CA LYS A 38 3.79 -6.12 -1.67
C LYS A 38 2.63 -6.97 -2.25
N LYS A 39 2.27 -8.07 -1.54
CA LYS A 39 1.15 -8.97 -1.92
C LYS A 39 -0.18 -8.20 -1.92
N VAL A 40 -0.41 -7.44 -0.84
CA VAL A 40 -1.62 -6.63 -0.63
C VAL A 40 -1.80 -5.54 -1.71
N LEU A 41 -0.70 -4.82 -1.99
CA LEU A 41 -0.66 -3.76 -3.00
C LEU A 41 -0.93 -4.32 -4.40
N ASN A 42 -0.28 -5.47 -4.74
CA ASN A 42 -0.45 -6.14 -6.05
C ASN A 42 -1.92 -6.62 -6.22
N GLU A 43 -2.53 -7.12 -5.11
CA GLU A 43 -3.94 -7.60 -5.10
C GLU A 43 -4.93 -6.48 -5.43
N ARG A 44 -4.73 -5.31 -4.82
CA ARG A 44 -5.61 -4.13 -5.00
C ARG A 44 -5.44 -3.51 -6.39
N MET A 45 -4.28 -3.79 -7.04
CA MET A 45 -4.02 -3.34 -8.42
C MET A 45 -4.50 -4.35 -9.48
N ASP A 46 -4.94 -5.56 -9.11
CA ASP A 46 -5.45 -6.57 -10.09
C ASP A 46 -6.74 -6.13 -10.84
N PRO A 47 -7.86 -5.71 -10.13
CA PRO A 47 -9.09 -5.23 -10.82
C PRO A 47 -8.84 -3.90 -11.57
N ILE A 48 -7.78 -3.19 -11.15
CA ILE A 48 -7.36 -1.90 -11.71
C ILE A 48 -6.83 -2.06 -13.17
N LYS A 49 -6.24 -3.26 -13.45
CA LYS A 49 -5.72 -3.60 -14.78
C LYS A 49 -6.87 -3.89 -15.73
N LYS A 50 -7.87 -4.61 -15.21
CA LYS A 50 -9.15 -4.85 -15.90
C LYS A 50 -9.88 -3.53 -16.22
N LEU A 51 -9.68 -2.50 -15.38
CA LEU A 51 -10.23 -1.16 -15.63
C LEU A 51 -9.31 -0.42 -16.63
N GLY A 52 -8.01 -0.80 -16.63
CA GLY A 52 -7.01 -0.20 -17.52
C GLY A 52 -6.59 1.19 -17.06
N CYS A 53 -6.70 1.42 -15.75
CA CYS A 53 -6.47 2.74 -15.14
C CYS A 53 -5.03 3.21 -15.39
N LYS A 54 -4.87 4.36 -16.04
CA LYS A 54 -3.55 4.96 -16.28
C LYS A 54 -2.89 5.34 -14.96
N ARG A 55 -3.53 6.26 -14.23
CA ARG A 55 -3.06 6.74 -12.92
C ARG A 55 -4.15 6.46 -11.87
N VAL A 56 -3.72 6.08 -10.67
CA VAL A 56 -4.60 5.72 -9.54
C VAL A 56 -4.13 6.44 -8.27
N ARG A 57 -5.02 6.63 -7.30
CA ARG A 57 -4.70 7.22 -6.00
C ARG A 57 -5.02 6.20 -4.93
N ILE A 58 -4.04 5.91 -4.08
CA ILE A 58 -4.15 4.93 -2.99
C ILE A 58 -3.91 5.65 -1.64
N SER A 59 -4.77 5.40 -0.67
CA SER A 59 -4.61 5.85 0.72
C SER A 59 -4.57 4.61 1.61
N ILE A 60 -3.53 4.52 2.44
CA ILE A 60 -3.30 3.38 3.34
C ILE A 60 -3.22 3.87 4.79
N ARG A 61 -4.07 3.29 5.66
CA ARG A 61 -4.13 3.59 7.09
C ARG A 61 -3.59 2.35 7.83
N VAL A 62 -2.62 2.57 8.72
CA VAL A 62 -1.93 1.50 9.45
C VAL A 62 -2.34 1.57 10.94
N LYS A 63 -2.56 0.42 11.59
CA LYS A 63 -3.05 0.38 12.97
C LYS A 63 -1.87 0.47 13.95
N HIS A 64 -1.97 1.41 14.89
CA HIS A 64 -0.93 1.68 15.88
C HIS A 64 -1.37 1.06 17.21
N SER A 65 -0.39 0.47 17.95
CA SER A 65 -0.53 -0.23 19.26
C SER A 65 -1.18 0.61 20.39
N ASP A 66 -0.83 1.91 20.44
CA ASP A 66 -1.33 2.88 21.44
C ASP A 66 -1.18 4.29 20.86
N ALA A 67 -1.79 5.28 21.54
CA ALA A 67 -1.76 6.70 21.10
C ALA A 67 -0.33 7.27 21.10
N ALA A 68 0.40 7.01 22.19
CA ALA A 68 1.82 7.41 22.33
C ALA A 68 2.71 6.67 21.30
N GLU A 69 2.36 5.41 21.01
CA GLU A 69 3.13 4.57 20.07
C GLU A 69 3.04 5.11 18.63
N GLU A 70 1.94 5.84 18.29
CA GLU A 70 1.59 6.27 16.90
C GLU A 70 2.77 6.92 16.13
N LYS A 71 3.51 7.81 16.79
CA LYS A 71 4.63 8.56 16.17
C LYS A 71 5.78 7.61 15.78
N LYS A 72 6.15 6.72 16.72
CA LYS A 72 7.23 5.73 16.55
C LYS A 72 6.86 4.67 15.48
N GLU A 73 5.61 4.17 15.57
CA GLU A 73 5.08 3.11 14.70
C GLU A 73 4.97 3.63 13.26
N ALA A 74 4.48 4.88 13.11
CA ALA A 74 4.38 5.55 11.81
C ALA A 74 5.76 5.83 11.20
N LYS A 75 6.71 6.29 12.04
CA LYS A 75 8.11 6.54 11.64
C LYS A 75 8.76 5.26 11.05
N LYS A 76 8.57 4.12 11.76
CA LYS A 76 9.06 2.79 11.36
C LYS A 76 8.38 2.34 10.07
N PHE A 77 7.05 2.48 10.03
CA PHE A 77 6.21 1.98 8.93
C PHE A 77 6.47 2.78 7.65
N ALA A 78 6.84 4.06 7.81
CA ALA A 78 7.23 4.94 6.70
C ALA A 78 8.42 4.34 5.96
N ALA A 79 9.41 3.82 6.74
CA ALA A 79 10.59 3.13 6.19
C ALA A 79 10.19 1.81 5.48
N ILE A 80 9.24 1.08 6.10
CA ILE A 80 8.71 -0.20 5.60
C ILE A 80 8.09 -0.03 4.20
N LEU A 81 7.13 0.89 4.11
CA LEU A 81 6.43 1.22 2.85
C LEU A 81 7.36 1.89 1.82
N ASN A 82 8.29 2.72 2.30
CA ASN A 82 9.29 3.41 1.44
C ASN A 82 10.06 2.40 0.58
N LYS A 83 10.46 1.29 1.25
CA LYS A 83 11.15 0.17 0.61
C LYS A 83 10.20 -0.65 -0.30
N VAL A 84 8.99 -0.93 0.20
CA VAL A 84 7.97 -1.75 -0.50
C VAL A 84 7.56 -1.10 -1.83
N PHE A 85 7.21 0.19 -1.74
CA PHE A 85 6.79 1.02 -2.89
C PHE A 85 7.95 1.23 -3.89
N ALA A 86 9.18 1.33 -3.37
CA ALA A 86 10.41 1.45 -4.18
C ALA A 86 10.69 0.16 -5.00
N GLU A 87 10.29 -0.99 -4.45
CA GLU A 87 10.46 -2.31 -5.09
C GLU A 87 9.37 -2.54 -6.16
N LEU A 88 8.26 -1.77 -6.08
CA LEU A 88 7.04 -1.99 -6.89
C LEU A 88 6.92 -0.98 -8.05
N GLY A 89 7.80 0.06 -8.04
CA GLY A 89 7.89 1.02 -9.14
C GLY A 89 7.43 2.43 -8.79
N TYR A 90 7.23 2.68 -7.49
CA TYR A 90 6.85 4.01 -6.98
C TYR A 90 8.09 4.73 -6.40
N ASN A 91 8.19 6.04 -6.65
CA ASN A 91 9.32 6.90 -6.22
C ASN A 91 8.90 7.70 -4.96
N ASP A 92 9.88 8.45 -4.36
CA ASP A 92 9.65 9.30 -3.16
C ASP A 92 8.60 10.39 -3.41
N SER A 93 8.54 10.88 -4.67
CA SER A 93 7.58 11.91 -5.13
C SER A 93 6.16 11.36 -5.31
N ASN A 94 6.00 10.03 -5.14
CA ASN A 94 4.71 9.35 -5.26
C ASN A 94 4.07 9.15 -3.87
N VAL A 95 4.87 9.24 -2.80
CA VAL A 95 4.41 8.89 -1.43
C VAL A 95 4.34 10.16 -0.56
N THR A 96 3.15 10.46 -0.02
CA THR A 96 2.94 11.59 0.91
C THR A 96 2.31 11.09 2.23
N TRP A 97 2.99 11.32 3.36
CA TRP A 97 2.48 10.95 4.70
C TRP A 97 1.67 12.11 5.31
N ASP A 98 0.49 11.78 5.84
CA ASP A 98 -0.37 12.69 6.61
C ASP A 98 -0.88 11.95 7.87
N GLY A 99 -0.11 12.08 8.96
CA GLY A 99 -0.43 11.47 10.25
C GLY A 99 -0.34 9.94 10.24
N ASP A 100 -1.47 9.29 10.59
CA ASP A 100 -1.57 7.82 10.72
C ASP A 100 -1.92 7.17 9.36
N THR A 101 -2.07 8.03 8.34
CA THR A 101 -2.49 7.65 6.97
C THR A 101 -1.49 8.19 5.92
N VAL A 102 -1.10 7.34 4.97
CA VAL A 102 -0.19 7.69 3.86
C VAL A 102 -0.98 7.61 2.52
N THR A 103 -0.84 8.64 1.69
CA THR A 103 -1.49 8.70 0.37
C THR A 103 -0.41 8.57 -0.72
N VAL A 104 -0.53 7.53 -1.57
CA VAL A 104 0.43 7.27 -2.64
C VAL A 104 -0.30 7.29 -3.99
N GLU A 105 0.19 8.11 -4.93
CA GLU A 105 -0.46 8.33 -6.22
C GLU A 105 0.56 7.99 -7.32
N GLY A 106 0.13 7.24 -8.35
CA GLY A 106 1.02 6.83 -9.44
C GLY A 106 0.32 6.00 -10.49
N GLN A 107 1.08 5.63 -11.52
CA GLN A 107 0.54 4.93 -12.71
C GLN A 107 0.64 3.40 -12.56
N LEU A 108 -0.26 2.73 -13.28
CA LEU A 108 -0.38 1.27 -13.33
C LEU A 108 0.88 0.72 -14.04
N GLU A 109 1.53 -0.30 -13.42
CA GLU A 109 2.70 -0.99 -14.00
C GLU A 109 2.44 -1.49 -15.44
N GLY A 110 1.24 -2.05 -15.62
CA GLY A 110 0.80 -2.54 -16.93
C GLY A 110 -0.49 -3.36 -16.80
N VAL A 111 -1.18 -3.57 -17.94
CA VAL A 111 -2.46 -4.27 -17.97
C VAL A 111 -2.22 -5.74 -18.38
N ASP A 112 -2.79 -6.66 -17.59
CA ASP A 112 -2.75 -8.12 -17.82
C ASP A 112 -1.29 -8.59 -17.96
N LEU A 113 -0.52 -8.40 -16.88
CA LEU A 113 0.90 -8.79 -16.82
C LEU A 113 1.06 -10.31 -16.58
N GLU A 114 2.03 -10.91 -17.29
CA GLU A 114 2.34 -12.34 -17.23
C GLU A 114 3.39 -12.58 -16.12
N HIS A 115 4.13 -11.51 -15.80
CA HIS A 115 5.25 -11.56 -14.86
C HIS A 115 4.67 -11.38 -13.43
N HIS A 116 3.95 -12.42 -12.96
CA HIS A 116 3.36 -12.44 -11.60
C HIS A 116 3.44 -13.84 -10.96
N HIS A 117 3.89 -14.87 -11.70
CA HIS A 117 4.07 -16.23 -11.14
C HIS A 117 5.47 -16.34 -10.51
N HIS A 118 5.67 -15.54 -9.43
CA HIS A 118 6.95 -15.42 -8.69
C HIS A 118 6.66 -14.71 -7.38
N HIS A 119 7.68 -14.58 -6.50
CA HIS A 119 7.52 -13.92 -5.19
C HIS A 119 7.10 -12.44 -5.40
N HIS A 120 6.13 -11.99 -4.60
CA HIS A 120 5.63 -10.62 -4.64
C HIS A 120 6.61 -9.69 -3.87
N MET A 1 10.56 -13.70 19.73
CA MET A 1 10.46 -13.93 18.27
C MET A 1 9.29 -13.11 17.71
N SER A 2 8.23 -13.82 17.29
CA SER A 2 7.11 -13.29 16.53
C SER A 2 6.68 -11.96 17.20
N GLY A 3 6.35 -10.99 16.36
CA GLY A 3 6.14 -9.61 16.76
C GLY A 3 4.67 -9.40 17.05
N LYS A 4 4.24 -8.13 16.93
CA LYS A 4 2.85 -7.71 17.15
C LYS A 4 2.06 -7.65 15.84
N LYS A 5 0.72 -7.62 15.95
CA LYS A 5 -0.20 -7.61 14.80
C LYS A 5 -0.50 -6.14 14.42
N VAL A 6 -0.42 -5.82 13.14
CA VAL A 6 -0.77 -4.48 12.62
C VAL A 6 -1.82 -4.64 11.51
N GLU A 7 -2.80 -3.75 11.48
CA GLU A 7 -3.84 -3.73 10.45
C GLU A 7 -3.56 -2.60 9.46
N VAL A 8 -3.65 -2.95 8.16
CA VAL A 8 -3.34 -2.06 7.02
C VAL A 8 -4.57 -1.93 6.12
N GLN A 9 -5.06 -0.69 5.95
CA GLN A 9 -6.23 -0.39 5.10
C GLN A 9 -5.73 0.21 3.79
N VAL A 10 -6.06 -0.45 2.65
CA VAL A 10 -5.66 0.02 1.31
C VAL A 10 -6.92 0.51 0.56
N LYS A 11 -6.93 1.79 0.18
CA LYS A 11 -8.07 2.42 -0.52
C LYS A 11 -7.56 2.98 -1.87
N ILE A 12 -8.11 2.49 -2.98
CA ILE A 12 -7.69 2.90 -4.33
C ILE A 12 -8.89 3.37 -5.17
N THR A 13 -8.75 4.50 -5.87
CA THR A 13 -9.74 5.00 -6.83
C THR A 13 -9.26 4.70 -8.28
N CYS A 14 -10.13 4.05 -9.06
CA CYS A 14 -9.83 3.56 -10.42
C CYS A 14 -11.10 3.56 -11.28
N ASN A 15 -11.04 4.29 -12.42
CA ASN A 15 -12.15 4.38 -13.42
C ASN A 15 -13.43 4.92 -12.76
N GLY A 16 -13.25 5.83 -11.79
CA GLY A 16 -14.35 6.49 -11.07
C GLY A 16 -14.93 5.67 -9.94
N LYS A 17 -14.41 4.46 -9.73
CA LYS A 17 -14.87 3.52 -8.69
C LYS A 17 -13.76 3.29 -7.66
N THR A 18 -14.11 3.43 -6.37
CA THR A 18 -13.15 3.31 -5.27
C THR A 18 -13.31 1.92 -4.61
N TYR A 19 -12.19 1.21 -4.49
CA TYR A 19 -12.11 -0.14 -3.90
C TYR A 19 -11.24 -0.07 -2.65
N GLU A 20 -11.74 -0.56 -1.50
CA GLU A 20 -10.99 -0.54 -0.23
C GLU A 20 -11.15 -1.85 0.54
N ARG A 21 -10.07 -2.25 1.22
CA ARG A 21 -10.03 -3.47 2.06
C ARG A 21 -8.97 -3.30 3.17
N THR A 22 -9.32 -3.76 4.37
CA THR A 22 -8.42 -3.79 5.53
C THR A 22 -7.83 -5.21 5.69
N TYR A 23 -6.50 -5.30 5.89
CA TYR A 23 -5.78 -6.57 6.01
C TYR A 23 -5.10 -6.65 7.38
N GLN A 24 -5.01 -7.86 7.95
CA GLN A 24 -4.30 -8.09 9.22
C GLN A 24 -2.95 -8.73 8.89
N LEU A 25 -1.87 -8.07 9.30
CA LEU A 25 -0.50 -8.53 9.04
C LEU A 25 0.16 -8.92 10.37
N TYR A 26 0.53 -10.20 10.49
CA TYR A 26 1.33 -10.72 11.61
C TYR A 26 2.63 -11.34 11.05
N ALA A 27 3.77 -10.92 11.61
CA ALA A 27 5.11 -11.22 11.10
C ALA A 27 6.08 -11.40 12.27
N VAL A 28 7.22 -12.05 12.02
CA VAL A 28 8.31 -12.14 13.01
C VAL A 28 9.32 -11.01 12.73
N ARG A 29 9.80 -10.93 11.48
CA ARG A 29 10.80 -9.91 11.08
C ARG A 29 10.14 -8.76 10.30
N ASP A 30 10.77 -7.59 10.37
CA ASP A 30 10.37 -6.39 9.61
C ASP A 30 10.39 -6.65 8.09
N GLU A 31 11.40 -7.43 7.61
CA GLU A 31 11.53 -7.80 6.18
C GLU A 31 10.37 -8.71 5.72
N GLU A 32 9.89 -9.57 6.64
CA GLU A 32 8.75 -10.48 6.37
C GLU A 32 7.48 -9.67 6.12
N LEU A 33 7.33 -8.58 6.90
CA LEU A 33 6.20 -7.64 6.80
C LEU A 33 6.23 -6.89 5.45
N LYS A 34 7.43 -6.50 4.99
CA LYS A 34 7.62 -5.72 3.74
C LYS A 34 7.03 -6.44 2.52
N GLU A 35 7.38 -7.73 2.35
CA GLU A 35 6.88 -8.55 1.23
C GLU A 35 5.36 -8.80 1.34
N LYS A 36 4.84 -8.83 2.60
CA LYS A 36 3.39 -8.98 2.86
C LYS A 36 2.61 -7.76 2.35
N LEU A 37 3.18 -6.57 2.59
CA LEU A 37 2.63 -5.30 2.10
C LEU A 37 2.64 -5.27 0.56
N LYS A 38 3.73 -5.79 -0.05
CA LYS A 38 3.85 -5.90 -1.54
C LYS A 38 2.71 -6.76 -2.11
N LYS A 39 2.44 -7.88 -1.42
CA LYS A 39 1.37 -8.82 -1.80
C LYS A 39 -0.01 -8.16 -1.65
N VAL A 40 -0.23 -7.49 -0.51
CA VAL A 40 -1.47 -6.75 -0.22
C VAL A 40 -1.73 -5.66 -1.27
N LEU A 41 -0.72 -4.84 -1.58
CA LEU A 41 -0.82 -3.75 -2.57
C LEU A 41 -1.06 -4.30 -3.98
N ASN A 42 -0.37 -5.39 -4.34
CA ASN A 42 -0.56 -6.07 -5.64
C ASN A 42 -1.97 -6.71 -5.72
N GLU A 43 -2.43 -7.30 -4.60
CA GLU A 43 -3.71 -8.02 -4.50
C GLU A 43 -4.90 -7.06 -4.74
N ARG A 44 -4.88 -5.88 -4.08
CA ARG A 44 -5.96 -4.87 -4.20
C ARG A 44 -6.00 -4.37 -5.63
N MET A 45 -4.81 -4.33 -6.26
CA MET A 45 -4.63 -3.80 -7.59
C MET A 45 -4.83 -4.86 -8.68
N ASP A 46 -5.01 -6.13 -8.33
CA ASP A 46 -5.26 -7.20 -9.32
C ASP A 46 -6.48 -6.83 -10.22
N PRO A 47 -7.71 -6.51 -9.65
CA PRO A 47 -8.88 -6.13 -10.49
C PRO A 47 -8.68 -4.73 -11.12
N ILE A 48 -7.71 -3.96 -10.59
CA ILE A 48 -7.44 -2.57 -11.00
C ILE A 48 -6.65 -2.54 -12.33
N LYS A 49 -5.76 -3.54 -12.51
CA LYS A 49 -4.90 -3.66 -13.70
C LYS A 49 -5.76 -4.05 -14.93
N LYS A 50 -6.88 -4.78 -14.68
CA LYS A 50 -7.88 -5.16 -15.71
C LYS A 50 -8.60 -3.89 -16.23
N LEU A 51 -8.68 -2.85 -15.38
CA LEU A 51 -9.52 -1.65 -15.64
C LEU A 51 -8.72 -0.63 -16.46
N GLY A 52 -7.41 -0.53 -16.16
CA GLY A 52 -6.45 0.25 -16.95
C GLY A 52 -6.55 1.75 -16.72
N CYS A 53 -7.19 2.12 -15.60
CA CYS A 53 -7.22 3.50 -15.12
C CYS A 53 -5.81 4.12 -15.25
N LYS A 54 -5.68 5.08 -16.21
CA LYS A 54 -4.40 5.71 -16.58
C LYS A 54 -3.74 6.46 -15.41
N ARG A 55 -4.52 6.76 -14.37
CA ARG A 55 -4.03 7.35 -13.12
C ARG A 55 -4.93 6.87 -11.97
N VAL A 56 -4.30 6.50 -10.84
CA VAL A 56 -5.02 6.02 -9.65
C VAL A 56 -4.44 6.70 -8.40
N ARG A 57 -5.28 6.89 -7.37
CA ARG A 57 -4.82 7.39 -6.07
C ARG A 57 -5.02 6.28 -5.03
N ILE A 58 -3.94 5.92 -4.33
CA ILE A 58 -3.94 4.81 -3.35
C ILE A 58 -3.58 5.37 -1.95
N SER A 59 -4.46 5.22 -0.95
CA SER A 59 -4.20 5.67 0.42
C SER A 59 -4.07 4.43 1.32
N ILE A 60 -2.98 4.38 2.09
CA ILE A 60 -2.68 3.27 3.02
C ILE A 60 -2.66 3.80 4.46
N ARG A 61 -3.54 3.27 5.31
CA ARG A 61 -3.62 3.69 6.72
C ARG A 61 -3.17 2.51 7.56
N VAL A 62 -2.29 2.79 8.54
CA VAL A 62 -1.71 1.75 9.41
C VAL A 62 -2.35 1.88 10.81
N LYS A 63 -2.65 0.72 11.45
CA LYS A 63 -3.24 0.72 12.79
C LYS A 63 -2.12 0.73 13.84
N HIS A 64 -2.25 1.66 14.79
CA HIS A 64 -1.31 1.86 15.91
C HIS A 64 -1.92 1.28 17.18
N SER A 65 -1.08 0.64 18.01
CA SER A 65 -1.54 -0.09 19.20
C SER A 65 -2.15 0.85 20.26
N ASP A 66 -1.53 2.02 20.41
CA ASP A 66 -1.89 3.03 21.44
C ASP A 66 -1.48 4.42 20.95
N ALA A 67 -1.94 5.47 21.65
CA ALA A 67 -1.67 6.88 21.30
C ALA A 67 -0.18 7.21 21.41
N ALA A 68 0.46 6.78 22.51
CA ALA A 68 1.92 6.94 22.72
C ALA A 68 2.71 6.16 21.66
N GLU A 69 2.19 4.99 21.29
CA GLU A 69 2.76 4.13 20.25
C GLU A 69 2.70 4.78 18.86
N GLU A 70 1.74 5.69 18.59
CA GLU A 70 1.51 6.22 17.22
C GLU A 70 2.81 6.80 16.63
N LYS A 71 3.54 7.58 17.47
CA LYS A 71 4.73 8.33 17.02
C LYS A 71 5.88 7.37 16.64
N LYS A 72 6.18 6.40 17.52
CA LYS A 72 7.29 5.46 17.35
C LYS A 72 6.99 4.50 16.19
N GLU A 73 5.75 3.97 16.20
CA GLU A 73 5.24 3.02 15.20
C GLU A 73 5.06 3.67 13.82
N ALA A 74 4.69 4.97 13.75
CA ALA A 74 4.53 5.66 12.46
C ALA A 74 5.87 5.73 11.73
N LYS A 75 6.92 6.14 12.48
CA LYS A 75 8.31 6.23 11.98
C LYS A 75 8.86 4.84 11.58
N LYS A 76 8.59 3.84 12.42
CA LYS A 76 9.00 2.43 12.17
C LYS A 76 8.32 1.84 10.92
N PHE A 77 6.98 1.92 10.84
CA PHE A 77 6.23 1.36 9.70
C PHE A 77 6.47 2.21 8.43
N ALA A 78 6.75 3.54 8.61
CA ALA A 78 7.01 4.46 7.48
C ALA A 78 8.19 3.96 6.63
N ALA A 79 9.26 3.49 7.30
CA ALA A 79 10.44 2.91 6.64
C ALA A 79 10.05 1.64 5.87
N ILE A 80 9.15 0.84 6.48
CA ILE A 80 8.65 -0.42 5.92
C ILE A 80 7.90 -0.14 4.60
N LEU A 81 6.93 0.80 4.64
CA LEU A 81 6.07 1.15 3.49
C LEU A 81 6.88 1.82 2.35
N ASN A 82 7.81 2.74 2.74
CA ASN A 82 8.64 3.52 1.79
C ASN A 82 9.49 2.59 0.92
N LYS A 83 10.02 1.54 1.57
CA LYS A 83 10.79 0.48 0.90
C LYS A 83 9.89 -0.33 -0.06
N VAL A 84 8.66 -0.63 0.40
CA VAL A 84 7.66 -1.39 -0.39
C VAL A 84 7.25 -0.59 -1.63
N PHE A 85 7.10 0.73 -1.44
CA PHE A 85 6.76 1.67 -2.51
C PHE A 85 7.88 1.70 -3.58
N ALA A 86 9.15 1.69 -3.12
CA ALA A 86 10.33 1.56 -3.99
C ALA A 86 10.40 0.17 -4.68
N GLU A 87 9.84 -0.87 -4.01
CA GLU A 87 9.77 -2.25 -4.53
C GLU A 87 8.72 -2.38 -5.66
N LEU A 88 7.73 -1.45 -5.67
CA LEU A 88 6.55 -1.54 -6.58
C LEU A 88 6.69 -0.53 -7.74
N GLY A 89 7.69 0.36 -7.67
CA GLY A 89 8.03 1.29 -8.76
C GLY A 89 7.58 2.73 -8.51
N TYR A 90 7.34 3.07 -7.23
CA TYR A 90 6.99 4.45 -6.81
C TYR A 90 8.29 5.18 -6.44
N ASN A 91 8.55 6.34 -7.06
CA ASN A 91 9.86 7.03 -6.98
C ASN A 91 9.75 8.32 -6.13
N ASP A 92 9.60 8.14 -4.80
CA ASP A 92 9.68 9.23 -3.77
C ASP A 92 8.54 10.28 -3.87
N SER A 93 8.52 11.05 -4.99
CA SER A 93 7.58 12.16 -5.24
C SER A 93 6.12 11.67 -5.35
N ASN A 94 5.95 10.41 -5.77
CA ASN A 94 4.63 9.77 -5.91
C ASN A 94 3.97 9.55 -4.53
N VAL A 95 4.82 9.44 -3.51
CA VAL A 95 4.45 9.08 -2.13
C VAL A 95 4.33 10.34 -1.25
N THR A 96 3.14 10.62 -0.71
CA THR A 96 2.90 11.76 0.20
C THR A 96 2.42 11.25 1.57
N TRP A 97 3.16 11.57 2.64
CA TRP A 97 2.79 11.18 4.02
C TRP A 97 1.95 12.29 4.69
N ASP A 98 0.87 11.86 5.37
CA ASP A 98 0.01 12.72 6.19
C ASP A 98 -0.51 11.92 7.41
N GLY A 99 0.26 11.98 8.52
CA GLY A 99 -0.06 11.29 9.77
C GLY A 99 0.10 9.78 9.68
N ASP A 100 -0.97 9.05 10.02
CA ASP A 100 -0.98 7.55 10.09
C ASP A 100 -1.38 6.96 8.73
N THR A 101 -1.59 7.86 7.77
CA THR A 101 -2.04 7.55 6.41
C THR A 101 -1.05 8.14 5.37
N VAL A 102 -0.65 7.31 4.41
CA VAL A 102 0.22 7.69 3.30
C VAL A 102 -0.55 7.52 1.97
N THR A 103 -0.57 8.58 1.17
CA THR A 103 -1.28 8.61 -0.10
C THR A 103 -0.25 8.63 -1.25
N VAL A 104 -0.37 7.63 -2.13
CA VAL A 104 0.58 7.35 -3.22
C VAL A 104 -0.15 7.41 -4.57
N GLU A 105 0.40 8.18 -5.52
CA GLU A 105 -0.16 8.28 -6.87
C GLU A 105 0.48 7.22 -7.77
N GLY A 106 -0.33 6.52 -8.57
CA GLY A 106 0.18 5.53 -9.52
C GLY A 106 -0.54 5.65 -10.87
N GLN A 107 -0.13 4.83 -11.85
CA GLN A 107 -0.70 4.84 -13.21
C GLN A 107 -0.60 3.44 -13.82
N LEU A 108 -1.68 2.98 -14.49
CA LEU A 108 -1.70 1.71 -15.25
C LEU A 108 -2.23 1.97 -16.67
N GLU A 109 -1.58 1.33 -17.64
CA GLU A 109 -1.92 1.47 -19.08
C GLU A 109 -3.09 0.55 -19.41
N GLY A 110 -2.82 -0.75 -19.23
CA GLY A 110 -3.80 -1.80 -19.47
C GLY A 110 -3.11 -3.14 -19.50
N VAL A 111 -3.40 -3.99 -18.48
CA VAL A 111 -2.76 -5.31 -18.32
C VAL A 111 -3.69 -6.42 -18.85
N ASP A 112 -3.13 -7.27 -19.73
CA ASP A 112 -3.86 -8.42 -20.30
C ASP A 112 -3.93 -9.57 -19.28
N LEU A 113 -4.86 -9.45 -18.32
CA LEU A 113 -5.06 -10.45 -17.27
C LEU A 113 -5.95 -11.58 -17.83
N GLU A 114 -5.29 -12.50 -18.55
CA GLU A 114 -5.92 -13.65 -19.23
C GLU A 114 -6.73 -14.53 -18.26
N HIS A 115 -6.19 -14.76 -17.05
CA HIS A 115 -6.79 -15.59 -15.99
C HIS A 115 -6.15 -15.20 -14.66
N HIS A 116 -6.97 -15.01 -13.62
CA HIS A 116 -6.48 -14.71 -12.26
C HIS A 116 -6.40 -16.02 -11.47
N HIS A 117 -5.32 -16.19 -10.68
CA HIS A 117 -5.05 -17.44 -9.93
C HIS A 117 -5.02 -17.14 -8.41
N HIS A 118 -5.09 -18.22 -7.59
CA HIS A 118 -5.17 -18.12 -6.12
C HIS A 118 -3.99 -17.28 -5.57
N HIS A 119 -4.32 -16.23 -4.79
CA HIS A 119 -3.30 -15.35 -4.17
C HIS A 119 -2.70 -16.03 -2.92
N HIS A 120 -1.38 -16.21 -2.91
CA HIS A 120 -0.66 -16.83 -1.79
C HIS A 120 0.24 -15.76 -1.12
N MET A 1 2.62 -15.87 8.27
CA MET A 1 1.98 -15.31 9.48
C MET A 1 1.95 -16.37 10.60
N SER A 2 2.87 -16.21 11.58
CA SER A 2 2.75 -16.79 12.94
C SER A 2 3.25 -15.79 14.01
N GLY A 3 3.38 -14.51 13.61
CA GLY A 3 4.09 -13.53 14.42
C GLY A 3 3.14 -12.68 15.28
N LYS A 4 3.30 -11.36 15.20
CA LYS A 4 2.39 -10.40 15.84
C LYS A 4 1.64 -9.58 14.77
N LYS A 5 0.40 -9.20 15.10
CA LYS A 5 -0.59 -8.74 14.13
C LYS A 5 -0.61 -7.20 14.13
N VAL A 6 -0.41 -6.63 12.95
CA VAL A 6 -0.79 -5.24 12.65
C VAL A 6 -1.84 -5.25 11.54
N GLU A 7 -2.76 -4.28 11.59
CA GLU A 7 -3.85 -4.17 10.60
C GLU A 7 -3.57 -2.97 9.67
N VAL A 8 -3.75 -3.21 8.37
CA VAL A 8 -3.51 -2.23 7.30
C VAL A 8 -4.78 -2.06 6.46
N GLN A 9 -5.30 -0.83 6.37
CA GLN A 9 -6.45 -0.52 5.51
C GLN A 9 -5.92 0.10 4.22
N VAL A 10 -6.27 -0.51 3.08
CA VAL A 10 -5.85 -0.03 1.75
C VAL A 10 -7.09 0.50 1.03
N LYS A 11 -7.09 1.81 0.73
CA LYS A 11 -8.19 2.49 0.03
C LYS A 11 -7.67 2.98 -1.33
N ILE A 12 -8.26 2.48 -2.43
CA ILE A 12 -7.82 2.87 -3.79
C ILE A 12 -9.02 3.34 -4.62
N THR A 13 -8.86 4.47 -5.30
CA THR A 13 -9.86 5.03 -6.22
C THR A 13 -9.39 4.82 -7.67
N CYS A 14 -10.23 4.12 -8.48
CA CYS A 14 -9.99 3.82 -9.90
C CYS A 14 -11.35 3.71 -10.61
N ASN A 15 -11.42 4.15 -11.91
CA ASN A 15 -12.66 4.10 -12.75
C ASN A 15 -13.83 4.89 -12.07
N GLY A 16 -13.49 5.91 -11.27
CA GLY A 16 -14.48 6.74 -10.59
C GLY A 16 -15.08 6.06 -9.35
N LYS A 17 -14.57 4.84 -9.06
CA LYS A 17 -15.04 4.00 -7.96
C LYS A 17 -13.93 3.86 -6.91
N THR A 18 -14.33 3.71 -5.65
CA THR A 18 -13.41 3.51 -4.53
C THR A 18 -13.55 2.08 -4.00
N TYR A 19 -12.42 1.39 -3.91
CA TYR A 19 -12.33 0.03 -3.42
C TYR A 19 -11.48 0.05 -2.15
N GLU A 20 -12.04 -0.39 -1.03
CA GLU A 20 -11.29 -0.44 0.23
C GLU A 20 -11.57 -1.71 1.01
N ARG A 21 -10.51 -2.18 1.67
CA ARG A 21 -10.51 -3.41 2.47
C ARG A 21 -9.42 -3.27 3.53
N THR A 22 -9.72 -3.71 4.75
CA THR A 22 -8.76 -3.76 5.84
C THR A 22 -8.19 -5.20 5.89
N TYR A 23 -6.86 -5.30 5.94
CA TYR A 23 -6.14 -6.59 5.95
C TYR A 23 -5.40 -6.77 7.28
N GLN A 24 -5.33 -8.00 7.75
CA GLN A 24 -4.53 -8.35 8.94
C GLN A 24 -3.18 -8.89 8.46
N LEU A 25 -2.12 -8.13 8.73
CA LEU A 25 -0.74 -8.45 8.34
C LEU A 25 0.03 -8.86 9.59
N TYR A 26 0.40 -10.13 9.69
CA TYR A 26 1.25 -10.65 10.77
C TYR A 26 2.72 -10.45 10.39
N ALA A 27 3.52 -9.98 11.36
CA ALA A 27 4.98 -10.03 11.28
C ALA A 27 5.59 -9.83 12.66
N VAL A 28 6.57 -10.67 12.99
CA VAL A 28 7.35 -10.60 14.24
C VAL A 28 8.73 -9.94 13.95
N ARG A 29 9.03 -9.77 12.64
CA ARG A 29 10.24 -9.08 12.15
C ARG A 29 9.80 -8.01 11.13
N ASP A 30 10.57 -6.91 11.01
CA ASP A 30 10.23 -5.80 10.08
C ASP A 30 10.23 -6.29 8.62
N GLU A 31 11.16 -7.19 8.31
CA GLU A 31 11.36 -7.77 6.97
C GLU A 31 10.13 -8.60 6.53
N GLU A 32 9.50 -9.31 7.50
CA GLU A 32 8.37 -10.22 7.23
C GLU A 32 7.16 -9.44 6.68
N LEU A 33 6.96 -8.21 7.18
CA LEU A 33 5.80 -7.37 6.80
C LEU A 33 5.94 -6.86 5.33
N LYS A 34 7.17 -6.47 4.94
CA LYS A 34 7.44 -5.73 3.67
C LYS A 34 6.86 -6.48 2.45
N GLU A 35 7.18 -7.79 2.33
CA GLU A 35 6.74 -8.66 1.22
C GLU A 35 5.21 -8.80 1.16
N LYS A 36 4.59 -8.74 2.34
CA LYS A 36 3.14 -8.90 2.50
C LYS A 36 2.42 -7.67 1.92
N LEU A 37 2.98 -6.48 2.18
CA LEU A 37 2.51 -5.21 1.59
C LEU A 37 2.68 -5.20 0.06
N LYS A 38 3.80 -5.76 -0.44
CA LYS A 38 4.02 -5.97 -1.89
C LYS A 38 2.91 -6.83 -2.50
N LYS A 39 2.57 -7.94 -1.81
CA LYS A 39 1.55 -8.88 -2.28
C LYS A 39 0.16 -8.22 -2.28
N VAL A 40 -0.21 -7.57 -1.17
CA VAL A 40 -1.54 -6.94 -1.01
C VAL A 40 -1.74 -5.80 -2.03
N LEU A 41 -0.73 -4.94 -2.20
CA LEU A 41 -0.77 -3.83 -3.18
C LEU A 41 -0.84 -4.37 -4.63
N ASN A 42 0.03 -5.35 -4.97
CA ASN A 42 0.05 -5.98 -6.32
C ASN A 42 -1.28 -6.68 -6.66
N GLU A 43 -1.83 -7.41 -5.68
CA GLU A 43 -3.13 -8.09 -5.81
C GLU A 43 -4.30 -7.08 -5.92
N ARG A 44 -4.22 -5.97 -5.17
CA ARG A 44 -5.25 -4.89 -5.25
C ARG A 44 -5.22 -4.26 -6.65
N MET A 45 -4.00 -4.12 -7.19
CA MET A 45 -3.75 -3.44 -8.48
C MET A 45 -3.97 -4.37 -9.67
N ASP A 46 -4.11 -5.68 -9.43
CA ASP A 46 -4.43 -6.68 -10.48
C ASP A 46 -5.79 -6.35 -11.18
N PRO A 47 -6.96 -6.24 -10.44
CA PRO A 47 -8.25 -5.86 -11.09
C PRO A 47 -8.23 -4.41 -11.63
N ILE A 48 -7.34 -3.57 -11.07
CA ILE A 48 -7.17 -2.15 -11.50
C ILE A 48 -6.64 -2.09 -12.95
N LYS A 49 -5.87 -3.11 -13.34
CA LYS A 49 -5.38 -3.29 -14.72
C LYS A 49 -6.54 -3.66 -15.65
N LYS A 50 -7.43 -4.55 -15.15
CA LYS A 50 -8.65 -4.96 -15.86
C LYS A 50 -9.59 -3.73 -16.01
N LEU A 51 -9.58 -2.84 -15.01
CA LEU A 51 -10.36 -1.58 -15.04
C LEU A 51 -9.68 -0.57 -15.98
N GLY A 52 -8.36 -0.74 -16.16
CA GLY A 52 -7.59 0.00 -17.15
C GLY A 52 -7.20 1.39 -16.68
N CYS A 53 -6.96 1.52 -15.37
CA CYS A 53 -6.50 2.79 -14.78
C CYS A 53 -4.98 2.91 -14.97
N LYS A 54 -4.53 4.03 -15.58
CA LYS A 54 -3.11 4.35 -15.81
C LYS A 54 -2.47 4.98 -14.55
N ARG A 55 -3.31 5.70 -13.79
CA ARG A 55 -2.92 6.42 -12.56
C ARG A 55 -4.07 6.31 -11.54
N VAL A 56 -3.74 6.02 -10.29
CA VAL A 56 -4.71 5.79 -9.21
C VAL A 56 -4.22 6.49 -7.94
N ARG A 57 -5.13 6.74 -6.99
CA ARG A 57 -4.79 7.29 -5.67
C ARG A 57 -5.04 6.21 -4.61
N ILE A 58 -4.01 5.89 -3.83
CA ILE A 58 -4.07 4.84 -2.79
C ILE A 58 -3.71 5.45 -1.41
N SER A 59 -4.65 5.36 -0.47
CA SER A 59 -4.46 5.83 0.91
C SER A 59 -4.38 4.60 1.83
N ILE A 60 -3.32 4.52 2.65
CA ILE A 60 -3.06 3.37 3.53
C ILE A 60 -3.01 3.84 4.99
N ARG A 61 -3.73 3.13 5.88
CA ARG A 61 -3.73 3.39 7.33
C ARG A 61 -3.31 2.12 8.08
N VAL A 62 -2.34 2.28 8.99
CA VAL A 62 -1.75 1.16 9.76
C VAL A 62 -2.23 1.24 11.22
N LYS A 63 -2.44 0.10 11.88
CA LYS A 63 -2.94 0.08 13.26
C LYS A 63 -1.74 0.33 14.18
N HIS A 64 -1.88 1.35 15.03
CA HIS A 64 -0.80 1.83 15.90
C HIS A 64 -0.91 1.17 17.27
N SER A 65 0.24 0.71 17.79
CA SER A 65 0.34 0.03 19.10
C SER A 65 -0.32 0.86 20.22
N ASP A 66 -0.10 2.18 20.19
CA ASP A 66 -0.61 3.14 21.20
C ASP A 66 -0.62 4.56 20.59
N ALA A 67 -1.28 5.51 21.31
CA ALA A 67 -1.39 6.91 20.90
C ALA A 67 -0.01 7.60 20.83
N ALA A 68 0.79 7.38 21.89
CA ALA A 68 2.19 7.87 21.96
C ALA A 68 3.08 7.19 20.90
N GLU A 69 2.80 5.91 20.62
CA GLU A 69 3.51 5.13 19.60
C GLU A 69 3.22 5.64 18.17
N GLU A 70 2.06 6.29 17.94
CA GLU A 70 1.55 6.64 16.58
C GLU A 70 2.61 7.31 15.66
N LYS A 71 3.39 8.22 16.25
CA LYS A 71 4.46 8.98 15.55
C LYS A 71 5.57 8.03 15.07
N LYS A 72 6.02 7.18 16.00
CA LYS A 72 7.09 6.19 15.78
C LYS A 72 6.60 5.09 14.82
N GLU A 73 5.32 4.71 14.97
CA GLU A 73 4.65 3.66 14.15
C GLU A 73 4.50 4.13 12.71
N ALA A 74 4.13 5.41 12.56
CA ALA A 74 4.00 6.04 11.24
C ALA A 74 5.35 6.08 10.50
N LYS A 75 6.40 6.51 11.22
CA LYS A 75 7.81 6.54 10.73
C LYS A 75 8.35 5.12 10.42
N LYS A 76 8.02 4.17 11.31
CA LYS A 76 8.38 2.74 11.21
C LYS A 76 7.83 2.15 9.92
N PHE A 77 6.52 2.35 9.77
CA PHE A 77 5.74 1.86 8.63
C PHE A 77 6.12 2.62 7.35
N ALA A 78 6.50 3.91 7.52
CA ALA A 78 7.02 4.74 6.42
C ALA A 78 8.29 4.15 5.82
N ALA A 79 9.20 3.67 6.70
CA ALA A 79 10.42 2.98 6.28
C ALA A 79 10.10 1.63 5.60
N ILE A 80 9.10 0.92 6.15
CA ILE A 80 8.59 -0.34 5.55
C ILE A 80 8.03 -0.07 4.14
N LEU A 81 7.13 0.95 4.01
CA LEU A 81 6.49 1.31 2.73
C LEU A 81 7.53 1.83 1.72
N ASN A 82 8.54 2.54 2.24
CA ASN A 82 9.63 3.13 1.44
C ASN A 82 10.31 2.05 0.57
N LYS A 83 10.51 0.88 1.19
CA LYS A 83 11.11 -0.29 0.53
C LYS A 83 10.08 -0.99 -0.39
N VAL A 84 8.81 -1.06 0.07
CA VAL A 84 7.73 -1.75 -0.66
C VAL A 84 7.43 -1.06 -2.00
N PHE A 85 7.22 0.27 -1.96
CA PHE A 85 6.91 1.08 -3.16
C PHE A 85 8.12 1.15 -4.10
N ALA A 86 9.34 1.11 -3.53
CA ALA A 86 10.60 1.00 -4.29
C ALA A 86 10.70 -0.36 -5.00
N GLU A 87 10.07 -1.39 -4.40
CA GLU A 87 9.99 -2.76 -4.98
C GLU A 87 8.89 -2.83 -6.07
N LEU A 88 7.97 -1.85 -6.07
CA LEU A 88 6.81 -1.80 -6.98
C LEU A 88 7.07 -0.84 -8.17
N GLY A 89 8.18 -0.08 -8.08
CA GLY A 89 8.57 0.86 -9.13
C GLY A 89 7.97 2.25 -8.99
N TYR A 90 7.53 2.62 -7.78
CA TYR A 90 6.88 3.92 -7.51
C TYR A 90 7.91 4.88 -6.88
N ASN A 91 7.76 6.17 -7.21
CA ASN A 91 8.67 7.23 -6.74
C ASN A 91 8.34 7.61 -5.28
N ASP A 92 9.40 7.87 -4.47
CA ASP A 92 9.27 8.26 -3.04
C ASP A 92 8.48 9.58 -2.88
N SER A 93 8.69 10.52 -3.81
CA SER A 93 8.00 11.84 -3.80
C SER A 93 6.47 11.69 -4.00
N ASN A 94 6.03 10.55 -4.57
CA ASN A 94 4.58 10.23 -4.75
C ASN A 94 3.94 9.74 -3.44
N VAL A 95 4.76 9.61 -2.39
CA VAL A 95 4.32 9.16 -1.05
C VAL A 95 4.24 10.37 -0.10
N THR A 96 3.03 10.66 0.43
CA THR A 96 2.81 11.78 1.36
C THR A 96 2.13 11.31 2.67
N TRP A 97 2.68 11.71 3.83
CA TRP A 97 2.10 11.42 5.17
C TRP A 97 1.37 12.66 5.73
N ASP A 98 0.14 12.45 6.23
CA ASP A 98 -0.71 13.50 6.83
C ASP A 98 -1.65 12.83 7.85
N GLY A 99 -1.36 13.04 9.15
CA GLY A 99 -2.21 12.52 10.24
C GLY A 99 -2.04 11.02 10.48
N ASP A 100 -0.77 10.56 10.52
CA ASP A 100 -0.39 9.13 10.67
C ASP A 100 -1.04 8.25 9.59
N THR A 101 -1.40 8.87 8.47
CA THR A 101 -2.07 8.23 7.35
C THR A 101 -1.33 8.64 6.08
N VAL A 102 -1.06 7.68 5.19
CA VAL A 102 -0.24 7.95 4.01
C VAL A 102 -1.12 7.86 2.75
N THR A 103 -0.97 8.85 1.88
CA THR A 103 -1.61 8.89 0.58
C THR A 103 -0.51 8.83 -0.48
N VAL A 104 -0.63 7.85 -1.39
CA VAL A 104 0.40 7.54 -2.40
C VAL A 104 -0.26 7.53 -3.77
N GLU A 105 0.40 8.17 -4.74
CA GLU A 105 -0.06 8.12 -6.12
C GLU A 105 0.64 6.94 -6.81
N GLY A 106 -0.18 6.06 -7.38
CA GLY A 106 0.27 4.82 -7.99
C GLY A 106 -0.01 4.85 -9.48
N GLN A 107 0.75 4.08 -10.25
CA GLN A 107 0.58 4.06 -11.70
C GLN A 107 0.72 2.62 -12.22
N LEU A 108 0.07 2.38 -13.37
CA LEU A 108 0.13 1.12 -14.10
C LEU A 108 0.61 1.37 -15.53
N GLU A 109 1.37 0.42 -16.06
CA GLU A 109 1.88 0.44 -17.45
C GLU A 109 0.86 -0.26 -18.37
N GLY A 110 0.01 -1.09 -17.77
CA GLY A 110 -1.01 -1.84 -18.48
C GLY A 110 -0.48 -3.15 -19.02
N VAL A 111 0.54 -3.03 -19.88
CA VAL A 111 1.23 -4.19 -20.49
C VAL A 111 2.38 -4.66 -19.55
N ASP A 112 2.82 -5.92 -19.75
CA ASP A 112 3.93 -6.51 -18.97
C ASP A 112 5.27 -5.81 -19.32
N LEU A 113 6.16 -5.69 -18.32
CA LEU A 113 7.51 -5.11 -18.48
C LEU A 113 8.49 -6.04 -19.23
N GLU A 114 8.21 -7.37 -19.28
CA GLU A 114 9.03 -8.32 -20.06
C GLU A 114 8.48 -8.46 -21.49
N HIS A 115 8.70 -9.63 -22.15
CA HIS A 115 8.18 -9.90 -23.52
C HIS A 115 6.64 -10.06 -23.46
N HIS A 116 5.93 -8.93 -23.27
CA HIS A 116 4.47 -8.93 -23.18
C HIS A 116 3.82 -9.63 -24.37
N HIS A 117 2.90 -10.54 -24.06
CA HIS A 117 2.11 -11.29 -25.06
C HIS A 117 0.82 -10.52 -25.34
N HIS A 118 0.45 -10.37 -26.61
CA HIS A 118 -0.80 -9.69 -26.98
C HIS A 118 -1.97 -10.66 -26.81
N HIS A 119 -2.61 -10.62 -25.63
CA HIS A 119 -3.74 -11.49 -25.29
C HIS A 119 -5.05 -10.95 -25.90
N HIS A 120 -5.91 -11.88 -26.31
CA HIS A 120 -7.20 -11.57 -26.95
C HIS A 120 -8.31 -12.27 -26.15
N MET A 1 5.13 -16.19 11.06
CA MET A 1 4.37 -16.11 12.33
C MET A 1 4.12 -14.66 12.70
N SER A 2 4.40 -14.33 13.97
CA SER A 2 4.54 -12.95 14.43
C SER A 2 4.65 -12.93 15.97
N GLY A 3 5.05 -11.77 16.52
CA GLY A 3 4.74 -11.41 17.89
C GLY A 3 3.38 -10.72 17.96
N LYS A 4 3.36 -9.43 17.63
CA LYS A 4 2.13 -8.63 17.60
C LYS A 4 1.55 -8.56 16.19
N LYS A 5 0.21 -8.39 16.11
CA LYS A 5 -0.52 -8.33 14.84
C LYS A 5 -0.78 -6.84 14.56
N VAL A 6 -0.68 -6.46 13.28
CA VAL A 6 -1.00 -5.12 12.79
C VAL A 6 -2.05 -5.20 11.65
N GLU A 7 -2.98 -4.21 11.63
CA GLU A 7 -4.01 -4.12 10.58
C GLU A 7 -3.63 -2.96 9.65
N VAL A 8 -3.70 -3.22 8.35
CA VAL A 8 -3.37 -2.27 7.29
C VAL A 8 -4.62 -2.12 6.38
N GLN A 9 -5.09 -0.87 6.24
CA GLN A 9 -6.24 -0.55 5.38
C GLN A 9 -5.72 0.06 4.07
N VAL A 10 -6.02 -0.58 2.92
CA VAL A 10 -5.58 -0.12 1.61
C VAL A 10 -6.83 0.33 0.81
N LYS A 11 -6.84 1.61 0.42
CA LYS A 11 -7.92 2.23 -0.35
C LYS A 11 -7.35 2.72 -1.68
N ILE A 12 -7.89 2.21 -2.81
CA ILE A 12 -7.45 2.63 -4.17
C ILE A 12 -8.64 3.09 -5.01
N THR A 13 -8.50 4.27 -5.61
CA THR A 13 -9.52 4.88 -6.47
C THR A 13 -9.10 4.74 -7.93
N CYS A 14 -9.96 4.12 -8.77
CA CYS A 14 -9.73 4.02 -10.21
C CYS A 14 -11.06 4.26 -10.97
N ASN A 15 -10.95 4.99 -12.10
CA ASN A 15 -12.06 5.30 -13.04
C ASN A 15 -13.02 6.32 -12.42
N GLY A 16 -13.77 5.89 -11.40
CA GLY A 16 -14.71 6.77 -10.70
C GLY A 16 -15.19 6.18 -9.39
N LYS A 17 -14.68 4.99 -9.05
CA LYS A 17 -15.11 4.20 -7.88
C LYS A 17 -13.91 3.92 -6.97
N THR A 18 -14.16 3.97 -5.66
CA THR A 18 -13.12 3.75 -4.64
C THR A 18 -13.26 2.31 -4.11
N TYR A 19 -12.15 1.57 -4.15
CA TYR A 19 -12.09 0.17 -3.72
C TYR A 19 -11.15 0.08 -2.52
N GLU A 20 -11.68 -0.34 -1.37
CA GLU A 20 -10.91 -0.42 -0.11
C GLU A 20 -11.17 -1.75 0.58
N ARG A 21 -10.14 -2.25 1.26
CA ARG A 21 -10.18 -3.50 2.00
C ARG A 21 -9.18 -3.38 3.17
N THR A 22 -9.58 -3.84 4.37
CA THR A 22 -8.68 -3.90 5.54
C THR A 22 -8.07 -5.30 5.66
N TYR A 23 -6.74 -5.36 5.82
CA TYR A 23 -5.97 -6.61 5.89
C TYR A 23 -5.36 -6.76 7.28
N GLN A 24 -5.28 -8.00 7.77
CA GLN A 24 -4.56 -8.33 8.99
C GLN A 24 -3.21 -8.93 8.59
N LEU A 25 -2.12 -8.25 8.95
CA LEU A 25 -0.75 -8.70 8.61
C LEU A 25 -0.09 -9.25 9.88
N TYR A 26 0.29 -10.54 9.83
CA TYR A 26 0.91 -11.23 10.95
C TYR A 26 2.34 -11.63 10.56
N ALA A 27 3.33 -10.87 11.04
CA ALA A 27 4.75 -11.08 10.68
C ALA A 27 5.64 -10.86 11.89
N VAL A 28 6.61 -11.77 12.06
CA VAL A 28 7.60 -11.71 13.13
C VAL A 28 8.60 -10.55 12.89
N ARG A 29 9.20 -10.57 11.69
CA ARG A 29 10.31 -9.67 11.30
C ARG A 29 9.77 -8.50 10.43
N ASP A 30 10.48 -7.35 10.46
CA ASP A 30 10.15 -6.16 9.63
C ASP A 30 10.16 -6.50 8.13
N GLU A 31 11.18 -7.29 7.72
CA GLU A 31 11.36 -7.73 6.32
C GLU A 31 10.20 -8.64 5.86
N GLU A 32 9.68 -9.47 6.78
CA GLU A 32 8.51 -10.31 6.51
C GLU A 32 7.25 -9.44 6.26
N LEU A 33 7.10 -8.35 7.03
CA LEU A 33 5.98 -7.40 6.83
C LEU A 33 6.11 -6.70 5.46
N LYS A 34 7.35 -6.32 5.07
CA LYS A 34 7.63 -5.57 3.81
C LYS A 34 7.09 -6.34 2.58
N GLU A 35 7.45 -7.62 2.48
CA GLU A 35 7.04 -8.49 1.36
C GLU A 35 5.53 -8.77 1.37
N LYS A 36 4.90 -8.74 2.57
CA LYS A 36 3.43 -8.91 2.71
C LYS A 36 2.68 -7.68 2.16
N LEU A 37 3.23 -6.48 2.42
CA LEU A 37 2.66 -5.22 1.88
C LEU A 37 2.76 -5.21 0.35
N LYS A 38 3.89 -5.73 -0.19
CA LYS A 38 4.06 -5.89 -1.64
C LYS A 38 2.98 -6.83 -2.23
N LYS A 39 2.70 -7.96 -1.53
CA LYS A 39 1.67 -8.94 -1.96
C LYS A 39 0.27 -8.28 -1.94
N VAL A 40 -0.04 -7.58 -0.83
CA VAL A 40 -1.32 -6.88 -0.65
C VAL A 40 -1.56 -5.81 -1.74
N LEU A 41 -0.52 -5.00 -2.02
CA LEU A 41 -0.56 -3.96 -3.06
C LEU A 41 -0.74 -4.58 -4.46
N ASN A 42 0.00 -5.66 -4.78
CA ASN A 42 -0.11 -6.39 -6.07
C ASN A 42 -1.50 -7.06 -6.25
N GLU A 43 -2.02 -7.69 -5.17
CA GLU A 43 -3.35 -8.35 -5.19
C GLU A 43 -4.48 -7.32 -5.34
N ARG A 44 -4.33 -6.16 -4.66
CA ARG A 44 -5.28 -5.03 -4.80
C ARG A 44 -5.25 -4.45 -6.21
N MET A 45 -4.06 -4.43 -6.83
CA MET A 45 -3.85 -3.85 -8.16
C MET A 45 -4.27 -4.81 -9.28
N ASP A 46 -4.36 -6.12 -8.95
CA ASP A 46 -4.74 -7.14 -9.94
C ASP A 46 -6.13 -6.83 -10.60
N PRO A 47 -7.27 -6.70 -9.83
CA PRO A 47 -8.57 -6.36 -10.45
C PRO A 47 -8.62 -4.91 -10.99
N ILE A 48 -7.80 -4.01 -10.39
CA ILE A 48 -7.77 -2.57 -10.76
C ILE A 48 -7.18 -2.35 -12.18
N LYS A 49 -6.20 -3.20 -12.55
CA LYS A 49 -5.57 -3.15 -13.87
C LYS A 49 -6.57 -3.63 -14.96
N LYS A 50 -7.34 -4.67 -14.59
CA LYS A 50 -8.43 -5.22 -15.40
C LYS A 50 -9.53 -4.16 -15.63
N LEU A 51 -9.74 -3.25 -14.64
CA LEU A 51 -10.76 -2.18 -14.72
C LEU A 51 -10.26 -1.07 -15.66
N GLY A 52 -8.98 -0.74 -15.52
CA GLY A 52 -8.31 0.19 -16.44
C GLY A 52 -8.36 1.63 -15.97
N CYS A 53 -7.19 2.28 -15.96
CA CYS A 53 -7.03 3.70 -15.59
C CYS A 53 -5.70 4.21 -16.16
N LYS A 54 -5.52 5.54 -16.22
CA LYS A 54 -4.24 6.13 -16.65
C LYS A 54 -3.29 6.23 -15.44
N ARG A 55 -3.87 6.52 -14.27
CA ARG A 55 -3.17 6.57 -12.99
C ARG A 55 -4.13 6.18 -11.86
N VAL A 56 -3.58 5.78 -10.71
CA VAL A 56 -4.36 5.35 -9.54
C VAL A 56 -3.83 6.04 -8.27
N ARG A 57 -4.71 6.25 -7.28
CA ARG A 57 -4.34 6.85 -6.00
C ARG A 57 -4.64 5.82 -4.89
N ILE A 58 -3.64 5.56 -4.06
CA ILE A 58 -3.71 4.53 -3.01
C ILE A 58 -3.43 5.22 -1.67
N SER A 59 -4.34 5.04 -0.71
CA SER A 59 -4.22 5.56 0.64
C SER A 59 -4.09 4.35 1.57
N ILE A 60 -3.05 4.34 2.41
CA ILE A 60 -2.78 3.24 3.33
C ILE A 60 -2.79 3.78 4.76
N ARG A 61 -3.54 3.12 5.65
CA ARG A 61 -3.56 3.45 7.07
C ARG A 61 -3.14 2.21 7.87
N VAL A 62 -2.23 2.38 8.80
CA VAL A 62 -1.69 1.27 9.60
C VAL A 62 -2.31 1.38 11.01
N LYS A 63 -2.50 0.23 11.67
CA LYS A 63 -3.13 0.22 12.99
C LYS A 63 -2.06 0.50 14.05
N HIS A 64 -2.35 1.49 14.90
CA HIS A 64 -1.41 1.96 15.91
C HIS A 64 -1.82 1.39 17.27
N SER A 65 -0.81 1.05 18.10
CA SER A 65 -1.00 0.39 19.40
C SER A 65 -1.71 1.32 20.40
N ASP A 66 -1.20 2.55 20.51
CA ASP A 66 -1.66 3.55 21.50
C ASP A 66 -1.33 4.94 20.95
N ALA A 67 -1.84 6.00 21.60
CA ALA A 67 -1.61 7.41 21.20
C ALA A 67 -0.14 7.83 21.30
N ALA A 68 0.58 7.30 22.30
CA ALA A 68 2.04 7.51 22.45
C ALA A 68 2.83 6.71 21.40
N GLU A 69 2.38 5.46 21.18
CA GLU A 69 3.11 4.48 20.34
C GLU A 69 3.07 4.89 18.86
N GLU A 70 1.93 5.44 18.44
CA GLU A 70 1.64 5.75 17.03
C GLU A 70 2.67 6.66 16.35
N LYS A 71 3.38 7.47 17.14
CA LYS A 71 4.40 8.40 16.62
C LYS A 71 5.60 7.60 16.06
N LYS A 72 6.09 6.66 16.89
CA LYS A 72 7.22 5.78 16.56
C LYS A 72 6.80 4.75 15.49
N GLU A 73 5.56 4.24 15.61
CA GLU A 73 5.03 3.21 14.68
C GLU A 73 4.77 3.78 13.27
N ALA A 74 4.28 5.03 13.18
CA ALA A 74 4.06 5.69 11.88
C ALA A 74 5.41 5.93 11.16
N LYS A 75 6.41 6.45 11.91
CA LYS A 75 7.78 6.65 11.40
C LYS A 75 8.39 5.29 10.96
N LYS A 76 8.20 4.26 11.81
CA LYS A 76 8.73 2.91 11.59
C LYS A 76 8.11 2.31 10.32
N PHE A 77 6.76 2.39 10.20
CA PHE A 77 5.99 1.85 9.06
C PHE A 77 6.29 2.66 7.79
N ALA A 78 6.58 3.96 7.95
CA ALA A 78 6.97 4.84 6.84
C ALA A 78 8.24 4.30 6.17
N ALA A 79 9.20 3.86 7.00
CA ALA A 79 10.44 3.23 6.55
C ALA A 79 10.15 1.88 5.84
N ILE A 80 9.21 1.10 6.41
CA ILE A 80 8.71 -0.17 5.83
C ILE A 80 8.15 0.06 4.40
N LEU A 81 7.25 1.06 4.28
CA LEU A 81 6.57 1.40 3.02
C LEU A 81 7.56 1.99 1.98
N ASN A 82 8.57 2.72 2.48
CA ASN A 82 9.64 3.32 1.63
C ASN A 82 10.38 2.24 0.82
N LYS A 83 10.61 1.08 1.46
CA LYS A 83 11.25 -0.08 0.83
C LYS A 83 10.28 -0.79 -0.13
N VAL A 84 9.00 -0.89 0.29
CA VAL A 84 7.94 -1.59 -0.43
C VAL A 84 7.63 -0.90 -1.78
N PHE A 85 7.31 0.40 -1.71
CA PHE A 85 6.94 1.20 -2.90
C PHE A 85 8.12 1.35 -3.87
N ALA A 86 9.34 1.48 -3.32
CA ALA A 86 10.58 1.59 -4.11
C ALA A 86 10.85 0.30 -4.91
N GLU A 87 10.41 -0.85 -4.35
CA GLU A 87 10.56 -2.18 -4.98
C GLU A 87 9.43 -2.47 -5.99
N LEU A 88 8.35 -1.66 -5.97
CA LEU A 88 7.16 -1.88 -6.83
C LEU A 88 7.14 -0.90 -8.03
N GLY A 89 8.05 0.10 -8.02
CA GLY A 89 8.19 1.04 -9.13
C GLY A 89 7.50 2.38 -8.89
N TYR A 90 7.21 2.66 -7.62
CA TYR A 90 6.58 3.92 -7.17
C TYR A 90 7.70 4.88 -6.75
N ASN A 91 7.59 6.14 -7.16
CA ASN A 91 8.59 7.19 -6.85
C ASN A 91 8.33 7.82 -5.46
N ASP A 92 9.43 8.13 -4.73
CA ASP A 92 9.37 8.72 -3.37
C ASP A 92 8.45 9.96 -3.30
N SER A 93 8.58 10.85 -4.31
CA SER A 93 7.83 12.12 -4.40
C SER A 93 6.31 11.88 -4.57
N ASN A 94 5.97 10.73 -5.17
CA ASN A 94 4.58 10.29 -5.37
C ASN A 94 3.95 9.82 -4.05
N VAL A 95 4.79 9.75 -3.00
CA VAL A 95 4.39 9.30 -1.65
C VAL A 95 4.27 10.54 -0.73
N THR A 96 3.07 10.80 -0.19
CA THR A 96 2.83 11.95 0.72
C THR A 96 2.18 11.49 2.03
N TRP A 97 2.73 11.92 3.18
CA TRP A 97 2.18 11.63 4.51
C TRP A 97 1.42 12.85 5.07
N ASP A 98 0.18 12.61 5.54
CA ASP A 98 -0.69 13.62 6.15
C ASP A 98 -1.64 12.95 7.16
N GLY A 99 -1.37 13.16 8.46
CA GLY A 99 -2.22 12.65 9.55
C GLY A 99 -2.06 11.16 9.78
N ASP A 100 -0.78 10.72 9.93
CA ASP A 100 -0.33 9.30 10.09
C ASP A 100 -0.91 8.35 9.01
N THR A 101 -1.30 8.95 7.88
CA THR A 101 -1.93 8.29 6.74
C THR A 101 -1.14 8.65 5.48
N VAL A 102 -0.84 7.68 4.61
CA VAL A 102 0.02 7.92 3.44
C VAL A 102 -0.85 7.82 2.16
N THR A 103 -0.74 8.83 1.32
CA THR A 103 -1.40 8.88 0.01
C THR A 103 -0.31 8.76 -1.07
N VAL A 104 -0.42 7.73 -1.91
CA VAL A 104 0.59 7.39 -2.92
C VAL A 104 -0.10 7.33 -4.29
N GLU A 105 0.47 8.02 -5.28
CA GLU A 105 -0.07 8.00 -6.65
C GLU A 105 0.94 7.33 -7.58
N GLY A 106 0.44 6.61 -8.57
CA GLY A 106 1.29 5.95 -9.57
C GLY A 106 0.50 5.66 -10.83
N GLN A 107 1.21 5.21 -11.89
CA GLN A 107 0.59 4.88 -13.18
C GLN A 107 0.07 3.44 -13.11
N LEU A 108 -1.15 3.22 -13.64
CA LEU A 108 -1.82 1.89 -13.64
C LEU A 108 -1.11 0.95 -14.65
N GLU A 109 -0.78 -0.27 -14.18
CA GLU A 109 -0.15 -1.35 -14.99
C GLU A 109 1.34 -1.02 -15.22
N GLY A 110 1.60 0.05 -16.01
CA GLY A 110 2.96 0.52 -16.26
C GLY A 110 3.47 1.38 -15.12
N VAL A 111 3.65 0.74 -13.94
CA VAL A 111 4.07 1.40 -12.69
C VAL A 111 5.57 1.83 -12.74
N ASP A 112 5.81 2.99 -13.38
CA ASP A 112 7.13 3.61 -13.53
C ASP A 112 6.96 5.01 -14.11
N LEU A 113 7.95 5.89 -13.90
CA LEU A 113 8.00 7.23 -14.50
C LEU A 113 9.07 7.26 -15.63
N GLU A 114 10.08 6.38 -15.50
CA GLU A 114 11.18 6.25 -16.48
C GLU A 114 10.91 5.16 -17.53
N HIS A 115 10.04 5.49 -18.49
CA HIS A 115 9.65 4.56 -19.58
C HIS A 115 10.66 4.68 -20.75
N HIS A 116 11.88 4.19 -20.51
CA HIS A 116 12.95 4.17 -21.53
C HIS A 116 12.75 3.07 -22.58
N HIS A 117 12.94 3.44 -23.86
CA HIS A 117 12.79 2.54 -25.01
C HIS A 117 13.94 2.79 -26.00
N HIS A 118 15.17 2.48 -25.55
CA HIS A 118 16.40 2.69 -26.33
C HIS A 118 16.79 1.38 -27.04
N HIS A 119 17.04 1.46 -28.36
CA HIS A 119 17.44 0.29 -29.17
C HIS A 119 18.74 -0.30 -28.60
N HIS A 120 18.69 -1.60 -28.19
CA HIS A 120 19.84 -2.34 -27.63
C HIS A 120 20.45 -1.54 -26.44
N MET A 1 11.40 -7.89 18.05
CA MET A 1 11.11 -8.70 16.85
C MET A 1 10.56 -10.09 17.28
N SER A 2 9.36 -10.09 17.88
CA SER A 2 8.75 -11.27 18.51
C SER A 2 7.53 -11.74 17.69
N GLY A 3 6.52 -10.88 17.66
CA GLY A 3 5.28 -11.11 16.94
C GLY A 3 4.31 -10.00 17.22
N LYS A 4 3.97 -9.22 16.17
CA LYS A 4 2.97 -8.16 16.25
C LYS A 4 2.05 -8.18 15.03
N LYS A 5 0.77 -7.84 15.28
CA LYS A 5 -0.25 -7.77 14.25
C LYS A 5 -0.53 -6.28 14.02
N VAL A 6 -0.34 -5.81 12.78
CA VAL A 6 -0.78 -4.48 12.34
C VAL A 6 -1.81 -4.65 11.21
N GLU A 7 -2.84 -3.79 11.20
CA GLU A 7 -3.89 -3.81 10.18
C GLU A 7 -3.62 -2.68 9.18
N VAL A 8 -3.76 -3.03 7.89
CA VAL A 8 -3.50 -2.14 6.76
C VAL A 8 -4.81 -1.94 5.96
N GLN A 9 -5.25 -0.68 5.86
CA GLN A 9 -6.42 -0.29 5.09
C GLN A 9 -5.94 0.35 3.79
N VAL A 10 -6.26 -0.29 2.65
CA VAL A 10 -5.87 0.21 1.32
C VAL A 10 -7.14 0.62 0.57
N LYS A 11 -7.18 1.89 0.13
CA LYS A 11 -8.30 2.46 -0.63
C LYS A 11 -7.77 2.97 -1.98
N ILE A 12 -8.28 2.43 -3.11
CA ILE A 12 -7.79 2.80 -4.45
C ILE A 12 -8.95 3.21 -5.38
N THR A 13 -8.77 4.33 -6.09
CA THR A 13 -9.73 4.82 -7.08
C THR A 13 -9.18 4.56 -8.49
N CYS A 14 -10.02 3.98 -9.34
CA CYS A 14 -9.66 3.55 -10.69
C CYS A 14 -10.90 3.51 -11.57
N ASN A 15 -10.84 4.24 -12.71
CA ASN A 15 -11.91 4.30 -13.74
C ASN A 15 -13.04 5.24 -13.26
N GLY A 16 -13.71 4.84 -12.18
CA GLY A 16 -14.74 5.63 -11.51
C GLY A 16 -15.40 4.84 -10.39
N LYS A 17 -14.75 3.73 -10.00
CA LYS A 17 -15.11 2.91 -8.84
C LYS A 17 -13.93 2.87 -7.86
N THR A 18 -14.25 2.96 -6.57
CA THR A 18 -13.25 2.94 -5.50
C THR A 18 -13.35 1.61 -4.75
N TYR A 19 -12.21 0.95 -4.57
CA TYR A 19 -12.10 -0.37 -3.94
C TYR A 19 -11.25 -0.20 -2.69
N GLU A 20 -11.77 -0.65 -1.55
CA GLU A 20 -11.08 -0.58 -0.26
C GLU A 20 -11.23 -1.89 0.51
N ARG A 21 -10.16 -2.26 1.20
CA ARG A 21 -10.07 -3.50 1.96
C ARG A 21 -9.05 -3.32 3.08
N THR A 22 -9.41 -3.78 4.27
CA THR A 22 -8.53 -3.81 5.44
C THR A 22 -7.98 -5.23 5.63
N TYR A 23 -6.66 -5.34 5.82
CA TYR A 23 -5.94 -6.62 5.98
C TYR A 23 -5.28 -6.69 7.37
N GLN A 24 -5.20 -7.90 7.94
CA GLN A 24 -4.47 -8.16 9.18
C GLN A 24 -3.12 -8.81 8.83
N LEU A 25 -2.01 -8.13 9.18
CA LEU A 25 -0.65 -8.59 8.91
C LEU A 25 0.07 -8.87 10.24
N TYR A 26 0.18 -10.15 10.61
CA TYR A 26 0.98 -10.60 11.76
C TYR A 26 2.37 -11.03 11.30
N ALA A 27 3.42 -10.43 11.87
CA ALA A 27 4.82 -10.65 11.44
C ALA A 27 5.75 -10.74 12.65
N VAL A 28 6.85 -11.49 12.48
CA VAL A 28 7.91 -11.60 13.48
C VAL A 28 9.05 -10.61 13.16
N ARG A 29 9.36 -10.53 11.85
CA ARG A 29 10.46 -9.71 11.32
C ARG A 29 9.89 -8.58 10.44
N ASP A 30 10.63 -7.46 10.42
CA ASP A 30 10.29 -6.27 9.60
C ASP A 30 10.21 -6.62 8.10
N GLU A 31 11.15 -7.49 7.66
CA GLU A 31 11.21 -7.99 6.26
C GLU A 31 9.98 -8.84 5.91
N GLU A 32 9.45 -9.59 6.89
CA GLU A 32 8.26 -10.43 6.69
C GLU A 32 7.03 -9.55 6.41
N LEU A 33 6.93 -8.43 7.15
CA LEU A 33 5.85 -7.43 6.98
C LEU A 33 5.97 -6.72 5.61
N LYS A 34 7.21 -6.40 5.17
CA LYS A 34 7.49 -5.68 3.90
C LYS A 34 6.90 -6.43 2.68
N GLU A 35 7.23 -7.74 2.58
CA GLU A 35 6.71 -8.59 1.49
C GLU A 35 5.19 -8.75 1.56
N LYS A 36 4.62 -8.72 2.80
CA LYS A 36 3.16 -8.78 3.03
C LYS A 36 2.46 -7.53 2.47
N LEU A 37 3.11 -6.36 2.70
CA LEU A 37 2.63 -5.06 2.18
C LEU A 37 2.60 -5.09 0.66
N LYS A 38 3.66 -5.68 0.05
CA LYS A 38 3.76 -5.89 -1.42
C LYS A 38 2.59 -6.75 -1.97
N LYS A 39 2.25 -7.86 -1.26
CA LYS A 39 1.16 -8.79 -1.68
C LYS A 39 -0.20 -8.05 -1.64
N VAL A 40 -0.41 -7.29 -0.54
CA VAL A 40 -1.62 -6.48 -0.32
C VAL A 40 -1.80 -5.42 -1.43
N LEU A 41 -0.73 -4.68 -1.72
CA LEU A 41 -0.74 -3.61 -2.74
C LEU A 41 -0.98 -4.18 -4.14
N ASN A 42 -0.32 -5.31 -4.47
CA ASN A 42 -0.53 -6.00 -5.76
C ASN A 42 -1.94 -6.60 -5.85
N GLU A 43 -2.45 -7.13 -4.72
CA GLU A 43 -3.79 -7.75 -4.65
C GLU A 43 -4.90 -6.73 -4.98
N ARG A 44 -4.76 -5.52 -4.43
CA ARG A 44 -5.70 -4.41 -4.68
C ARG A 44 -5.64 -3.92 -6.14
N MET A 45 -4.54 -4.29 -6.84
CA MET A 45 -4.36 -3.95 -8.28
C MET A 45 -4.93 -5.02 -9.22
N ASP A 46 -5.34 -6.19 -8.70
CA ASP A 46 -5.86 -7.30 -9.53
C ASP A 46 -7.07 -6.85 -10.41
N PRO A 47 -8.20 -6.26 -9.84
CA PRO A 47 -9.35 -5.75 -10.66
C PRO A 47 -9.02 -4.46 -11.42
N ILE A 48 -7.97 -3.76 -10.95
CA ILE A 48 -7.60 -2.40 -11.41
C ILE A 48 -7.13 -2.46 -12.88
N LYS A 49 -6.46 -3.57 -13.23
CA LYS A 49 -5.91 -3.79 -14.58
C LYS A 49 -7.04 -3.98 -15.60
N LYS A 50 -8.10 -4.72 -15.20
CA LYS A 50 -9.32 -4.91 -16.02
C LYS A 50 -10.07 -3.57 -16.22
N LEU A 51 -9.97 -2.67 -15.23
CA LEU A 51 -10.71 -1.40 -15.25
C LEU A 51 -10.03 -0.44 -16.25
N GLY A 52 -8.71 -0.62 -16.41
CA GLY A 52 -7.96 -0.02 -17.51
C GLY A 52 -7.52 1.41 -17.26
N CYS A 53 -7.67 1.89 -16.02
CA CYS A 53 -7.16 3.20 -15.59
C CYS A 53 -5.62 3.25 -15.71
N LYS A 54 -5.09 4.27 -16.41
CA LYS A 54 -3.64 4.48 -16.58
C LYS A 54 -2.99 4.88 -15.25
N ARG A 55 -3.59 5.90 -14.60
CA ARG A 55 -3.11 6.44 -13.33
C ARG A 55 -4.12 6.11 -12.24
N VAL A 56 -3.62 5.82 -11.02
CA VAL A 56 -4.44 5.41 -9.87
C VAL A 56 -4.00 6.18 -8.62
N ARG A 57 -4.93 6.36 -7.68
CA ARG A 57 -4.64 7.00 -6.39
C ARG A 57 -4.94 6.00 -5.28
N ILE A 58 -3.94 5.73 -4.44
CA ILE A 58 -4.00 4.72 -3.38
C ILE A 58 -3.75 5.42 -2.05
N SER A 59 -4.58 5.10 -1.05
CA SER A 59 -4.42 5.56 0.31
C SER A 59 -4.20 4.34 1.19
N ILE A 60 -3.11 4.36 1.96
CA ILE A 60 -2.75 3.30 2.87
C ILE A 60 -2.72 3.85 4.29
N ARG A 61 -3.59 3.31 5.15
CA ARG A 61 -3.63 3.69 6.57
C ARG A 61 -3.14 2.52 7.40
N VAL A 62 -2.30 2.80 8.38
CA VAL A 62 -1.70 1.78 9.25
C VAL A 62 -2.42 1.85 10.60
N LYS A 63 -2.75 0.70 11.21
CA LYS A 63 -3.47 0.69 12.50
C LYS A 63 -2.47 0.77 13.66
N HIS A 64 -2.79 1.64 14.61
CA HIS A 64 -2.00 1.85 15.82
C HIS A 64 -2.78 1.33 17.03
N SER A 65 -2.11 0.55 17.89
CA SER A 65 -2.72 -0.14 19.04
C SER A 65 -2.70 0.73 20.30
N ASP A 66 -1.53 1.33 20.59
CA ASP A 66 -1.30 2.11 21.82
C ASP A 66 -1.56 3.63 21.56
N ALA A 67 -0.47 4.45 21.51
CA ALA A 67 -0.52 5.91 21.27
C ALA A 67 0.91 6.46 21.43
N ALA A 68 1.43 6.36 22.67
CA ALA A 68 2.72 6.97 23.05
C ALA A 68 3.87 6.35 22.24
N GLU A 69 3.92 5.01 22.25
CA GLU A 69 4.90 4.24 21.48
C GLU A 69 4.61 4.34 19.98
N GLU A 70 3.31 4.44 19.64
CA GLU A 70 2.84 4.42 18.24
C GLU A 70 3.40 5.60 17.42
N LYS A 71 3.75 6.71 18.11
CA LYS A 71 4.40 7.88 17.46
C LYS A 71 5.74 7.44 16.83
N LYS A 72 6.49 6.64 17.60
CA LYS A 72 7.76 6.02 17.17
C LYS A 72 7.51 4.92 16.12
N GLU A 73 6.45 4.13 16.33
CA GLU A 73 6.07 3.02 15.43
C GLU A 73 5.65 3.51 14.03
N ALA A 74 5.01 4.69 13.93
CA ALA A 74 4.67 5.31 12.63
C ALA A 74 5.94 5.67 11.86
N LYS A 75 6.94 6.23 12.58
CA LYS A 75 8.27 6.57 12.03
C LYS A 75 8.96 5.29 11.51
N LYS A 76 8.83 4.20 12.29
CA LYS A 76 9.39 2.88 11.96
C LYS A 76 8.71 2.32 10.69
N PHE A 77 7.37 2.36 10.69
CA PHE A 77 6.52 1.79 9.63
C PHE A 77 6.62 2.65 8.34
N ALA A 78 6.84 3.97 8.52
CA ALA A 78 7.02 4.91 7.40
C ALA A 78 8.20 4.49 6.52
N ALA A 79 9.31 4.09 7.18
CA ALA A 79 10.48 3.52 6.50
C ALA A 79 10.15 2.21 5.77
N ILE A 80 9.31 1.37 6.42
CA ILE A 80 8.87 0.08 5.88
C ILE A 80 8.05 0.26 4.60
N LEU A 81 7.05 1.16 4.66
CA LEU A 81 6.16 1.44 3.53
C LEU A 81 6.93 2.11 2.39
N ASN A 82 7.79 3.09 2.75
CA ASN A 82 8.60 3.89 1.79
C ASN A 82 9.57 2.99 1.00
N LYS A 83 10.14 1.98 1.68
CA LYS A 83 11.00 0.96 1.06
C LYS A 83 10.19 0.06 0.12
N VAL A 84 8.97 -0.33 0.54
CA VAL A 84 8.07 -1.18 -0.27
C VAL A 84 7.66 -0.43 -1.56
N PHE A 85 7.37 0.87 -1.40
CA PHE A 85 6.99 1.76 -2.51
C PHE A 85 8.12 1.81 -3.55
N ALA A 86 9.37 1.97 -3.07
CA ALA A 86 10.57 1.99 -3.93
C ALA A 86 10.83 0.62 -4.59
N GLU A 87 10.47 -0.46 -3.85
CA GLU A 87 10.65 -1.86 -4.31
C GLU A 87 9.61 -2.23 -5.38
N LEU A 88 8.47 -1.48 -5.42
CA LEU A 88 7.34 -1.74 -6.33
C LEU A 88 7.38 -0.78 -7.54
N GLY A 89 8.26 0.24 -7.46
CA GLY A 89 8.47 1.19 -8.58
C GLY A 89 7.66 2.48 -8.47
N TYR A 90 7.25 2.83 -7.24
CA TYR A 90 6.51 4.08 -6.96
C TYR A 90 7.51 5.24 -6.72
N ASN A 91 7.22 6.41 -7.28
CA ASN A 91 8.05 7.63 -7.12
C ASN A 91 7.80 8.32 -5.77
N ASP A 92 8.90 8.49 -5.01
CA ASP A 92 8.90 9.11 -3.68
C ASP A 92 8.13 10.44 -3.68
N SER A 93 8.26 11.17 -4.80
CA SER A 93 7.54 12.43 -5.08
C SER A 93 6.01 12.28 -5.07
N ASN A 94 5.51 11.15 -5.60
CA ASN A 94 4.05 10.85 -5.62
C ASN A 94 3.60 10.19 -4.30
N VAL A 95 4.49 10.13 -3.30
CA VAL A 95 4.19 9.58 -1.97
C VAL A 95 4.08 10.76 -0.98
N THR A 96 2.89 10.95 -0.39
CA THR A 96 2.62 12.02 0.58
C THR A 96 2.20 11.43 1.93
N TRP A 97 2.98 11.73 2.98
CA TRP A 97 2.67 11.32 4.35
C TRP A 97 1.89 12.39 5.10
N ASP A 98 0.83 11.94 5.79
CA ASP A 98 0.03 12.75 6.69
C ASP A 98 -0.40 11.83 7.85
N GLY A 99 0.43 11.87 8.92
CA GLY A 99 0.24 11.11 10.18
C GLY A 99 0.31 9.59 10.03
N ASP A 100 -0.81 8.94 10.36
CA ASP A 100 -1.02 7.50 10.31
C ASP A 100 -1.45 7.00 8.91
N THR A 101 -1.55 7.93 7.94
CA THR A 101 -2.05 7.65 6.57
C THR A 101 -1.07 8.20 5.51
N VAL A 102 -0.72 7.36 4.51
CA VAL A 102 0.11 7.77 3.37
C VAL A 102 -0.68 7.61 2.05
N THR A 103 -0.61 8.67 1.22
CA THR A 103 -1.30 8.75 -0.07
C THR A 103 -0.25 8.63 -1.20
N VAL A 104 -0.39 7.57 -2.02
CA VAL A 104 0.55 7.26 -3.11
C VAL A 104 -0.20 7.30 -4.44
N GLU A 105 0.32 8.08 -5.39
CA GLU A 105 -0.20 8.13 -6.75
C GLU A 105 0.76 7.30 -7.64
N GLY A 106 0.19 6.39 -8.43
CA GLY A 106 0.98 5.52 -9.31
C GLY A 106 0.31 5.33 -10.66
N GLN A 107 0.97 4.57 -11.53
CA GLN A 107 0.49 4.29 -12.90
C GLN A 107 0.76 2.80 -13.26
N LEU A 108 -0.22 2.19 -13.97
CA LEU A 108 -0.15 0.79 -14.41
C LEU A 108 0.87 0.67 -15.55
N GLU A 109 1.88 -0.21 -15.36
CA GLU A 109 3.14 -0.30 -16.16
C GLU A 109 4.03 0.98 -16.11
N GLY A 110 3.70 1.92 -15.21
CA GLY A 110 4.55 3.07 -14.92
C GLY A 110 5.49 2.71 -13.79
N VAL A 111 4.94 1.88 -12.87
CA VAL A 111 5.68 1.24 -11.76
C VAL A 111 6.49 0.02 -12.28
N ASP A 112 6.79 -0.96 -11.40
CA ASP A 112 7.53 -2.19 -11.77
C ASP A 112 6.81 -2.97 -12.90
N LEU A 113 7.49 -3.09 -14.06
CA LEU A 113 6.94 -3.72 -15.27
C LEU A 113 6.79 -5.24 -15.02
N GLU A 114 5.73 -5.81 -15.62
CA GLU A 114 5.45 -7.24 -15.58
C GLU A 114 5.65 -7.89 -16.96
N HIS A 115 5.70 -9.23 -16.98
CA HIS A 115 5.94 -10.02 -18.22
C HIS A 115 4.75 -9.90 -19.17
N HIS A 116 3.56 -9.58 -18.59
CA HIS A 116 2.31 -9.39 -19.35
C HIS A 116 2.09 -7.88 -19.53
N HIS A 117 1.80 -7.49 -20.79
CA HIS A 117 1.47 -6.11 -21.15
C HIS A 117 0.05 -5.74 -20.70
N HIS A 118 0.01 -4.73 -19.81
CA HIS A 118 -1.23 -4.23 -19.21
C HIS A 118 -1.49 -2.81 -19.78
N HIS A 119 -2.64 -2.21 -19.50
CA HIS A 119 -2.98 -0.85 -19.99
C HIS A 119 -1.93 0.20 -19.51
N HIS A 120 -1.55 1.10 -20.43
CA HIS A 120 -0.59 2.19 -20.20
C HIS A 120 -0.60 3.12 -21.44
N MET A 1 1.07 -15.17 7.54
CA MET A 1 0.99 -14.74 8.97
C MET A 1 2.06 -15.43 9.81
N SER A 2 2.33 -14.90 11.01
CA SER A 2 3.52 -15.22 11.80
C SER A 2 3.37 -14.69 13.25
N GLY A 3 3.95 -13.51 13.48
CA GLY A 3 3.91 -12.83 14.79
C GLY A 3 3.23 -11.49 14.68
N LYS A 4 3.86 -10.49 15.29
CA LYS A 4 3.21 -9.25 15.76
C LYS A 4 2.22 -8.75 14.71
N LYS A 5 1.10 -8.21 15.21
CA LYS A 5 -0.08 -7.93 14.40
C LYS A 5 -0.06 -6.44 14.03
N VAL A 6 -0.35 -6.14 12.76
CA VAL A 6 -0.64 -4.77 12.29
C VAL A 6 -1.75 -4.89 11.23
N GLU A 7 -2.64 -3.90 11.20
CA GLU A 7 -3.68 -3.82 10.18
C GLU A 7 -3.31 -2.71 9.19
N VAL A 8 -3.54 -3.01 7.90
CA VAL A 8 -3.28 -2.12 6.78
C VAL A 8 -4.59 -1.87 6.03
N GLN A 9 -5.01 -0.60 6.01
CA GLN A 9 -6.26 -0.19 5.36
C GLN A 9 -5.92 0.51 4.04
N VAL A 10 -6.39 -0.08 2.94
CA VAL A 10 -6.05 0.36 1.59
C VAL A 10 -7.32 0.87 0.90
N LYS A 11 -7.30 2.16 0.50
CA LYS A 11 -8.38 2.78 -0.27
C LYS A 11 -7.79 3.24 -1.61
N ILE A 12 -8.33 2.72 -2.71
CA ILE A 12 -7.88 3.07 -4.07
C ILE A 12 -9.07 3.54 -4.92
N THR A 13 -8.85 4.57 -5.73
CA THR A 13 -9.84 5.08 -6.68
C THR A 13 -9.43 4.70 -8.11
N CYS A 14 -10.35 4.05 -8.82
CA CYS A 14 -10.17 3.61 -10.19
C CYS A 14 -11.54 3.58 -10.90
N ASN A 15 -11.57 4.13 -12.13
CA ASN A 15 -12.77 4.19 -13.01
C ASN A 15 -13.90 5.01 -12.34
N GLY A 16 -13.51 6.01 -11.53
CA GLY A 16 -14.44 6.87 -10.80
C GLY A 16 -15.09 6.19 -9.60
N LYS A 17 -14.70 4.93 -9.32
CA LYS A 17 -15.27 4.09 -8.25
C LYS A 17 -14.27 4.00 -7.07
N THR A 18 -14.79 3.76 -5.86
CA THR A 18 -13.97 3.59 -4.65
C THR A 18 -13.86 2.09 -4.31
N TYR A 19 -12.63 1.58 -4.28
CA TYR A 19 -12.34 0.19 -3.84
C TYR A 19 -11.50 0.27 -2.57
N GLU A 20 -12.09 -0.12 -1.42
CA GLU A 20 -11.46 0.02 -0.11
C GLU A 20 -11.61 -1.29 0.68
N ARG A 21 -10.51 -1.71 1.33
CA ARG A 21 -10.46 -2.96 2.10
C ARG A 21 -9.41 -2.85 3.21
N THR A 22 -9.77 -3.35 4.41
CA THR A 22 -8.84 -3.45 5.55
C THR A 22 -8.25 -4.89 5.61
N TYR A 23 -6.92 -4.98 5.71
CA TYR A 23 -6.18 -6.25 5.69
C TYR A 23 -5.52 -6.47 7.06
N GLN A 24 -5.57 -7.70 7.56
CA GLN A 24 -4.85 -8.10 8.78
C GLN A 24 -3.53 -8.76 8.35
N LEU A 25 -2.40 -8.14 8.75
CA LEU A 25 -1.04 -8.69 8.53
C LEU A 25 -0.44 -9.08 9.89
N TYR A 26 0.11 -10.29 9.97
CA TYR A 26 0.59 -10.89 11.23
C TYR A 26 2.02 -11.41 11.02
N ALA A 27 3.00 -10.63 11.46
CA ALA A 27 4.42 -10.83 11.10
C ALA A 27 5.30 -10.50 12.31
N VAL A 28 6.25 -11.41 12.58
CA VAL A 28 7.23 -11.25 13.66
C VAL A 28 8.18 -10.09 13.33
N ARG A 29 8.75 -10.14 12.12
CA ARG A 29 9.74 -9.15 11.65
C ARG A 29 9.11 -8.14 10.69
N ASP A 30 9.73 -6.95 10.69
CA ASP A 30 9.40 -5.82 9.81
C ASP A 30 9.60 -6.20 8.32
N GLU A 31 10.68 -6.99 8.06
CA GLU A 31 11.01 -7.51 6.72
C GLU A 31 9.97 -8.53 6.24
N GLU A 32 9.44 -9.32 7.17
CA GLU A 32 8.37 -10.28 6.90
C GLU A 32 7.09 -9.53 6.49
N LEU A 33 6.87 -8.37 7.15
CA LEU A 33 5.75 -7.47 6.85
C LEU A 33 5.93 -6.81 5.45
N LYS A 34 7.20 -6.46 5.08
CA LYS A 34 7.49 -5.76 3.81
C LYS A 34 6.96 -6.54 2.59
N GLU A 35 7.32 -7.83 2.53
CA GLU A 35 6.86 -8.73 1.46
C GLU A 35 5.33 -8.92 1.48
N LYS A 36 4.73 -8.90 2.69
CA LYS A 36 3.27 -9.03 2.87
C LYS A 36 2.55 -7.79 2.32
N LEU A 37 3.17 -6.61 2.52
CA LEU A 37 2.68 -5.34 1.94
C LEU A 37 2.69 -5.41 0.40
N LYS A 38 3.76 -6.01 -0.18
CA LYS A 38 3.86 -6.27 -1.62
C LYS A 38 2.71 -7.18 -2.10
N LYS A 39 2.41 -8.24 -1.30
CA LYS A 39 1.34 -9.22 -1.62
C LYS A 39 -0.02 -8.49 -1.64
N VAL A 40 -0.27 -7.69 -0.59
CA VAL A 40 -1.51 -6.89 -0.42
C VAL A 40 -1.69 -5.84 -1.54
N LEU A 41 -0.60 -5.13 -1.88
CA LEU A 41 -0.59 -4.18 -2.99
C LEU A 41 -0.86 -4.90 -4.32
N ASN A 42 -0.16 -6.02 -4.60
CA ASN A 42 -0.33 -6.80 -5.84
C ASN A 42 -1.76 -7.35 -5.98
N GLU A 43 -2.33 -7.91 -4.89
CA GLU A 43 -3.69 -8.48 -4.90
C GLU A 43 -4.73 -7.37 -5.13
N ARG A 44 -4.51 -6.21 -4.49
CA ARG A 44 -5.38 -5.02 -4.65
C ARG A 44 -5.34 -4.49 -6.10
N MET A 45 -4.13 -4.46 -6.71
CA MET A 45 -3.93 -3.82 -8.02
C MET A 45 -4.16 -4.79 -9.19
N ASP A 46 -4.21 -6.12 -8.93
CA ASP A 46 -4.50 -7.11 -10.00
C ASP A 46 -5.83 -6.78 -10.74
N PRO A 47 -7.01 -6.62 -10.03
CA PRO A 47 -8.29 -6.29 -10.71
C PRO A 47 -8.30 -4.87 -11.29
N ILE A 48 -7.45 -3.99 -10.72
CA ILE A 48 -7.33 -2.57 -11.14
C ILE A 48 -6.71 -2.46 -12.54
N LYS A 49 -5.82 -3.43 -12.89
CA LYS A 49 -5.25 -3.53 -14.24
C LYS A 49 -6.35 -3.98 -15.23
N LYS A 50 -7.18 -4.93 -14.79
CA LYS A 50 -8.35 -5.40 -15.58
C LYS A 50 -9.36 -4.25 -15.78
N LEU A 51 -9.46 -3.36 -14.77
CA LEU A 51 -10.38 -2.20 -14.83
C LEU A 51 -9.79 -1.14 -15.77
N GLY A 52 -8.45 -1.17 -15.91
CA GLY A 52 -7.72 -0.42 -16.93
C GLY A 52 -7.54 1.03 -16.57
N CYS A 53 -7.12 1.25 -15.32
CA CYS A 53 -6.75 2.58 -14.83
C CYS A 53 -5.25 2.82 -15.08
N LYS A 54 -4.98 3.88 -15.86
CA LYS A 54 -3.62 4.34 -16.18
C LYS A 54 -2.97 5.00 -14.96
N ARG A 55 -3.61 6.06 -14.44
CA ARG A 55 -3.19 6.74 -13.19
C ARG A 55 -4.12 6.29 -12.05
N VAL A 56 -3.53 5.93 -10.90
CA VAL A 56 -4.28 5.41 -9.74
C VAL A 56 -3.83 6.17 -8.47
N ARG A 57 -4.74 6.30 -7.50
CA ARG A 57 -4.45 6.89 -6.19
C ARG A 57 -4.71 5.86 -5.10
N ILE A 58 -3.70 5.58 -4.28
CA ILE A 58 -3.78 4.58 -3.20
C ILE A 58 -3.48 5.27 -1.86
N SER A 59 -4.40 5.16 -0.90
CA SER A 59 -4.23 5.69 0.46
C SER A 59 -4.13 4.50 1.42
N ILE A 60 -3.04 4.48 2.22
CA ILE A 60 -2.77 3.41 3.19
C ILE A 60 -2.72 3.99 4.61
N ARG A 61 -3.57 3.45 5.49
CA ARG A 61 -3.58 3.78 6.92
C ARG A 61 -3.13 2.55 7.69
N VAL A 62 -2.16 2.71 8.62
CA VAL A 62 -1.58 1.59 9.37
C VAL A 62 -2.07 1.68 10.83
N LYS A 63 -2.40 0.52 11.42
CA LYS A 63 -2.97 0.45 12.77
C LYS A 63 -1.80 0.26 13.75
N HIS A 64 -1.79 1.10 14.78
CA HIS A 64 -0.90 1.00 15.93
C HIS A 64 -1.72 0.78 17.20
N SER A 65 -1.23 -0.09 18.08
CA SER A 65 -1.92 -0.49 19.32
C SER A 65 -1.62 0.51 20.46
N ASP A 66 -0.32 0.78 20.68
CA ASP A 66 0.13 1.64 21.80
C ASP A 66 0.04 3.12 21.38
N ALA A 67 -0.82 3.87 22.10
CA ALA A 67 -1.11 5.29 21.81
C ALA A 67 0.13 6.20 21.95
N ALA A 68 1.04 5.85 22.87
CA ALA A 68 2.30 6.61 23.09
C ALA A 68 3.31 6.28 21.99
N GLU A 69 3.54 4.97 21.74
CA GLU A 69 4.59 4.49 20.83
C GLU A 69 4.27 4.81 19.36
N GLU A 70 2.96 4.84 19.05
CA GLU A 70 2.41 4.91 17.67
C GLU A 70 3.02 6.03 16.81
N LYS A 71 3.44 7.12 17.46
CA LYS A 71 4.08 8.26 16.82
C LYS A 71 5.44 7.86 16.22
N LYS A 72 6.26 7.13 17.02
CA LYS A 72 7.59 6.64 16.57
C LYS A 72 7.40 5.46 15.59
N GLU A 73 6.40 4.63 15.89
CA GLU A 73 6.08 3.41 15.13
C GLU A 73 5.55 3.75 13.72
N ALA A 74 4.83 4.89 13.60
CA ALA A 74 4.36 5.43 12.32
C ALA A 74 5.54 5.81 11.40
N LYS A 75 6.54 6.52 11.97
CA LYS A 75 7.80 6.85 11.25
C LYS A 75 8.59 5.58 10.89
N LYS A 76 8.58 4.62 11.81
CA LYS A 76 9.27 3.33 11.63
C LYS A 76 8.62 2.57 10.46
N PHE A 77 7.27 2.51 10.47
CA PHE A 77 6.47 1.84 9.43
C PHE A 77 6.53 2.65 8.13
N ALA A 78 6.67 3.98 8.25
CA ALA A 78 6.75 4.90 7.11
C ALA A 78 7.92 4.49 6.20
N ALA A 79 9.05 4.13 6.83
CA ALA A 79 10.25 3.61 6.14
C ALA A 79 9.90 2.31 5.41
N ILE A 80 9.08 1.46 6.07
CA ILE A 80 8.67 0.14 5.57
C ILE A 80 7.87 0.26 4.27
N LEU A 81 6.84 1.12 4.29
CA LEU A 81 5.95 1.36 3.14
C LEU A 81 6.73 2.01 2.00
N ASN A 82 7.56 3.02 2.36
CA ASN A 82 8.34 3.82 1.38
C ASN A 82 9.31 2.90 0.60
N LYS A 83 9.93 1.93 1.32
CA LYS A 83 10.86 0.96 0.73
C LYS A 83 10.12 0.00 -0.21
N VAL A 84 8.92 -0.45 0.21
CA VAL A 84 8.08 -1.38 -0.56
C VAL A 84 7.61 -0.74 -1.87
N PHE A 85 7.19 0.52 -1.78
CA PHE A 85 6.74 1.31 -2.93
C PHE A 85 7.90 1.50 -3.92
N ALA A 86 9.10 1.77 -3.38
CA ALA A 86 10.35 1.90 -4.18
C ALA A 86 10.75 0.56 -4.83
N GLU A 87 10.43 -0.55 -4.14
CA GLU A 87 10.70 -1.92 -4.62
C GLU A 87 9.70 -2.34 -5.70
N LEU A 88 8.52 -1.68 -5.74
CA LEU A 88 7.40 -2.04 -6.64
C LEU A 88 7.36 -1.11 -7.88
N GLY A 89 8.22 -0.07 -7.88
CA GLY A 89 8.38 0.82 -9.04
C GLY A 89 7.66 2.16 -8.92
N TYR A 90 7.36 2.55 -7.68
CA TYR A 90 6.73 3.84 -7.34
C TYR A 90 7.84 4.80 -6.86
N ASN A 91 7.70 6.10 -7.14
CA ASN A 91 8.68 7.13 -6.70
C ASN A 91 8.30 7.69 -5.32
N ASP A 92 9.18 8.57 -4.80
CA ASP A 92 8.99 9.28 -3.52
C ASP A 92 8.16 10.56 -3.70
N SER A 93 8.34 11.21 -4.86
CA SER A 93 7.69 12.49 -5.20
C SER A 93 6.15 12.44 -5.06
N ASN A 94 5.53 11.33 -5.53
CA ASN A 94 4.05 11.18 -5.50
C ASN A 94 3.57 10.44 -4.22
N VAL A 95 4.44 10.41 -3.18
CA VAL A 95 4.10 9.86 -1.86
C VAL A 95 3.93 11.04 -0.89
N THR A 96 2.72 11.18 -0.31
CA THR A 96 2.41 12.25 0.67
C THR A 96 2.03 11.61 2.01
N TRP A 97 2.87 11.84 3.05
CA TRP A 97 2.60 11.36 4.42
C TRP A 97 1.86 12.43 5.25
N ASP A 98 0.83 11.95 5.94
CA ASP A 98 0.00 12.69 6.89
C ASP A 98 -0.30 11.74 8.06
N GLY A 99 0.61 11.77 9.06
CA GLY A 99 0.46 11.00 10.28
C GLY A 99 0.54 9.49 10.03
N ASP A 100 -0.54 8.76 10.36
CA ASP A 100 -0.62 7.27 10.22
C ASP A 100 -1.14 6.88 8.83
N THR A 101 -1.38 7.87 7.97
CA THR A 101 -2.01 7.68 6.65
C THR A 101 -1.11 8.26 5.54
N VAL A 102 -0.84 7.48 4.49
CA VAL A 102 -0.04 7.96 3.36
C VAL A 102 -0.89 7.84 2.08
N THR A 103 -0.86 8.88 1.25
CA THR A 103 -1.54 8.89 -0.05
C THR A 103 -0.45 8.88 -1.15
N VAL A 104 -0.51 7.85 -1.99
CA VAL A 104 0.51 7.54 -3.00
C VAL A 104 -0.17 7.46 -4.37
N GLU A 105 0.35 8.21 -5.35
CA GLU A 105 -0.13 8.16 -6.74
C GLU A 105 0.96 7.61 -7.63
N GLY A 106 0.54 6.88 -8.67
CA GLY A 106 1.47 6.36 -9.66
C GLY A 106 0.76 5.77 -10.85
N GLN A 107 1.52 5.42 -11.89
CA GLN A 107 0.98 4.80 -13.10
C GLN A 107 0.85 3.29 -12.88
N LEU A 108 -0.30 2.73 -13.27
CA LEU A 108 -0.49 1.29 -13.33
C LEU A 108 -0.46 0.88 -14.80
N GLU A 109 0.48 -0.06 -15.11
CA GLU A 109 0.81 -0.57 -16.48
C GLU A 109 1.00 0.55 -17.54
N GLY A 110 -0.11 1.20 -17.92
CA GLY A 110 -0.17 2.18 -19.00
C GLY A 110 -1.38 1.92 -19.87
N VAL A 111 -2.22 0.97 -19.42
CA VAL A 111 -3.57 0.73 -19.96
C VAL A 111 -4.61 1.75 -19.41
N ASP A 112 -5.36 2.33 -20.35
CA ASP A 112 -6.37 3.37 -20.10
C ASP A 112 -7.60 3.07 -20.95
N LEU A 113 -8.60 2.44 -20.30
CA LEU A 113 -9.86 2.05 -20.93
C LEU A 113 -10.87 3.21 -20.84
N GLU A 114 -10.80 4.11 -21.85
CA GLU A 114 -11.64 5.31 -21.94
C GLU A 114 -13.09 4.99 -22.40
N HIS A 115 -13.23 4.02 -23.33
CA HIS A 115 -14.54 3.67 -23.93
C HIS A 115 -14.77 2.15 -23.82
N HIS A 116 -13.68 1.37 -23.96
CA HIS A 116 -13.71 -0.09 -23.84
C HIS A 116 -13.59 -0.51 -22.36
N HIS A 117 -14.64 -0.18 -21.57
CA HIS A 117 -14.67 -0.36 -20.09
C HIS A 117 -14.87 -1.83 -19.67
N HIS A 118 -14.16 -2.24 -18.62
CA HIS A 118 -14.22 -3.60 -18.07
C HIS A 118 -15.63 -3.87 -17.49
N HIS A 119 -16.17 -5.07 -17.82
CA HIS A 119 -17.50 -5.52 -17.37
C HIS A 119 -17.52 -5.73 -15.84
N HIS A 120 -18.73 -5.88 -15.28
CA HIS A 120 -18.92 -6.09 -13.82
C HIS A 120 -18.31 -7.44 -13.40
#